data_7NOV
#
_entry.id   7NOV
#
_cell.length_a   92.256
_cell.length_b   144.416
_cell.length_c   97.347
_cell.angle_alpha   90.000
_cell.angle_beta   117.750
_cell.angle_gamma   90.000
#
_symmetry.space_group_name_H-M   'P 1 21 1'
#
loop_
_entity.id
_entity.type
_entity.pdbx_description
1 polymer 'Ornithine carbamoyltransferase'
2 non-polymer (4-methyl-3-nitro-phenyl)-oxidanyl-oxidanylidene-boron
3 non-polymer 'PHOSPHATE ION'
4 water water
#
_entity_poly.entity_id   1
_entity_poly.type   'polypeptide(L)'
_entity_poly.pdbx_seq_one_letter_code
;GSVIRHFLRDDDLSPAEQAEVLELAAELKKDPVSRRPLQGPRGVAVIFDKNSTRTRFSFELGIAQLGGHAVVVDSGSTQL
GRDETLQDTAKVLSRYVDAIVWRTFGQERLDAMASVATVPVINALSDEFHPCQVLADLQTIAERKGALRGLRLSYFGDGA
NNMAHSLLLGGVTAGIHVTVAAPEGFLPDPSVRAAAERRAQDTGASVTVTADAHAAAAGADVLVTDTWTSMGQENDGLDR
VKPFRPFQLNSRLLALADSDAIVLHCLPAHRGDEITDAVMDGPASAVWDEAENRLHAQKALLVWLLERS
;
_entity_poly.pdbx_strand_id   A,B,C,D,E,F
#
loop_
_chem_comp.id
_chem_comp.type
_chem_comp.name
_chem_comp.formula
PO4 non-polymer 'PHOSPHATE ION' 'O4 P -3'
UK2 non-polymer (4-methyl-3-nitro-phenyl)-oxidanyl-oxidanylidene-boron 'C7 H8 B N O4'
#
# COMPACT_ATOMS: atom_id res chain seq x y z
N SER A 2 -14.68 -19.59 -17.68
CA SER A 2 -15.40 -19.93 -16.45
C SER A 2 -16.81 -19.37 -16.48
N VAL A 3 -17.74 -20.09 -15.85
CA VAL A 3 -19.09 -19.59 -15.63
C VAL A 3 -19.04 -18.46 -14.62
N ILE A 4 -19.73 -17.36 -14.91
CA ILE A 4 -19.84 -16.26 -13.96
C ILE A 4 -20.86 -16.64 -12.90
N ARG A 5 -20.46 -16.62 -11.63
CA ARG A 5 -21.39 -16.97 -10.57
C ARG A 5 -22.10 -15.73 -10.03
N HIS A 6 -23.36 -15.90 -9.62
CA HIS A 6 -24.13 -14.83 -8.98
C HIS A 6 -24.68 -15.32 -7.66
N PHE A 7 -25.13 -14.38 -6.82
CA PHE A 7 -25.73 -14.74 -5.54
C PHE A 7 -26.96 -13.86 -5.41
N LEU A 8 -28.08 -14.37 -5.91
CA LEU A 8 -29.34 -13.63 -5.91
C LEU A 8 -30.32 -14.10 -4.86
N ARG A 9 -30.15 -15.34 -4.39
CA ARG A 9 -30.98 -15.97 -3.37
C ARG A 9 -30.14 -17.07 -2.74
N ASP A 10 -30.53 -17.50 -1.54
CA ASP A 10 -29.66 -18.30 -0.66
C ASP A 10 -29.25 -19.62 -1.30
N ASP A 11 -30.18 -20.26 -2.03
CA ASP A 11 -29.88 -21.56 -2.64
C ASP A 11 -29.10 -21.43 -3.94
N ASP A 12 -28.63 -20.24 -4.31
CA ASP A 12 -27.66 -20.15 -5.39
C ASP A 12 -26.34 -20.82 -5.02
N LEU A 13 -26.07 -21.00 -3.72
CA LEU A 13 -24.94 -21.83 -3.28
C LEU A 13 -25.46 -23.22 -2.92
N SER A 14 -24.75 -24.27 -3.37
CA SER A 14 -25.03 -25.63 -2.91
C SER A 14 -24.64 -25.75 -1.44
N PRO A 15 -25.04 -26.83 -0.75
CA PRO A 15 -24.56 -27.03 0.64
C PRO A 15 -23.04 -26.98 0.79
N ALA A 16 -22.30 -27.61 -0.12
CA ALA A 16 -20.84 -27.59 -0.02
C ALA A 16 -20.28 -26.19 -0.28
N GLU A 17 -20.87 -25.46 -1.23
CA GLU A 17 -20.40 -24.10 -1.52
C GLU A 17 -20.71 -23.16 -0.36
N GLN A 18 -21.90 -23.30 0.26
CA GLN A 18 -22.20 -22.46 1.42
C GLN A 18 -21.22 -22.69 2.57
N ALA A 19 -20.86 -23.95 2.82
CA ALA A 19 -19.88 -24.27 3.85
C ALA A 19 -18.54 -23.60 3.55
N GLU A 20 -18.11 -23.62 2.27
CA GLU A 20 -16.87 -22.92 1.89
C GLU A 20 -16.96 -21.43 2.19
N VAL A 21 -18.07 -20.78 1.82
CA VAL A 21 -18.21 -19.35 2.09
C VAL A 21 -18.22 -19.07 3.59
N LEU A 22 -18.91 -19.90 4.37
CA LEU A 22 -18.95 -19.66 5.82
C LEU A 22 -17.58 -19.88 6.46
N GLU A 23 -16.83 -20.88 6.00
CA GLU A 23 -15.48 -21.06 6.52
C GLU A 23 -14.60 -19.87 6.16
N LEU A 24 -14.75 -19.34 4.94
CA LEU A 24 -14.02 -18.14 4.56
C LEU A 24 -14.43 -16.94 5.40
N ALA A 25 -15.71 -16.85 5.81
CA ALA A 25 -16.11 -15.72 6.66
C ALA A 25 -15.43 -15.78 8.03
N ALA A 26 -15.26 -16.98 8.58
CA ALA A 26 -14.56 -17.11 9.85
C ALA A 26 -13.08 -16.76 9.70
N GLU A 27 -12.46 -17.15 8.59
CA GLU A 27 -11.06 -16.82 8.34
C GLU A 27 -10.87 -15.31 8.19
N LEU A 28 -11.81 -14.64 7.52
CA LEU A 28 -11.69 -13.20 7.31
C LEU A 28 -11.95 -12.41 8.58
N LYS A 29 -12.85 -12.89 9.45
CA LYS A 29 -13.03 -12.25 10.75
C LYS A 29 -11.73 -12.26 11.53
N LYS A 30 -10.95 -13.34 11.42
CA LYS A 30 -9.69 -13.43 12.16
C LYS A 30 -8.57 -12.61 11.50
N ASP A 31 -8.55 -12.54 10.17
CA ASP A 31 -7.49 -11.88 9.39
C ASP A 31 -8.15 -11.02 8.32
N PRO A 32 -8.66 -9.84 8.70
CA PRO A 32 -9.56 -9.10 7.81
C PRO A 32 -8.89 -8.40 6.62
N VAL A 33 -7.56 -8.31 6.53
CA VAL A 33 -6.96 -7.75 5.33
C VAL A 33 -6.08 -8.76 4.59
N SER A 34 -6.32 -10.06 4.84
CA SER A 34 -5.49 -11.11 4.28
C SER A 34 -5.91 -11.52 2.88
N ARG A 35 -7.09 -11.11 2.41
CA ARG A 35 -7.58 -11.42 1.07
C ARG A 35 -7.74 -10.12 0.29
N ARG A 36 -6.98 -9.96 -0.80
CA ARG A 36 -6.98 -8.70 -1.56
C ARG A 36 -7.21 -8.95 -3.05
N PRO A 37 -8.33 -9.60 -3.41
CA PRO A 37 -8.61 -9.82 -4.83
C PRO A 37 -8.94 -8.54 -5.60
N LEU A 38 -9.28 -7.46 -4.90
CA LEU A 38 -9.62 -6.19 -5.54
C LEU A 38 -8.50 -5.15 -5.42
N GLN A 39 -7.29 -5.59 -5.06
CA GLN A 39 -6.16 -4.68 -4.94
C GLN A 39 -5.92 -3.91 -6.23
N GLY A 40 -5.65 -2.61 -6.10
CA GLY A 40 -5.48 -1.79 -7.28
C GLY A 40 -5.59 -0.31 -6.99
N PRO A 41 -6.80 0.16 -6.65
CA PRO A 41 -8.04 -0.58 -6.41
C PRO A 41 -8.82 -0.91 -7.69
N ARG A 42 -9.46 -2.06 -7.67
CA ARG A 42 -10.43 -2.42 -8.72
C ARG A 42 -11.78 -1.95 -8.15
N GLY A 43 -12.70 -1.63 -9.03
CA GLY A 43 -14.01 -1.13 -8.60
C GLY A 43 -15.02 -2.23 -8.31
N VAL A 44 -15.98 -1.92 -7.44
CA VAL A 44 -17.21 -2.69 -7.27
C VAL A 44 -18.37 -1.69 -7.25
N ALA A 45 -19.37 -1.90 -8.09
CA ALA A 45 -20.53 -1.00 -8.08
C ALA A 45 -21.47 -1.42 -6.95
N VAL A 46 -21.96 -0.45 -6.19
CA VAL A 46 -22.94 -0.75 -5.13
C VAL A 46 -24.16 0.14 -5.40
N ILE A 47 -25.24 -0.45 -5.90
CA ILE A 47 -26.33 0.29 -6.51
C ILE A 47 -27.59 0.13 -5.66
N PHE A 48 -28.29 1.24 -5.42
CA PHE A 48 -29.48 1.23 -4.56
C PHE A 48 -30.68 1.79 -5.32
N ASP A 49 -31.68 0.95 -5.57
CA ASP A 49 -32.97 1.48 -6.03
C ASP A 49 -33.72 2.15 -4.89
N LYS A 50 -33.38 1.82 -3.66
CA LYS A 50 -33.93 2.43 -2.47
C LYS A 50 -32.81 2.40 -1.44
N ASN A 51 -32.49 3.55 -0.88
CA ASN A 51 -31.30 3.65 -0.05
C ASN A 51 -31.41 2.80 1.21
N SER A 52 -30.28 2.23 1.62
CA SER A 52 -30.17 1.43 2.83
C SER A 52 -28.81 1.74 3.44
N THR A 53 -28.81 2.58 4.49
CA THR A 53 -27.55 3.04 5.05
C THR A 53 -26.71 1.89 5.61
N ARG A 54 -27.35 0.93 6.30
CA ARG A 54 -26.60 -0.18 6.88
C ARG A 54 -26.02 -1.08 5.81
N THR A 55 -26.78 -1.34 4.74
CA THR A 55 -26.23 -2.12 3.62
C THR A 55 -25.04 -1.39 2.99
N ARG A 56 -25.18 -0.10 2.73
CA ARG A 56 -24.08 0.64 2.09
C ARG A 56 -22.85 0.65 2.98
N PHE A 57 -23.05 0.94 4.27
CA PHE A 57 -22.00 0.95 5.29
C PHE A 57 -21.15 -0.31 5.24
N SER A 58 -21.79 -1.46 5.41
CA SER A 58 -21.07 -2.73 5.50
C SER A 58 -20.34 -3.07 4.20
N PHE A 59 -20.99 -2.88 3.04
CA PHE A 59 -20.31 -3.20 1.79
C PHE A 59 -19.18 -2.23 1.50
N GLU A 60 -19.43 -0.93 1.73
CA GLU A 60 -18.39 0.06 1.46
C GLU A 60 -17.09 -0.26 2.19
N LEU A 61 -17.17 -0.58 3.48
CA LEU A 61 -15.95 -0.92 4.27
C LEU A 61 -15.40 -2.28 3.83
N GLY A 62 -16.28 -3.28 3.63
CA GLY A 62 -15.80 -4.60 3.27
C GLY A 62 -15.04 -4.59 1.96
N ILE A 63 -15.58 -3.91 0.94
CA ILE A 63 -14.89 -3.82 -0.35
C ILE A 63 -13.53 -3.15 -0.20
N ALA A 64 -13.45 -2.07 0.60
CA ALA A 64 -12.17 -1.41 0.81
C ALA A 64 -11.16 -2.35 1.46
N GLN A 65 -11.62 -3.20 2.39
CA GLN A 65 -10.72 -4.11 3.10
C GLN A 65 -10.27 -5.27 2.20
N LEU A 66 -10.96 -5.51 1.08
CA LEU A 66 -10.51 -6.41 0.03
C LEU A 66 -9.56 -5.72 -0.95
N GLY A 67 -9.21 -4.46 -0.70
CA GLY A 67 -8.33 -3.69 -1.56
C GLY A 67 -9.06 -2.87 -2.61
N GLY A 68 -10.39 -2.97 -2.66
CA GLY A 68 -11.16 -2.35 -3.72
C GLY A 68 -11.64 -0.94 -3.40
N HIS A 69 -12.40 -0.38 -4.35
CA HIS A 69 -13.05 0.92 -4.17
C HIS A 69 -14.52 0.74 -4.51
N ALA A 70 -15.38 0.90 -3.52
CA ALA A 70 -16.82 0.81 -3.77
C ALA A 70 -17.29 2.11 -4.43
N VAL A 71 -17.97 1.99 -5.55
CA VAL A 71 -18.62 3.14 -6.16
C VAL A 71 -20.11 3.01 -5.87
N VAL A 72 -20.62 3.92 -5.04
CA VAL A 72 -21.99 3.88 -4.56
C VAL A 72 -22.86 4.71 -5.49
N VAL A 73 -23.98 4.16 -5.91
CA VAL A 73 -24.94 4.83 -6.79
C VAL A 73 -26.29 4.71 -6.08
N ASP A 74 -26.77 5.80 -5.50
CA ASP A 74 -28.00 5.52 -4.76
C ASP A 74 -29.19 6.08 -5.52
N SER A 75 -30.35 6.12 -4.84
CA SER A 75 -31.62 6.22 -5.55
C SER A 75 -31.84 7.59 -6.16
N ARG A 82 -35.18 3.53 -16.36
CA ARG A 82 -35.44 4.95 -16.57
C ARG A 82 -34.72 5.44 -17.82
N ASP A 83 -33.59 6.13 -17.64
CA ASP A 83 -32.82 6.62 -18.77
C ASP A 83 -32.08 5.52 -19.53
N GLU A 84 -32.27 4.24 -19.16
CA GLU A 84 -31.37 3.21 -19.64
C GLU A 84 -31.96 1.83 -19.41
N THR A 85 -31.78 0.93 -20.36
CA THR A 85 -32.19 -0.47 -20.12
C THR A 85 -31.23 -1.15 -19.15
N LEU A 86 -31.70 -2.19 -18.46
CA LEU A 86 -30.84 -2.95 -17.53
C LEU A 86 -29.69 -3.58 -18.31
N GLN A 87 -29.97 -3.98 -19.54
CA GLN A 87 -28.94 -4.60 -20.40
C GLN A 87 -27.87 -3.57 -20.75
N ASP A 88 -28.28 -2.34 -21.04
CA ASP A 88 -27.25 -1.32 -21.28
C ASP A 88 -26.42 -1.07 -20.02
N THR A 89 -27.07 -1.03 -18.85
CA THR A 89 -26.33 -0.82 -17.60
C THR A 89 -25.36 -1.97 -17.32
N ALA A 90 -25.81 -3.21 -17.50
CA ALA A 90 -24.94 -4.34 -17.27
C ALA A 90 -23.72 -4.31 -18.18
N LYS A 91 -23.92 -3.87 -19.42
CA LYS A 91 -22.85 -3.86 -20.40
C LYS A 91 -21.73 -2.89 -19.98
N VAL A 92 -22.10 -1.67 -19.58
CA VAL A 92 -21.08 -0.68 -19.24
C VAL A 92 -20.44 -0.98 -17.89
N LEU A 93 -21.24 -1.36 -16.90
CA LEU A 93 -20.69 -1.68 -15.58
C LEU A 93 -19.69 -2.82 -15.66
N SER A 94 -19.96 -3.80 -16.52
CA SER A 94 -19.00 -4.89 -16.73
C SER A 94 -17.65 -4.41 -17.25
N ARG A 95 -17.57 -3.20 -17.83
CA ARG A 95 -16.29 -2.62 -18.22
C ARG A 95 -15.60 -1.88 -17.07
N TYR A 96 -16.37 -1.42 -16.08
CA TYR A 96 -15.83 -0.57 -15.03
C TYR A 96 -15.47 -1.31 -13.75
N VAL A 97 -16.22 -2.35 -13.37
CA VAL A 97 -16.12 -2.92 -12.03
C VAL A 97 -16.01 -4.44 -12.14
N ASP A 98 -15.54 -5.07 -11.06
CA ASP A 98 -15.34 -6.52 -11.02
C ASP A 98 -16.53 -7.27 -10.43
N ALA A 99 -17.51 -6.55 -9.88
CA ALA A 99 -18.73 -7.15 -9.37
C ALA A 99 -19.77 -6.06 -9.19
N ILE A 100 -21.04 -6.46 -9.15
CA ILE A 100 -22.16 -5.55 -9.03
C ILE A 100 -22.99 -5.98 -7.81
N VAL A 101 -23.10 -5.10 -6.82
CA VAL A 101 -23.90 -5.30 -5.62
C VAL A 101 -25.12 -4.40 -5.77
N TRP A 102 -26.31 -4.97 -5.63
CA TRP A 102 -27.52 -4.26 -6.05
C TRP A 102 -28.64 -4.51 -5.05
N ARG A 103 -29.21 -3.42 -4.52
CA ARG A 103 -30.41 -3.45 -3.67
C ARG A 103 -31.57 -3.03 -4.55
N THR A 104 -32.52 -3.94 -4.78
CA THR A 104 -33.64 -3.59 -5.64
C THR A 104 -34.90 -4.23 -5.07
N PHE A 105 -35.95 -4.27 -5.89
CA PHE A 105 -37.26 -4.67 -5.41
C PHE A 105 -37.57 -6.06 -5.95
N GLY A 106 -38.13 -6.19 -7.15
CA GLY A 106 -38.55 -7.49 -7.62
C GLY A 106 -37.38 -8.35 -8.09
N GLN A 107 -37.56 -9.66 -7.97
CA GLN A 107 -36.48 -10.61 -8.22
C GLN A 107 -36.14 -10.70 -9.70
N GLU A 108 -37.14 -10.45 -10.55
CA GLU A 108 -36.97 -10.51 -12.03
C GLU A 108 -35.93 -9.50 -12.49
N ARG A 109 -35.84 -8.37 -11.80
CA ARG A 109 -34.79 -7.40 -12.18
C ARG A 109 -33.39 -7.94 -11.88
N LEU A 110 -33.19 -8.58 -10.72
CA LEU A 110 -31.90 -9.19 -10.43
C LEU A 110 -31.56 -10.27 -11.46
N ASP A 111 -32.54 -11.13 -11.78
CA ASP A 111 -32.31 -12.18 -12.77
C ASP A 111 -31.88 -11.58 -14.12
N ALA A 112 -32.51 -10.48 -14.53
CA ALA A 112 -32.18 -9.86 -15.81
C ALA A 112 -30.75 -9.34 -15.82
N MET A 113 -30.36 -8.57 -14.79
CA MET A 113 -28.99 -8.10 -14.66
C MET A 113 -27.99 -9.25 -14.69
N ALA A 114 -28.26 -10.30 -13.92
CA ALA A 114 -27.33 -11.41 -13.83
C ALA A 114 -27.23 -12.18 -15.14
N SER A 115 -28.29 -12.17 -15.95
CA SER A 115 -28.24 -12.93 -17.19
C SER A 115 -27.30 -12.31 -18.23
N VAL A 116 -27.05 -11.00 -18.17
CA VAL A 116 -26.22 -10.36 -19.19
C VAL A 116 -24.91 -9.80 -18.65
N ALA A 117 -24.80 -9.49 -17.36
CA ALA A 117 -23.55 -9.00 -16.81
C ALA A 117 -22.47 -10.07 -16.94
N THR A 118 -21.25 -9.65 -17.25
CA THR A 118 -20.13 -10.59 -17.31
C THR A 118 -19.27 -10.51 -16.05
N VAL A 119 -19.82 -9.95 -14.98
CA VAL A 119 -19.18 -9.99 -13.66
C VAL A 119 -20.23 -10.46 -12.66
N PRO A 120 -19.82 -10.96 -11.50
CA PRO A 120 -20.80 -11.42 -10.49
C PRO A 120 -21.76 -10.32 -10.05
N VAL A 121 -23.02 -10.73 -9.85
CA VAL A 121 -24.07 -9.87 -9.33
C VAL A 121 -24.53 -10.43 -7.98
N ILE A 122 -24.57 -9.55 -6.97
CA ILE A 122 -24.98 -9.92 -5.62
C ILE A 122 -26.26 -9.17 -5.26
N ASN A 123 -27.25 -9.89 -4.77
CA ASN A 123 -28.46 -9.31 -4.19
C ASN A 123 -28.10 -8.79 -2.80
N ALA A 124 -27.91 -7.48 -2.66
CA ALA A 124 -27.61 -6.91 -1.34
C ALA A 124 -28.81 -7.00 -0.40
N LEU A 125 -30.02 -7.03 -0.94
CA LEU A 125 -31.29 -6.89 -0.22
C LEU A 125 -32.38 -6.71 -1.26
N SER A 126 -33.45 -7.51 -1.23
CA SER A 126 -34.54 -7.34 -2.17
C SER A 126 -35.86 -7.60 -1.47
N ASP A 127 -36.98 -7.44 -2.20
CA ASP A 127 -38.26 -7.69 -1.55
C ASP A 127 -38.41 -9.15 -1.17
N GLU A 128 -37.84 -10.06 -1.94
CA GLU A 128 -38.16 -11.46 -1.71
C GLU A 128 -37.11 -12.22 -0.87
N PHE A 129 -35.87 -11.72 -0.91
CA PHE A 129 -34.78 -12.41 -0.21
C PHE A 129 -33.79 -11.42 0.44
N HIS A 130 -33.12 -11.88 1.51
CA HIS A 130 -32.04 -11.09 2.15
C HIS A 130 -30.90 -12.07 2.33
N PRO A 131 -30.32 -12.60 1.23
CA PRO A 131 -29.35 -13.67 1.33
C PRO A 131 -28.06 -13.33 2.10
N CYS A 132 -27.61 -12.09 1.99
CA CYS A 132 -26.35 -11.78 2.68
C CYS A 132 -26.55 -11.75 4.19
N GLN A 133 -27.70 -11.27 4.65
CA GLN A 133 -27.93 -11.27 6.09
C GLN A 133 -28.01 -12.67 6.64
N VAL A 134 -28.50 -13.62 5.84
CA VAL A 134 -28.60 -14.96 6.40
C VAL A 134 -27.24 -15.64 6.46
N LEU A 135 -26.33 -15.34 5.54
CA LEU A 135 -24.94 -15.80 5.72
C LEU A 135 -24.36 -15.31 7.04
N ALA A 136 -24.56 -14.01 7.34
CA ALA A 136 -24.13 -13.49 8.64
C ALA A 136 -24.77 -14.23 9.81
N ASP A 137 -26.07 -14.53 9.71
CA ASP A 137 -26.75 -15.31 10.75
C ASP A 137 -26.11 -16.66 10.94
N LEU A 138 -25.89 -17.39 9.84
CA LEU A 138 -25.29 -18.72 9.95
C LEU A 138 -23.88 -18.65 10.54
N GLN A 139 -23.09 -17.64 10.15
CA GLN A 139 -21.78 -17.46 10.77
C GLN A 139 -21.91 -17.25 12.28
N THR A 140 -22.88 -16.45 12.70
CA THR A 140 -23.08 -16.17 14.13
C THR A 140 -23.50 -17.43 14.90
N ILE A 141 -24.44 -18.19 14.33
CA ILE A 141 -24.86 -19.45 14.97
C ILE A 141 -23.67 -20.39 15.12
N ALA A 142 -22.88 -20.56 14.05
CA ALA A 142 -21.70 -21.44 14.14
C ALA A 142 -20.74 -20.98 15.23
N GLU A 143 -20.56 -19.66 15.41
CA GLU A 143 -19.68 -19.18 16.47
C GLU A 143 -20.20 -19.58 17.85
N ARG A 144 -21.51 -19.51 18.04
CA ARG A 144 -22.09 -19.74 19.36
C ARG A 144 -22.37 -21.21 19.63
N LYS A 145 -22.61 -22.02 18.59
CA LYS A 145 -23.11 -23.37 18.80
C LYS A 145 -22.30 -24.46 18.11
N GLY A 146 -21.38 -24.12 17.22
CA GLY A 146 -20.57 -25.13 16.54
C GLY A 146 -21.26 -25.60 15.27
N ALA A 147 -21.33 -26.92 15.09
CA ALA A 147 -21.92 -27.48 13.88
C ALA A 147 -23.36 -27.00 13.68
N LEU A 148 -23.68 -26.64 12.43
CA LEU A 148 -25.03 -26.20 12.10
C LEU A 148 -25.97 -27.36 11.84
N ARG A 149 -25.46 -28.44 11.26
CA ARG A 149 -26.33 -29.55 10.85
C ARG A 149 -27.14 -30.07 12.01
N GLY A 150 -28.46 -30.12 11.84
CA GLY A 150 -29.33 -30.71 12.84
C GLY A 150 -29.85 -29.74 13.88
N LEU A 151 -29.36 -28.50 13.91
CA LEU A 151 -29.96 -27.50 14.80
C LEU A 151 -31.40 -27.23 14.41
N ARG A 152 -32.16 -26.71 15.36
CA ARG A 152 -33.56 -26.33 15.16
C ARG A 152 -33.67 -24.82 15.27
N LEU A 153 -34.11 -24.18 14.19
CA LEU A 153 -34.27 -22.72 14.15
C LEU A 153 -35.75 -22.39 13.92
N SER A 154 -36.27 -21.44 14.71
CA SER A 154 -37.64 -20.95 14.52
C SER A 154 -37.63 -19.44 14.29
N TYR A 155 -38.33 -19.01 13.24
CA TYR A 155 -38.53 -17.59 12.90
C TYR A 155 -39.98 -17.22 13.20
N PHE A 156 -40.20 -16.03 13.77
CA PHE A 156 -41.51 -15.58 14.24
C PHE A 156 -41.86 -14.26 13.58
N GLY A 157 -43.11 -14.13 13.12
CA GLY A 157 -43.62 -12.85 12.68
C GLY A 157 -44.23 -12.87 11.29
N ASP A 158 -43.75 -12.00 10.41
CA ASP A 158 -44.26 -11.96 9.03
C ASP A 158 -43.55 -13.06 8.25
N GLY A 159 -44.28 -14.14 7.96
CA GLY A 159 -43.66 -15.30 7.34
C GLY A 159 -43.43 -15.19 5.85
N ALA A 160 -43.79 -14.06 5.22
CA ALA A 160 -43.62 -13.87 3.79
C ALA A 160 -42.61 -12.79 3.44
N ASN A 161 -41.85 -12.29 4.42
CA ASN A 161 -40.90 -11.24 4.10
C ASN A 161 -39.56 -11.84 3.71
N ASN A 162 -38.58 -10.98 3.42
CA ASN A 162 -37.35 -11.48 2.83
C ASN A 162 -36.56 -12.34 3.81
N MET A 163 -36.58 -12.01 5.11
CA MET A 163 -35.81 -12.85 6.06
C MET A 163 -36.41 -14.22 6.26
N ALA A 164 -37.74 -14.32 6.33
CA ALA A 164 -38.35 -15.64 6.42
C ALA A 164 -37.99 -16.50 5.21
N HIS A 165 -38.03 -15.91 4.01
CA HIS A 165 -37.68 -16.68 2.82
C HIS A 165 -36.22 -17.12 2.84
N SER A 166 -35.32 -16.23 3.24
CA SER A 166 -33.90 -16.57 3.23
C SER A 166 -33.52 -17.51 4.37
N LEU A 167 -34.19 -17.41 5.53
CA LEU A 167 -33.92 -18.36 6.60
C LEU A 167 -34.38 -19.76 6.20
N LEU A 168 -35.51 -19.85 5.49
CA LEU A 168 -35.92 -21.12 4.90
C LEU A 168 -34.82 -21.67 3.99
N LEU A 169 -34.43 -20.90 2.98
CA LEU A 169 -33.54 -21.45 1.96
C LEU A 169 -32.12 -21.61 2.49
N GLY A 170 -31.57 -20.55 3.11
CA GLY A 170 -30.23 -20.64 3.63
C GLY A 170 -30.11 -21.59 4.80
N GLY A 171 -31.13 -21.61 5.66
CA GLY A 171 -31.10 -22.52 6.79
C GLY A 171 -31.06 -23.98 6.37
N VAL A 172 -31.98 -24.39 5.48
CA VAL A 172 -31.96 -25.82 5.13
C VAL A 172 -30.74 -26.18 4.29
N THR A 173 -30.15 -25.20 3.60
CA THR A 173 -28.91 -25.44 2.88
C THR A 173 -27.80 -25.86 3.84
N ALA A 174 -27.80 -25.28 5.04
CA ALA A 174 -26.86 -25.57 6.12
C ALA A 174 -27.24 -26.81 6.92
N GLY A 175 -28.36 -27.46 6.59
CA GLY A 175 -28.79 -28.62 7.34
C GLY A 175 -29.60 -28.32 8.59
N ILE A 176 -30.08 -27.08 8.75
CA ILE A 176 -30.88 -26.68 9.91
C ILE A 176 -32.34 -26.99 9.66
N HIS A 177 -33.03 -27.51 10.68
CA HIS A 177 -34.49 -27.67 10.63
C HIS A 177 -35.15 -26.32 10.92
N VAL A 178 -35.86 -25.76 9.94
CA VAL A 178 -36.36 -24.40 10.01
C VAL A 178 -37.86 -24.44 10.20
N THR A 179 -38.34 -23.67 11.17
CA THR A 179 -39.77 -23.46 11.39
C THR A 179 -40.09 -21.98 11.20
N VAL A 180 -41.17 -21.71 10.47
CA VAL A 180 -41.69 -20.35 10.34
C VAL A 180 -43.02 -20.33 11.08
N ALA A 181 -43.13 -19.45 12.09
CA ALA A 181 -44.34 -19.26 12.87
C ALA A 181 -44.94 -17.92 12.45
N ALA A 182 -46.12 -17.95 11.83
CA ALA A 182 -46.68 -16.74 11.26
C ALA A 182 -48.20 -16.88 11.24
N PRO A 183 -48.93 -15.79 11.31
CA PRO A 183 -50.39 -15.87 11.22
C PRO A 183 -50.82 -16.20 9.79
N GLU A 184 -52.02 -16.79 9.67
CA GLU A 184 -52.57 -17.02 8.35
C GLU A 184 -52.71 -15.70 7.61
N GLY A 185 -52.47 -15.75 6.32
CA GLY A 185 -52.41 -14.57 5.51
C GLY A 185 -51.02 -14.00 5.36
N PHE A 186 -50.06 -14.48 6.15
CA PHE A 186 -48.69 -13.96 6.17
C PHE A 186 -47.68 -15.12 6.06
N LEU A 187 -47.95 -16.07 5.18
CA LEU A 187 -47.17 -17.29 5.10
C LEU A 187 -46.15 -17.23 3.96
N PRO A 188 -45.10 -18.04 4.01
CA PRO A 188 -44.06 -17.98 2.95
C PRO A 188 -44.63 -18.21 1.56
N ASP A 189 -44.01 -17.56 0.58
CA ASP A 189 -44.36 -17.76 -0.83
C ASP A 189 -44.29 -19.26 -1.16
N PRO A 190 -45.30 -19.83 -1.85
CA PRO A 190 -45.27 -21.28 -2.15
C PRO A 190 -44.04 -21.73 -2.92
N SER A 191 -43.56 -20.93 -3.88
CA SER A 191 -42.38 -21.33 -4.64
C SER A 191 -41.14 -21.43 -3.76
N VAL A 192 -40.94 -20.46 -2.86
CA VAL A 192 -39.82 -20.49 -1.93
C VAL A 192 -39.95 -21.69 -0.99
N ARG A 193 -41.15 -21.92 -0.47
CA ARG A 193 -41.35 -23.03 0.45
C ARG A 193 -41.05 -24.36 -0.23
N ALA A 194 -41.51 -24.54 -1.48
CA ALA A 194 -41.22 -25.78 -2.21
C ALA A 194 -39.73 -25.94 -2.52
N ALA A 195 -39.05 -24.85 -2.85
CA ALA A 195 -37.61 -24.95 -3.10
C ALA A 195 -36.86 -25.32 -1.82
N ALA A 196 -37.30 -24.78 -0.68
CA ALA A 196 -36.65 -25.12 0.60
C ALA A 196 -36.92 -26.56 0.98
N GLU A 197 -38.15 -27.04 0.77
CA GLU A 197 -38.45 -28.45 1.06
C GLU A 197 -37.56 -29.39 0.24
N ARG A 198 -37.36 -29.07 -1.05
CA ARG A 198 -36.51 -29.89 -1.91
C ARG A 198 -35.05 -29.84 -1.47
N ARG A 199 -34.54 -28.64 -1.18
CA ARG A 199 -33.16 -28.52 -0.70
C ARG A 199 -32.96 -29.27 0.62
N ALA A 200 -33.96 -29.18 1.52
CA ALA A 200 -33.86 -29.87 2.81
C ALA A 200 -33.71 -31.38 2.62
N GLN A 201 -34.27 -31.95 1.56
CA GLN A 201 -34.05 -33.37 1.29
C GLN A 201 -32.59 -33.70 1.06
N ASP A 202 -31.82 -32.79 0.46
CA ASP A 202 -30.41 -33.08 0.21
C ASP A 202 -29.58 -33.04 1.49
N THR A 203 -30.02 -32.30 2.50
CA THR A 203 -29.20 -32.06 3.68
C THR A 203 -29.70 -32.76 4.93
N GLY A 204 -30.86 -33.43 4.86
CA GLY A 204 -31.47 -34.00 6.05
C GLY A 204 -32.21 -33.01 6.92
N ALA A 205 -32.43 -31.79 6.44
CA ALA A 205 -33.14 -30.76 7.18
C ALA A 205 -34.65 -30.99 7.02
N SER A 206 -35.46 -30.01 7.42
CA SER A 206 -36.91 -30.06 7.24
C SER A 206 -37.44 -28.63 7.26
N VAL A 207 -38.67 -28.47 6.77
CA VAL A 207 -39.38 -27.19 6.74
C VAL A 207 -40.70 -27.35 7.47
N THR A 208 -41.01 -26.44 8.39
CA THR A 208 -42.27 -26.47 9.13
C THR A 208 -42.86 -25.08 9.09
N VAL A 209 -44.17 -24.97 8.81
CA VAL A 209 -44.86 -23.68 8.85
C VAL A 209 -46.08 -23.85 9.76
N THR A 210 -46.22 -22.95 10.74
CA THR A 210 -47.24 -23.11 11.77
C THR A 210 -47.74 -21.74 12.24
N ALA A 211 -48.97 -21.72 12.75
CA ALA A 211 -49.47 -20.52 13.43
C ALA A 211 -49.33 -20.60 14.93
N ASP A 212 -48.66 -21.64 15.45
CA ASP A 212 -48.60 -21.91 16.89
C ASP A 212 -47.22 -21.49 17.38
N ALA A 213 -47.13 -20.25 17.89
CA ALA A 213 -45.84 -19.70 18.28
C ALA A 213 -45.22 -20.48 19.43
N HIS A 214 -46.05 -20.92 20.38
CA HIS A 214 -45.53 -21.70 21.50
C HIS A 214 -44.92 -23.01 21.05
N ALA A 215 -45.57 -23.73 20.13
CA ALA A 215 -45.01 -24.97 19.62
C ALA A 215 -43.72 -24.72 18.83
N ALA A 216 -43.67 -23.62 18.06
CA ALA A 216 -42.44 -23.32 17.34
C ALA A 216 -41.28 -22.99 18.28
N ALA A 217 -41.57 -22.38 19.43
CA ALA A 217 -40.48 -22.06 20.36
C ALA A 217 -39.97 -23.29 21.10
N ALA A 218 -40.84 -24.26 21.39
CA ALA A 218 -40.45 -25.42 22.19
C ALA A 218 -39.31 -26.19 21.50
N GLY A 219 -38.24 -26.42 22.25
CA GLY A 219 -37.09 -27.16 21.75
C GLY A 219 -36.20 -26.44 20.75
N ALA A 220 -36.44 -25.16 20.47
CA ALA A 220 -35.62 -24.48 19.47
C ALA A 220 -34.23 -24.19 20.01
N ASP A 221 -33.22 -24.28 19.14
CA ASP A 221 -31.87 -23.82 19.45
C ASP A 221 -31.65 -22.36 19.11
N VAL A 222 -32.34 -21.84 18.10
CA VAL A 222 -32.22 -20.46 17.64
C VAL A 222 -33.62 -19.90 17.44
N LEU A 223 -33.88 -18.71 17.99
CA LEU A 223 -35.12 -17.97 17.75
C LEU A 223 -34.80 -16.70 16.99
N VAL A 224 -35.56 -16.41 15.93
CA VAL A 224 -35.28 -15.26 15.07
C VAL A 224 -36.57 -14.49 14.85
N THR A 225 -36.48 -13.16 14.78
CA THR A 225 -37.60 -12.36 14.33
C THR A 225 -37.08 -11.16 13.53
N ASP A 226 -37.99 -10.30 13.08
CA ASP A 226 -37.64 -9.17 12.24
C ASP A 226 -38.81 -8.19 12.35
N THR A 227 -38.62 -6.96 11.84
CA THR A 227 -39.72 -6.00 11.85
C THR A 227 -40.95 -6.57 11.15
N TRP A 228 -42.14 -6.24 11.68
CA TRP A 228 -43.38 -6.74 11.13
C TRP A 228 -43.79 -6.06 9.82
N THR A 229 -43.24 -4.89 9.54
CA THR A 229 -43.70 -4.06 8.44
C THR A 229 -42.49 -3.39 7.79
N SER A 230 -42.33 -3.58 6.49
CA SER A 230 -41.33 -2.80 5.76
C SER A 230 -41.92 -1.45 5.34
N MET A 231 -41.04 -0.55 4.87
CA MET A 231 -41.49 0.79 4.49
C MET A 231 -42.54 0.73 3.38
N GLY A 232 -42.37 -0.17 2.41
CA GLY A 232 -43.35 -0.29 1.34
C GLY A 232 -44.67 -0.92 1.76
N GLN A 233 -44.78 -1.44 2.98
CA GLN A 233 -46.02 -2.05 3.45
C GLN A 233 -46.82 -1.12 4.34
N GLU A 234 -46.28 0.05 4.71
CA GLU A 234 -46.99 0.93 5.63
C GLU A 234 -48.32 1.41 5.06
N ASN A 235 -48.49 1.42 3.75
CA ASN A 235 -49.71 1.91 3.14
C ASN A 235 -50.53 0.78 2.49
N ASP A 236 -50.34 -0.47 2.95
CA ASP A 236 -51.04 -1.57 2.29
C ASP A 236 -52.47 -1.77 2.80
N GLY A 237 -52.90 -1.02 3.82
CA GLY A 237 -54.26 -1.09 4.32
C GLY A 237 -54.48 -2.01 5.51
N LEU A 238 -53.50 -2.86 5.85
CA LEU A 238 -53.68 -3.85 6.91
C LEU A 238 -53.33 -3.26 8.27
N ASP A 239 -54.04 -3.75 9.29
CA ASP A 239 -53.56 -3.66 10.67
C ASP A 239 -52.39 -4.63 10.78
N ARG A 240 -51.17 -4.08 10.85
CA ARG A 240 -49.98 -4.92 10.94
C ARG A 240 -49.41 -4.97 12.35
N VAL A 241 -50.28 -4.89 13.35
CA VAL A 241 -49.87 -5.06 14.74
C VAL A 241 -50.65 -6.23 15.35
N LYS A 242 -51.99 -6.12 15.36
CA LYS A 242 -52.83 -7.15 15.98
C LYS A 242 -52.50 -8.58 15.56
N PRO A 243 -52.33 -8.92 14.27
CA PRO A 243 -52.03 -10.32 13.92
C PRO A 243 -50.73 -10.86 14.50
N PHE A 244 -49.73 -10.00 14.72
CA PHE A 244 -48.38 -10.44 15.06
C PHE A 244 -48.10 -10.43 16.55
N ARG A 245 -48.95 -9.80 17.35
CA ARG A 245 -48.75 -9.77 18.80
C ARG A 245 -48.50 -11.12 19.44
N PRO A 246 -49.23 -12.19 19.11
CA PRO A 246 -48.92 -13.50 19.71
C PRO A 246 -47.55 -14.04 19.33
N PHE A 247 -46.90 -13.48 18.31
CA PHE A 247 -45.62 -13.97 17.81
C PHE A 247 -44.45 -13.14 18.32
N GLN A 248 -44.69 -12.26 19.29
CA GLN A 248 -43.61 -11.43 19.83
C GLN A 248 -42.56 -12.31 20.49
N LEU A 249 -41.29 -12.01 20.22
CA LEU A 249 -40.17 -12.74 20.81
C LEU A 249 -39.90 -12.07 22.16
N ASN A 250 -40.53 -12.59 23.22
CA ASN A 250 -40.43 -12.04 24.57
C ASN A 250 -39.85 -13.09 25.52
N SER A 251 -39.69 -12.72 26.80
CA SER A 251 -39.04 -13.63 27.75
C SER A 251 -39.82 -14.93 27.90
N ARG A 252 -41.15 -14.86 27.89
CA ARG A 252 -41.97 -16.05 28.02
C ARG A 252 -41.73 -17.02 26.86
N LEU A 253 -41.70 -16.49 25.63
CA LEU A 253 -41.44 -17.34 24.47
C LEU A 253 -40.05 -17.95 24.55
N LEU A 254 -39.05 -17.14 24.88
CA LEU A 254 -37.67 -17.63 24.95
C LEU A 254 -37.51 -18.74 25.99
N ALA A 255 -38.24 -18.65 27.12
CA ALA A 255 -38.13 -19.68 28.16
C ALA A 255 -38.67 -21.03 27.71
N LEU A 256 -39.47 -21.07 26.64
CA LEU A 256 -39.95 -22.34 26.11
C LEU A 256 -38.88 -23.07 25.29
N ALA A 257 -37.87 -22.35 24.82
CA ALA A 257 -36.87 -22.94 23.94
C ALA A 257 -35.82 -23.70 24.75
N ASP A 258 -34.83 -24.25 24.07
CA ASP A 258 -33.73 -24.92 24.74
C ASP A 258 -33.04 -23.95 25.70
N SER A 259 -32.47 -24.47 26.79
CA SER A 259 -31.86 -23.59 27.83
C SER A 259 -30.73 -22.74 27.25
N ASP A 260 -30.03 -23.25 26.24
CA ASP A 260 -28.85 -22.56 25.66
C ASP A 260 -29.21 -21.88 24.33
N ALA A 261 -30.49 -21.58 24.13
CA ALA A 261 -30.93 -21.02 22.85
C ALA A 261 -30.41 -19.59 22.67
N ILE A 262 -30.12 -19.22 21.43
CA ILE A 262 -29.73 -17.85 21.14
C ILE A 262 -30.83 -17.18 20.31
N VAL A 263 -30.77 -15.85 20.27
CA VAL A 263 -31.76 -15.00 19.60
C VAL A 263 -31.07 -14.15 18.55
N LEU A 264 -31.69 -14.07 17.36
CA LEU A 264 -31.19 -13.26 16.25
C LEU A 264 -32.25 -12.27 15.77
N HIS A 265 -31.80 -11.15 15.21
CA HIS A 265 -32.70 -10.12 14.69
C HIS A 265 -31.89 -9.19 13.80
N CYS A 266 -32.24 -9.16 12.51
CA CYS A 266 -31.68 -8.19 11.56
C CYS A 266 -31.94 -6.76 12.07
N LEU A 267 -30.91 -5.92 12.07
CA LEU A 267 -31.21 -4.59 12.59
C LEU A 267 -31.77 -3.68 11.51
N PRO A 268 -32.61 -2.68 11.86
CA PRO A 268 -32.96 -2.27 13.23
C PRO A 268 -34.09 -3.07 13.83
N ALA A 269 -34.16 -3.10 15.14
CA ALA A 269 -35.25 -3.71 15.88
C ALA A 269 -36.19 -2.62 16.37
N HIS A 270 -37.48 -2.95 16.41
CA HIS A 270 -38.49 -2.07 17.02
C HIS A 270 -38.83 -2.68 18.39
N ARG A 271 -38.11 -2.22 19.40
CA ARG A 271 -38.25 -2.74 20.75
C ARG A 271 -39.66 -2.50 21.26
N GLY A 272 -40.28 -3.54 21.81
CA GLY A 272 -41.65 -3.47 22.25
C GLY A 272 -42.64 -4.03 21.24
N ASP A 273 -42.23 -4.20 20.00
CA ASP A 273 -43.09 -4.82 18.99
C ASP A 273 -42.72 -6.28 18.80
N GLU A 274 -41.88 -6.57 17.80
CA GLU A 274 -41.52 -7.96 17.52
C GLU A 274 -40.57 -8.55 18.55
N ILE A 275 -39.90 -7.73 19.36
CA ILE A 275 -38.93 -8.21 20.33
C ILE A 275 -38.95 -7.25 21.52
N THR A 276 -38.68 -7.79 22.71
CA THR A 276 -38.67 -6.98 23.92
C THR A 276 -37.25 -6.60 24.31
N ASP A 277 -37.14 -5.54 25.13
CA ASP A 277 -35.84 -5.14 25.66
C ASP A 277 -35.16 -6.28 26.40
N ALA A 278 -35.91 -7.00 27.24
CA ALA A 278 -35.29 -8.03 28.08
C ALA A 278 -34.61 -9.07 27.21
N VAL A 279 -35.20 -9.39 26.06
CA VAL A 279 -34.62 -10.38 25.18
C VAL A 279 -33.44 -9.80 24.40
N MET A 280 -33.62 -8.61 23.80
CA MET A 280 -32.52 -7.99 23.05
C MET A 280 -31.25 -7.84 23.87
N ASP A 281 -31.40 -7.51 25.15
CA ASP A 281 -30.27 -7.14 25.99
C ASP A 281 -29.83 -8.24 26.94
N GLY A 282 -30.49 -9.40 26.91
CA GLY A 282 -30.16 -10.51 27.78
C GLY A 282 -29.08 -11.42 27.23
N PRO A 283 -28.74 -12.47 28.00
CA PRO A 283 -27.59 -13.32 27.66
C PRO A 283 -27.78 -14.16 26.41
N ALA A 284 -29.02 -14.39 25.98
CA ALA A 284 -29.25 -15.21 24.81
C ALA A 284 -29.14 -14.42 23.52
N SER A 285 -29.10 -13.09 23.61
CA SER A 285 -29.09 -12.27 22.41
C SER A 285 -27.74 -12.38 21.70
N ALA A 286 -27.78 -12.69 20.40
CA ALA A 286 -26.60 -12.67 19.56
C ALA A 286 -26.69 -11.57 18.50
N VAL A 287 -27.54 -10.57 18.71
CA VAL A 287 -27.85 -9.61 17.64
C VAL A 287 -26.64 -8.72 17.31
N TRP A 288 -25.77 -8.44 18.29
CA TRP A 288 -24.65 -7.53 18.06
C TRP A 288 -23.55 -8.21 17.26
N ASP A 289 -23.21 -9.45 17.62
CA ASP A 289 -22.29 -10.25 16.83
C ASP A 289 -22.83 -10.46 15.42
N GLU A 290 -24.15 -10.70 15.32
CA GLU A 290 -24.82 -10.88 14.04
C GLU A 290 -24.64 -9.64 13.16
N ALA A 291 -24.86 -8.45 13.72
CA ALA A 291 -24.68 -7.24 12.93
C ALA A 291 -23.24 -7.10 12.45
N GLU A 292 -22.29 -7.32 13.35
CA GLU A 292 -20.88 -7.25 12.97
C GLU A 292 -20.54 -8.23 11.86
N ASN A 293 -21.10 -9.45 11.91
CA ASN A 293 -20.75 -10.49 10.96
C ASN A 293 -21.28 -10.23 9.57
N ARG A 294 -22.17 -9.26 9.40
CA ARG A 294 -22.52 -8.87 8.04
C ARG A 294 -21.29 -8.42 7.26
N LEU A 295 -20.38 -7.72 7.92
CA LEU A 295 -19.15 -7.30 7.25
C LEU A 295 -18.34 -8.51 6.76
N HIS A 296 -18.10 -9.48 7.65
CA HIS A 296 -17.24 -10.61 7.33
C HIS A 296 -17.90 -11.53 6.31
N ALA A 297 -19.20 -11.81 6.47
CA ALA A 297 -19.87 -12.74 5.56
C ALA A 297 -19.96 -12.17 4.14
N GLN A 298 -20.23 -10.85 4.01
CA GLN A 298 -20.26 -10.23 2.69
C GLN A 298 -18.88 -10.21 2.04
N LYS A 299 -17.84 -9.92 2.81
CA LYS A 299 -16.47 -10.00 2.27
C LYS A 299 -16.17 -11.42 1.76
N ALA A 300 -16.54 -12.44 2.55
CA ALA A 300 -16.31 -13.82 2.13
C ALA A 300 -17.05 -14.14 0.85
N LEU A 301 -18.30 -13.72 0.75
CA LEU A 301 -19.08 -13.99 -0.45
C LEU A 301 -18.42 -13.35 -1.67
N LEU A 302 -17.98 -12.09 -1.55
CA LEU A 302 -17.34 -11.44 -2.67
C LEU A 302 -16.07 -12.15 -3.08
N VAL A 303 -15.22 -12.50 -2.11
CA VAL A 303 -13.97 -13.21 -2.40
C VAL A 303 -14.26 -14.52 -3.14
N TRP A 304 -15.23 -15.27 -2.63
CA TRP A 304 -15.57 -16.57 -3.23
C TRP A 304 -16.10 -16.41 -4.65
N LEU A 305 -17.05 -15.49 -4.85
CA LEU A 305 -17.61 -15.29 -6.20
C LEU A 305 -16.54 -14.83 -7.18
N LEU A 306 -15.69 -13.91 -6.76
CA LEU A 306 -14.65 -13.39 -7.65
C LEU A 306 -13.68 -14.50 -8.06
N GLU A 307 -13.28 -15.35 -7.12
CA GLU A 307 -12.35 -16.43 -7.43
C GLU A 307 -12.97 -17.44 -8.38
N ARG A 308 -14.29 -17.67 -8.26
CA ARG A 308 -14.99 -18.65 -9.10
C ARG A 308 -15.37 -18.10 -10.47
N SER A 309 -15.19 -16.80 -10.71
CA SER A 309 -15.74 -16.18 -11.93
C SER A 309 -14.67 -15.53 -12.80
N VAL B 3 -11.04 2.95 29.58
CA VAL B 3 -10.20 4.09 29.23
C VAL B 3 -10.49 4.63 27.82
N ILE B 4 -11.73 5.03 27.53
CA ILE B 4 -12.07 5.53 26.20
C ILE B 4 -12.22 7.05 26.27
N ARG B 5 -11.35 7.76 25.60
CA ARG B 5 -11.36 9.23 25.63
C ARG B 5 -12.27 9.77 24.53
N HIS B 6 -13.02 10.82 24.86
CA HIS B 6 -13.85 11.55 23.92
C HIS B 6 -13.40 13.00 23.83
N PHE B 7 -13.86 13.68 22.79
CA PHE B 7 -13.59 15.12 22.60
C PHE B 7 -14.90 15.79 22.21
N LEU B 8 -15.68 16.20 23.21
CA LEU B 8 -16.97 16.80 22.98
C LEU B 8 -16.96 18.32 23.17
N ARG B 9 -15.97 18.82 23.91
CA ARG B 9 -15.83 20.23 24.20
C ARG B 9 -14.37 20.47 24.50
N ASP B 10 -13.96 21.73 24.40
CA ASP B 10 -12.56 22.10 24.33
C ASP B 10 -11.79 21.64 25.57
N ASP B 11 -12.40 21.78 26.75
CA ASP B 11 -11.75 21.45 28.01
C ASP B 11 -11.81 19.96 28.36
N ASP B 12 -12.31 19.10 27.46
CA ASP B 12 -12.08 17.66 27.60
C ASP B 12 -10.60 17.31 27.54
N LEU B 13 -9.76 18.17 26.93
CA LEU B 13 -8.31 18.05 27.06
C LEU B 13 -7.80 18.96 28.17
N SER B 14 -6.92 18.43 29.01
CA SER B 14 -6.20 19.25 29.97
C SER B 14 -5.20 20.14 29.23
N PRO B 15 -4.68 21.17 29.89
CA PRO B 15 -3.62 21.98 29.24
C PRO B 15 -2.51 21.14 28.62
N ALA B 16 -1.96 20.17 29.37
CA ALA B 16 -0.88 19.34 28.84
C ALA B 16 -1.34 18.48 27.67
N GLU B 17 -2.56 17.94 27.75
CA GLU B 17 -3.04 17.11 26.65
C GLU B 17 -3.28 17.95 25.40
N GLN B 18 -3.80 19.17 25.57
CA GLN B 18 -3.99 20.02 24.39
C GLN B 18 -2.66 20.33 23.73
N ALA B 19 -1.61 20.54 24.52
CA ALA B 19 -0.28 20.80 23.98
C ALA B 19 0.22 19.62 23.15
N GLU B 20 -0.05 18.39 23.61
CA GLU B 20 0.33 17.20 22.85
C GLU B 20 -0.37 17.16 21.50
N VAL B 21 -1.68 17.42 21.48
CA VAL B 21 -2.42 17.39 20.22
C VAL B 21 -1.91 18.47 19.26
N LEU B 22 -1.59 19.66 19.79
CA LEU B 22 -1.15 20.73 18.92
C LEU B 22 0.23 20.45 18.34
N GLU B 23 1.12 19.85 19.14
CA GLU B 23 2.42 19.41 18.65
C GLU B 23 2.28 18.35 17.57
N LEU B 24 1.39 17.38 17.79
CA LEU B 24 1.12 16.36 16.78
C LEU B 24 0.59 16.99 15.49
N ALA B 25 -0.27 18.01 15.61
CA ALA B 25 -0.79 18.67 14.40
C ALA B 25 0.33 19.32 13.59
N ALA B 26 1.32 19.92 14.27
CA ALA B 26 2.48 20.46 13.57
C ALA B 26 3.29 19.36 12.89
N GLU B 27 3.46 18.21 13.56
CA GLU B 27 4.20 17.10 12.96
C GLU B 27 3.47 16.55 11.74
N LEU B 28 2.14 16.45 11.82
CA LEU B 28 1.37 15.91 10.70
C LEU B 28 1.31 16.88 9.53
N LYS B 29 1.36 18.18 9.79
CA LYS B 29 1.45 19.13 8.69
C LYS B 29 2.75 18.93 7.91
N LYS B 30 3.83 18.63 8.63
CA LYS B 30 5.11 18.41 7.98
C LYS B 30 5.15 17.07 7.25
N ASP B 31 4.57 16.02 7.83
CA ASP B 31 4.65 14.65 7.29
C ASP B 31 3.26 14.03 7.31
N PRO B 32 2.42 14.35 6.31
CA PRO B 32 0.98 14.07 6.42
C PRO B 32 0.58 12.60 6.29
N VAL B 33 1.44 11.72 5.81
CA VAL B 33 1.06 10.31 5.78
C VAL B 33 1.97 9.45 6.68
N SER B 34 2.64 10.09 7.65
CA SER B 34 3.57 9.37 8.50
C SER B 34 2.87 8.61 9.64
N ARG B 35 1.61 8.95 9.93
CA ARG B 35 0.85 8.29 11.00
C ARG B 35 -0.28 7.49 10.38
N ARG B 36 -0.27 6.17 10.57
CA ARG B 36 -1.24 5.28 9.94
C ARG B 36 -1.92 4.36 10.95
N PRO B 37 -2.55 4.91 12.00
CA PRO B 37 -3.26 4.06 12.98
C PRO B 37 -4.50 3.41 12.41
N LEU B 38 -4.98 3.88 11.25
CA LEU B 38 -6.17 3.32 10.63
C LEU B 38 -5.83 2.46 9.40
N GLN B 39 -4.55 2.09 9.24
CA GLN B 39 -4.16 1.30 8.08
C GLN B 39 -4.94 -0.01 8.03
N GLY B 40 -5.38 -0.39 6.83
CA GLY B 40 -6.18 -1.58 6.68
C GLY B 40 -6.92 -1.65 5.37
N PRO B 41 -7.91 -0.77 5.16
CA PRO B 41 -8.32 0.35 6.03
C PRO B 41 -9.29 -0.04 7.15
N ARG B 42 -9.11 0.58 8.31
CA ARG B 42 -10.09 0.57 9.39
C ARG B 42 -11.09 1.69 9.12
N GLY B 43 -12.35 1.52 9.58
CA GLY B 43 -13.36 2.53 9.35
C GLY B 43 -13.39 3.63 10.42
N VAL B 44 -13.90 4.80 10.05
CA VAL B 44 -14.32 5.86 10.98
C VAL B 44 -15.68 6.35 10.51
N ALA B 45 -16.67 6.36 11.42
CA ALA B 45 -17.99 6.87 11.05
C ALA B 45 -17.99 8.40 11.13
N VAL B 46 -18.50 9.07 10.09
CA VAL B 46 -18.63 10.53 10.08
C VAL B 46 -20.10 10.82 9.85
N ILE B 47 -20.81 11.21 10.91
CA ILE B 47 -22.27 11.27 10.90
C ILE B 47 -22.73 12.72 11.00
N PHE B 48 -23.72 13.08 10.18
CA PHE B 48 -24.22 14.46 10.11
C PHE B 48 -25.72 14.47 10.35
N ASP B 49 -26.13 15.08 11.48
CA ASP B 49 -27.55 15.35 11.67
C ASP B 49 -28.01 16.51 10.81
N LYS B 50 -27.09 17.37 10.42
CA LYS B 50 -27.29 18.45 9.46
C LYS B 50 -26.01 18.54 8.65
N ASN B 51 -26.14 18.56 7.32
CA ASN B 51 -24.95 18.52 6.48
C ASN B 51 -24.04 19.71 6.75
N SER B 52 -22.73 19.48 6.64
CA SER B 52 -21.73 20.54 6.71
C SER B 52 -20.62 20.10 5.75
N THR B 53 -20.65 20.64 4.53
CA THR B 53 -19.73 20.17 3.49
C THR B 53 -18.28 20.38 3.90
N ARG B 54 -17.96 21.54 4.48
CA ARG B 54 -16.57 21.79 4.83
C ARG B 54 -16.08 20.84 5.92
N THR B 55 -16.93 20.55 6.90
CA THR B 55 -16.55 19.61 7.96
C THR B 55 -16.35 18.22 7.39
N ARG B 56 -17.27 17.80 6.53
CA ARG B 56 -17.19 16.48 5.93
C ARG B 56 -15.92 16.35 5.08
N PHE B 57 -15.70 17.35 4.22
CA PHE B 57 -14.53 17.43 3.35
C PHE B 57 -13.23 17.17 4.12
N SER B 58 -12.99 17.98 5.16
CA SER B 58 -11.73 17.91 5.91
C SER B 58 -11.57 16.58 6.66
N PHE B 59 -12.65 16.06 7.26
CA PHE B 59 -12.53 14.79 7.98
C PHE B 59 -12.33 13.62 7.03
N GLU B 60 -13.07 13.60 5.93
CA GLU B 60 -12.98 12.50 4.96
C GLU B 60 -11.56 12.37 4.41
N LEU B 61 -10.95 13.48 4.03
CA LEU B 61 -9.59 13.43 3.50
C LEU B 61 -8.57 13.07 4.57
N GLY B 62 -8.72 13.66 5.76
CA GLY B 62 -7.78 13.39 6.84
C GLY B 62 -7.79 11.94 7.28
N ILE B 63 -8.98 11.35 7.41
CA ILE B 63 -9.07 9.93 7.75
C ILE B 63 -8.38 9.07 6.70
N ALA B 64 -8.58 9.39 5.41
CA ALA B 64 -7.90 8.64 4.36
C ALA B 64 -6.38 8.73 4.50
N GLN B 65 -5.87 9.90 4.91
CA GLN B 65 -4.42 10.05 5.04
C GLN B 65 -3.88 9.39 6.30
N LEU B 66 -4.73 9.01 7.25
CA LEU B 66 -4.34 8.13 8.34
C LEU B 66 -4.43 6.65 7.95
N GLY B 67 -4.71 6.35 6.68
CA GLY B 67 -4.88 4.98 6.24
C GLY B 67 -6.30 4.44 6.31
N GLY B 68 -7.25 5.21 6.82
CA GLY B 68 -8.58 4.71 7.06
C GLY B 68 -9.54 4.95 5.91
N HIS B 69 -10.77 4.50 6.10
CA HIS B 69 -11.87 4.78 5.18
C HIS B 69 -13.00 5.42 5.97
N ALA B 70 -13.32 6.68 5.65
CA ALA B 70 -14.43 7.35 6.30
C ALA B 70 -15.74 6.86 5.71
N VAL B 71 -16.65 6.42 6.58
CA VAL B 71 -18.00 6.08 6.18
C VAL B 71 -18.89 7.25 6.57
N VAL B 72 -19.36 7.98 5.57
CA VAL B 72 -20.08 9.23 5.77
C VAL B 72 -21.57 8.93 5.74
N VAL B 73 -22.28 9.40 6.77
CA VAL B 73 -23.73 9.24 6.88
C VAL B 73 -24.35 10.64 6.95
N ASP B 74 -25.07 11.03 5.88
CA ASP B 74 -25.69 12.35 5.82
C ASP B 74 -27.03 12.37 6.57
N SER B 75 -27.73 13.50 6.45
CA SER B 75 -28.99 13.70 7.14
C SER B 75 -30.17 13.08 6.38
N LEU B 80 -29.10 10.22 13.03
CA LEU B 80 -29.25 9.12 13.98
C LEU B 80 -30.50 9.25 14.84
N GLY B 81 -30.84 8.17 15.54
CA GLY B 81 -32.05 8.14 16.32
C GLY B 81 -33.32 8.09 15.50
N ARG B 82 -33.23 7.74 14.21
CA ARG B 82 -34.40 7.77 13.35
C ARG B 82 -35.21 6.47 13.46
N ASP B 83 -34.54 5.32 13.31
CA ASP B 83 -35.23 4.03 13.34
C ASP B 83 -34.73 3.09 14.43
N GLU B 84 -33.87 3.56 15.33
CA GLU B 84 -33.39 2.73 16.43
C GLU B 84 -32.86 3.64 17.53
N THR B 85 -32.76 3.08 18.74
CA THR B 85 -32.27 3.85 19.88
C THR B 85 -30.81 4.23 19.68
N LEU B 86 -30.42 5.36 20.28
CA LEU B 86 -29.05 5.82 20.19
C LEU B 86 -28.08 4.79 20.77
N GLN B 87 -28.51 4.11 21.84
CA GLN B 87 -27.65 3.13 22.47
C GLN B 87 -27.41 1.93 21.55
N ASP B 88 -28.43 1.52 20.80
CA ASP B 88 -28.22 0.45 19.82
C ASP B 88 -27.23 0.90 18.75
N THR B 89 -27.36 2.15 18.28
CA THR B 89 -26.45 2.66 17.25
C THR B 89 -25.01 2.66 17.74
N ALA B 90 -24.76 3.13 18.95
CA ALA B 90 -23.40 3.15 19.52
C ALA B 90 -22.80 1.73 19.59
N LYS B 91 -23.60 0.76 19.99
CA LYS B 91 -23.06 -0.63 20.16
C LYS B 91 -22.59 -1.18 18.80
N VAL B 92 -23.42 -1.06 17.78
CA VAL B 92 -23.06 -1.62 16.46
C VAL B 92 -21.91 -0.80 15.86
N LEU B 93 -22.02 0.53 15.93
CA LEU B 93 -20.92 1.31 15.34
C LEU B 93 -19.58 0.93 15.97
N SER B 94 -19.58 0.68 17.27
CA SER B 94 -18.35 0.25 17.93
C SER B 94 -17.79 -1.07 17.40
N ARG B 95 -18.58 -1.87 16.69
CA ARG B 95 -18.05 -3.07 16.05
C ARG B 95 -17.50 -2.80 14.65
N TYR B 96 -17.93 -1.71 14.02
CA TYR B 96 -17.55 -1.45 12.64
C TYR B 96 -16.42 -0.46 12.48
N VAL B 97 -16.30 0.52 13.38
CA VAL B 97 -15.37 1.62 13.15
C VAL B 97 -14.55 1.79 14.42
N ASP B 98 -13.41 2.49 14.28
CA ASP B 98 -12.51 2.77 15.40
C ASP B 98 -12.77 4.12 16.07
N ALA B 99 -13.60 4.98 15.48
CA ALA B 99 -13.97 6.25 16.11
C ALA B 99 -15.26 6.72 15.45
N ILE B 100 -15.96 7.62 16.13
CA ILE B 100 -17.22 8.16 15.66
C ILE B 100 -17.09 9.67 15.64
N VAL B 101 -17.23 10.28 14.46
CA VAL B 101 -17.22 11.73 14.31
C VAL B 101 -18.66 12.17 14.04
N TRP B 102 -19.18 13.07 14.86
CA TRP B 102 -20.61 13.37 14.81
C TRP B 102 -20.86 14.87 14.82
N ARG B 103 -21.65 15.34 13.86
CA ARG B 103 -22.15 16.70 13.85
C ARG B 103 -23.61 16.62 14.27
N THR B 104 -23.93 17.13 15.44
CA THR B 104 -25.31 17.08 15.93
C THR B 104 -25.59 18.42 16.60
N PHE B 105 -26.75 18.54 17.22
CA PHE B 105 -27.15 19.87 17.66
C PHE B 105 -26.94 20.02 19.17
N GLY B 106 -27.84 19.45 19.96
CA GLY B 106 -27.71 19.56 21.40
C GLY B 106 -26.56 18.75 21.95
N GLN B 107 -26.01 19.24 23.05
CA GLN B 107 -24.91 18.54 23.71
C GLN B 107 -25.37 17.25 24.44
N GLU B 108 -26.65 17.15 24.83
CA GLU B 108 -27.10 15.92 25.50
C GLU B 108 -27.03 14.71 24.57
N ARG B 109 -27.17 14.91 23.26
CA ARG B 109 -27.05 13.79 22.34
C ARG B 109 -25.61 13.29 22.26
N LEU B 110 -24.64 14.21 22.21
CA LEU B 110 -23.23 13.83 22.21
C LEU B 110 -22.86 13.09 23.49
N ASP B 111 -23.25 13.64 24.65
CA ASP B 111 -22.95 12.98 25.92
C ASP B 111 -23.53 11.57 25.95
N ALA B 112 -24.75 11.40 25.41
CA ALA B 112 -25.37 10.09 25.44
C ALA B 112 -24.61 9.07 24.59
N MET B 113 -24.17 9.47 23.39
CA MET B 113 -23.38 8.56 22.55
C MET B 113 -22.06 8.20 23.23
N ALA B 114 -21.40 9.18 23.83
CA ALA B 114 -20.11 8.95 24.44
C ALA B 114 -20.19 8.09 25.70
N SER B 115 -21.33 8.08 26.39
CA SER B 115 -21.40 7.27 27.60
C SER B 115 -21.58 5.79 27.29
N VAL B 116 -21.92 5.42 26.06
CA VAL B 116 -22.20 4.04 25.68
C VAL B 116 -21.16 3.49 24.72
N ALA B 117 -20.67 4.31 23.79
CA ALA B 117 -19.75 3.83 22.78
C ALA B 117 -18.43 3.38 23.40
N THR B 118 -17.84 2.32 22.85
CA THR B 118 -16.52 1.87 23.28
C THR B 118 -15.42 2.26 22.30
N VAL B 119 -15.67 3.25 21.45
CA VAL B 119 -14.65 3.91 20.63
C VAL B 119 -14.79 5.40 20.84
N PRO B 120 -13.73 6.17 20.57
CA PRO B 120 -13.80 7.63 20.80
C PRO B 120 -14.91 8.30 19.98
N VAL B 121 -15.60 9.24 20.62
CA VAL B 121 -16.57 10.11 19.97
C VAL B 121 -16.00 11.53 19.89
N ILE B 122 -16.06 12.12 18.71
CA ILE B 122 -15.57 13.48 18.47
C ILE B 122 -16.75 14.37 18.06
N ASN B 123 -16.84 15.53 18.71
CA ASN B 123 -17.81 16.56 18.32
C ASN B 123 -17.25 17.31 17.11
N ALA B 124 -17.75 17.00 15.91
CA ALA B 124 -17.27 17.69 14.71
C ALA B 124 -17.67 19.17 14.71
N LEU B 125 -18.82 19.49 15.31
CA LEU B 125 -19.48 20.78 15.25
C LEU B 125 -20.80 20.60 15.98
N SER B 126 -21.13 21.49 16.91
CA SER B 126 -22.42 21.41 17.60
C SER B 126 -22.93 22.82 17.88
N ASP B 127 -24.16 22.89 18.39
CA ASP B 127 -24.76 24.19 18.72
C ASP B 127 -23.93 24.94 19.74
N GLU B 128 -23.37 24.22 20.72
CA GLU B 128 -22.72 24.85 21.85
C GLU B 128 -21.21 25.02 21.69
N PHE B 129 -20.54 24.11 20.97
CA PHE B 129 -19.08 24.15 20.87
C PHE B 129 -18.64 23.84 19.45
N HIS B 130 -17.44 24.31 19.09
CA HIS B 130 -16.83 24.00 17.81
C HIS B 130 -15.37 23.67 18.08
N PRO B 131 -15.10 22.59 18.81
CA PRO B 131 -13.77 22.45 19.42
C PRO B 131 -12.68 22.02 18.44
N CYS B 132 -13.03 21.41 17.30
CA CYS B 132 -12.00 21.09 16.31
C CYS B 132 -11.51 22.36 15.61
N GLN B 133 -12.42 23.29 15.32
CA GLN B 133 -12.00 24.53 14.69
C GLN B 133 -11.08 25.34 15.60
N VAL B 134 -11.29 25.29 16.92
CA VAL B 134 -10.40 26.03 17.81
C VAL B 134 -9.03 25.36 17.88
N LEU B 135 -8.96 24.04 17.81
CA LEU B 135 -7.65 23.40 17.68
C LEU B 135 -6.92 23.92 16.45
N ALA B 136 -7.64 24.05 15.32
CA ALA B 136 -7.01 24.58 14.11
C ALA B 136 -6.56 26.02 14.29
N ASP B 137 -7.38 26.84 14.96
CA ASP B 137 -6.98 28.23 15.30
C ASP B 137 -5.70 28.26 16.13
N LEU B 138 -5.65 27.45 17.18
CA LEU B 138 -4.47 27.45 18.04
C LEU B 138 -3.22 27.02 17.29
N GLN B 139 -3.35 26.04 16.38
CA GLN B 139 -2.21 25.66 15.55
C GLN B 139 -1.77 26.82 14.68
N THR B 140 -2.73 27.56 14.12
CA THR B 140 -2.41 28.71 13.27
C THR B 140 -1.69 29.81 14.05
N ILE B 141 -2.18 30.12 15.26
CA ILE B 141 -1.56 31.15 16.10
C ILE B 141 -0.13 30.76 16.45
N ALA B 142 0.07 29.48 16.79
CA ALA B 142 1.40 29.01 17.20
C ALA B 142 2.41 29.08 16.04
N GLU B 143 1.97 28.77 14.82
CA GLU B 143 2.97 28.82 13.75
C GLU B 143 3.32 30.25 13.34
N ARG B 144 2.44 31.22 13.63
CA ARG B 144 2.77 32.61 13.30
C ARG B 144 3.35 33.39 14.47
N LYS B 145 3.08 32.99 15.72
CA LYS B 145 3.51 33.77 16.86
C LYS B 145 4.34 32.99 17.88
N GLY B 146 4.44 31.69 17.75
CA GLY B 146 5.25 30.90 18.67
C GLY B 146 4.45 30.45 19.89
N ALA B 147 4.94 30.77 21.08
CA ALA B 147 4.27 30.33 22.29
C ALA B 147 2.90 30.98 22.42
N LEU B 148 1.93 30.18 22.89
CA LEU B 148 0.56 30.64 23.08
C LEU B 148 0.37 31.33 24.42
N ARG B 149 1.01 30.81 25.46
CA ARG B 149 0.81 31.31 26.82
C ARG B 149 1.05 32.81 26.91
N GLY B 150 0.05 33.54 27.41
CA GLY B 150 0.17 34.97 27.63
C GLY B 150 -0.31 35.85 26.49
N LEU B 151 -0.65 35.28 25.34
CA LEU B 151 -1.20 36.07 24.25
C LEU B 151 -2.57 36.60 24.64
N ARG B 152 -2.95 37.72 24.02
CA ARG B 152 -4.27 38.31 24.21
C ARG B 152 -5.09 38.06 22.95
N LEU B 153 -6.21 37.38 23.11
CA LEU B 153 -7.10 37.04 21.99
C LEU B 153 -8.47 37.67 22.26
N SER B 154 -9.02 38.32 21.24
CA SER B 154 -10.34 38.93 21.32
C SER B 154 -11.22 38.36 20.23
N TYR B 155 -12.40 37.87 20.62
CA TYR B 155 -13.44 37.45 19.69
C TYR B 155 -14.52 38.52 19.64
N PHE B 156 -15.00 38.81 18.44
CA PHE B 156 -15.92 39.91 18.22
C PHE B 156 -17.20 39.40 17.57
N GLY B 157 -18.33 39.86 18.08
CA GLY B 157 -19.61 39.61 17.43
C GLY B 157 -20.62 38.89 18.31
N ASP B 158 -21.07 37.73 17.86
CA ASP B 158 -22.07 36.96 18.57
C ASP B 158 -21.36 36.13 19.64
N GLY B 159 -21.43 36.60 20.88
CA GLY B 159 -20.74 35.93 21.97
C GLY B 159 -21.44 34.73 22.53
N ALA B 160 -22.62 34.38 22.00
CA ALA B 160 -23.38 33.23 22.46
C ALA B 160 -23.22 32.01 21.55
N ASN B 161 -22.48 32.11 20.45
CA ASN B 161 -22.43 30.99 19.52
C ASN B 161 -21.27 30.04 19.86
N ASN B 162 -21.15 28.97 19.08
CA ASN B 162 -20.24 27.89 19.46
C ASN B 162 -18.78 28.33 19.39
N MET B 163 -18.41 29.24 18.49
CA MET B 163 -17.00 29.63 18.44
C MET B 163 -16.61 30.46 19.66
N ALA B 164 -17.49 31.34 20.13
CA ALA B 164 -17.20 32.10 21.33
C ALA B 164 -16.96 31.17 22.52
N HIS B 165 -17.86 30.21 22.71
CA HIS B 165 -17.69 29.23 23.78
C HIS B 165 -16.38 28.48 23.66
N SER B 166 -16.05 27.99 22.45
CA SER B 166 -14.84 27.18 22.30
C SER B 166 -13.57 28.02 22.37
N LEU B 167 -13.59 29.25 21.86
CA LEU B 167 -12.43 30.14 22.03
C LEU B 167 -12.19 30.43 23.51
N LEU B 168 -13.27 30.60 24.28
CA LEU B 168 -13.14 30.77 25.72
C LEU B 168 -12.45 29.56 26.35
N LEU B 169 -13.03 28.37 26.13
CA LEU B 169 -12.51 27.16 26.79
C LEU B 169 -11.17 26.72 26.22
N GLY B 170 -11.06 26.63 24.90
CA GLY B 170 -9.80 26.20 24.29
C GLY B 170 -8.70 27.24 24.48
N GLY B 171 -9.05 28.51 24.41
CA GLY B 171 -8.06 29.57 24.59
C GLY B 171 -7.44 29.57 25.97
N VAL B 172 -8.27 29.54 27.03
CA VAL B 172 -7.71 29.57 28.38
C VAL B 172 -6.97 28.27 28.68
N THR B 173 -7.40 27.15 28.09
CA THR B 173 -6.64 25.91 28.24
C THR B 173 -5.21 26.05 27.72
N ALA B 174 -5.00 26.86 26.68
CA ALA B 174 -3.66 27.14 26.16
C ALA B 174 -2.95 28.30 26.86
N GLY B 175 -3.55 28.90 27.88
CA GLY B 175 -2.91 29.99 28.59
C GLY B 175 -3.12 31.36 27.97
N ILE B 176 -4.09 31.47 27.08
CA ILE B 176 -4.38 32.72 26.38
C ILE B 176 -5.40 33.51 27.19
N HIS B 177 -5.18 34.84 27.30
CA HIS B 177 -6.16 35.74 27.88
C HIS B 177 -7.24 36.02 26.83
N VAL B 178 -8.47 35.57 27.08
CA VAL B 178 -9.54 35.64 26.10
C VAL B 178 -10.51 36.75 26.47
N THR B 179 -10.84 37.58 25.50
CA THR B 179 -11.90 38.58 25.62
C THR B 179 -12.97 38.27 24.60
N VAL B 180 -14.23 38.30 25.05
CA VAL B 180 -15.37 38.23 24.15
C VAL B 180 -16.02 39.60 24.14
N ALA B 181 -16.07 40.22 22.97
CA ALA B 181 -16.73 41.50 22.77
C ALA B 181 -18.02 41.27 21.99
N ALA B 182 -19.16 41.60 22.60
CA ALA B 182 -20.46 41.18 22.11
C ALA B 182 -21.53 42.10 22.67
N PRO B 183 -22.65 42.29 21.97
CA PRO B 183 -23.73 43.15 22.48
C PRO B 183 -24.59 42.39 23.49
N GLU B 184 -25.57 43.11 24.05
CA GLU B 184 -26.23 42.67 25.28
C GLU B 184 -27.04 41.39 25.09
N GLY B 185 -27.76 41.26 23.98
CA GLY B 185 -28.55 40.05 23.86
C GLY B 185 -27.82 38.79 23.43
N PHE B 186 -26.49 38.81 23.35
CA PHE B 186 -25.73 37.72 22.74
C PHE B 186 -24.42 37.47 23.50
N LEU B 187 -24.52 37.15 24.78
CA LEU B 187 -23.37 36.93 25.64
C LEU B 187 -23.11 35.45 25.86
N PRO B 188 -21.93 35.08 26.36
CA PRO B 188 -21.63 33.64 26.57
C PRO B 188 -22.61 33.00 27.53
N ASP B 189 -22.84 31.69 27.32
CA ASP B 189 -23.61 30.91 28.26
C ASP B 189 -22.95 30.94 29.64
N PRO B 190 -23.68 31.19 30.72
CA PRO B 190 -23.03 31.41 32.02
C PRO B 190 -22.23 30.20 32.52
N SER B 191 -22.65 28.97 32.18
CA SER B 191 -21.92 27.80 32.63
C SER B 191 -20.61 27.59 31.86
N VAL B 192 -20.58 27.91 30.56
CA VAL B 192 -19.32 27.89 29.83
C VAL B 192 -18.38 28.96 30.37
N ARG B 193 -18.90 30.16 30.63
CA ARG B 193 -18.03 31.21 31.16
C ARG B 193 -17.41 30.79 32.48
N ALA B 194 -18.22 30.21 33.38
CA ALA B 194 -17.71 29.73 34.66
C ALA B 194 -16.65 28.64 34.48
N ALA B 195 -16.88 27.68 33.57
CA ALA B 195 -15.86 26.65 33.37
C ALA B 195 -14.56 27.24 32.80
N ALA B 196 -14.68 28.26 31.95
CA ALA B 196 -13.48 28.90 31.41
C ALA B 196 -12.76 29.69 32.48
N GLU B 197 -13.49 30.38 33.36
CA GLU B 197 -12.84 31.08 34.46
C GLU B 197 -12.12 30.11 35.38
N ARG B 198 -12.71 28.93 35.62
CA ARG B 198 -12.03 27.92 36.44
C ARG B 198 -10.75 27.44 35.78
N ARG B 199 -10.82 27.01 34.52
CA ARG B 199 -9.62 26.53 33.82
C ARG B 199 -8.55 27.63 33.70
N ALA B 200 -8.96 28.89 33.57
CA ALA B 200 -7.98 29.97 33.46
C ALA B 200 -7.15 30.13 34.74
N GLN B 201 -7.71 29.77 35.89
CA GLN B 201 -6.90 29.83 37.11
C GLN B 201 -5.74 28.84 37.07
N ASP B 202 -5.91 27.70 36.39
CA ASP B 202 -4.81 26.74 36.30
C ASP B 202 -3.69 27.20 35.38
N THR B 203 -4.00 27.99 34.34
CA THR B 203 -3.04 28.29 33.30
C THR B 203 -2.51 29.72 33.34
N GLY B 204 -2.94 30.53 34.30
CA GLY B 204 -2.56 31.93 34.34
C GLY B 204 -3.28 32.80 33.33
N ALA B 205 -4.36 32.32 32.73
CA ALA B 205 -5.10 33.07 31.74
C ALA B 205 -6.19 33.90 32.42
N SER B 206 -7.12 34.44 31.62
CA SER B 206 -8.20 35.26 32.15
C SER B 206 -9.33 35.24 31.13
N VAL B 207 -10.50 35.68 31.60
CA VAL B 207 -11.72 35.75 30.80
C VAL B 207 -12.30 37.15 30.97
N THR B 208 -12.58 37.82 29.87
CA THR B 208 -13.21 39.13 29.87
C THR B 208 -14.36 39.13 28.89
N VAL B 209 -15.49 39.69 29.31
CA VAL B 209 -16.66 39.87 28.44
C VAL B 209 -17.05 41.35 28.48
N THR B 210 -17.14 41.96 27.31
CA THR B 210 -17.37 43.39 27.24
C THR B 210 -18.20 43.73 26.01
N ALA B 211 -18.89 44.87 26.08
CA ALA B 211 -19.58 45.43 24.93
C ALA B 211 -18.77 46.50 24.22
N ASP B 212 -17.52 46.72 24.65
CA ASP B 212 -16.67 47.79 24.13
C ASP B 212 -15.65 47.18 23.17
N ALA B 213 -15.97 47.24 21.87
CA ALA B 213 -15.11 46.63 20.86
C ALA B 213 -13.76 47.32 20.81
N HIS B 214 -13.74 48.65 21.02
CA HIS B 214 -12.48 49.39 20.99
C HIS B 214 -11.53 48.87 22.07
N ALA B 215 -12.04 48.67 23.29
CA ALA B 215 -11.21 48.18 24.38
C ALA B 215 -10.78 46.73 24.17
N ALA B 216 -11.62 45.92 23.53
CA ALA B 216 -11.21 44.54 23.26
C ALA B 216 -10.12 44.49 22.19
N ALA B 217 -10.12 45.43 21.25
CA ALA B 217 -9.14 45.37 20.18
C ALA B 217 -7.80 45.97 20.60
N ALA B 218 -7.84 46.96 21.49
CA ALA B 218 -6.63 47.63 21.96
C ALA B 218 -5.66 46.61 22.55
N GLY B 219 -4.48 46.49 21.93
CA GLY B 219 -3.47 45.60 22.45
C GLY B 219 -3.67 44.13 22.17
N ALA B 220 -4.69 43.74 21.41
CA ALA B 220 -4.91 42.33 21.08
C ALA B 220 -3.81 41.79 20.17
N ASP B 221 -3.44 40.52 20.40
CA ASP B 221 -2.54 39.80 19.50
C ASP B 221 -3.27 38.96 18.47
N VAL B 222 -4.50 38.54 18.78
CA VAL B 222 -5.33 37.76 17.88
C VAL B 222 -6.73 38.33 17.92
N LEU B 223 -7.28 38.66 16.74
CA LEU B 223 -8.64 39.15 16.61
C LEU B 223 -9.42 38.12 15.79
N VAL B 224 -10.59 37.72 16.30
CA VAL B 224 -11.37 36.63 15.73
C VAL B 224 -12.81 37.09 15.59
N THR B 225 -13.47 36.66 14.51
CA THR B 225 -14.90 36.88 14.38
C THR B 225 -15.50 35.71 13.60
N ASP B 226 -16.81 35.78 13.38
CA ASP B 226 -17.55 34.68 12.79
C ASP B 226 -18.84 35.26 12.23
N THR B 227 -19.59 34.44 11.49
CA THR B 227 -20.84 34.93 10.93
C THR B 227 -21.81 35.34 12.04
N TRP B 228 -22.60 36.36 11.76
CA TRP B 228 -23.58 36.86 12.71
C TRP B 228 -24.82 35.98 12.79
N THR B 229 -25.09 35.17 11.78
CA THR B 229 -26.26 34.30 11.77
C THR B 229 -25.86 32.83 11.93
N ASP B 239 -32.81 45.49 8.82
CA ASP B 239 -31.64 44.86 9.42
C ASP B 239 -31.99 44.09 10.69
N ARG B 240 -31.74 42.78 10.67
CA ARG B 240 -31.84 41.94 11.85
C ARG B 240 -30.47 41.64 12.45
N VAL B 241 -29.45 42.42 12.06
CA VAL B 241 -28.08 42.26 12.54
C VAL B 241 -27.56 43.63 12.96
N LYS B 242 -28.48 44.55 13.28
CA LYS B 242 -28.07 45.85 13.79
C LYS B 242 -27.18 45.80 15.02
N PRO B 243 -27.42 44.94 16.03
CA PRO B 243 -26.59 45.00 17.25
C PRO B 243 -25.15 44.57 17.05
N PHE B 244 -24.81 43.88 15.96
CA PHE B 244 -23.47 43.36 15.78
C PHE B 244 -22.56 44.29 14.98
N ARG B 245 -23.12 45.23 14.22
CA ARG B 245 -22.30 46.07 13.37
C ARG B 245 -21.28 46.94 14.11
N PRO B 246 -21.49 47.38 15.35
CA PRO B 246 -20.37 48.03 16.08
C PRO B 246 -19.19 47.11 16.32
N PHE B 247 -19.36 45.79 16.17
CA PHE B 247 -18.30 44.83 16.40
C PHE B 247 -17.69 44.30 15.11
N GLN B 248 -18.00 44.93 13.97
CA GLN B 248 -17.38 44.54 12.72
C GLN B 248 -15.86 44.57 12.85
N LEU B 249 -15.21 43.53 12.36
CA LEU B 249 -13.76 43.48 12.31
C LEU B 249 -13.33 44.22 11.05
N ASN B 250 -13.12 45.52 11.18
CA ASN B 250 -12.74 46.38 10.05
C ASN B 250 -11.35 46.95 10.29
N SER B 251 -10.85 47.76 9.37
CA SER B 251 -9.47 48.30 9.45
C SER B 251 -9.26 49.20 10.68
N ARG B 252 -10.32 49.84 11.15
CA ARG B 252 -10.17 50.78 12.28
C ARG B 252 -9.91 49.97 13.56
N LEU B 253 -10.64 48.87 13.71
CA LEU B 253 -10.46 48.01 14.90
C LEU B 253 -9.08 47.40 14.84
N LEU B 254 -8.73 46.81 13.69
CA LEU B 254 -7.44 46.15 13.59
C LEU B 254 -6.29 47.11 13.88
N ALA B 255 -6.44 48.38 13.53
CA ALA B 255 -5.39 49.37 13.76
C ALA B 255 -5.10 49.60 15.23
N LEU B 256 -5.96 49.17 16.14
CA LEU B 256 -5.73 49.31 17.56
C LEU B 256 -4.94 48.15 18.17
N ALA B 257 -4.71 47.07 17.43
CA ALA B 257 -4.10 45.87 17.99
C ALA B 257 -2.59 46.04 18.18
N ASP B 258 -1.99 45.08 18.88
CA ASP B 258 -0.54 44.96 18.94
C ASP B 258 0.04 44.83 17.53
N SER B 259 1.30 45.23 17.35
CA SER B 259 1.93 44.99 16.05
C SER B 259 1.99 43.49 15.78
N ASP B 260 1.96 43.15 14.48
CA ASP B 260 1.96 41.76 13.99
C ASP B 260 0.81 40.92 14.56
N ALA B 261 -0.31 41.56 14.89
CA ALA B 261 -1.51 40.82 15.27
C ALA B 261 -2.02 40.02 14.09
N ILE B 262 -2.76 38.94 14.36
CA ILE B 262 -3.34 38.17 13.28
C ILE B 262 -4.86 38.09 13.43
N VAL B 263 -5.52 37.85 12.29
CA VAL B 263 -6.97 37.84 12.19
C VAL B 263 -7.41 36.44 11.79
N LEU B 264 -8.39 35.91 12.50
CA LEU B 264 -8.94 34.58 12.25
C LEU B 264 -10.44 34.68 12.00
N HIS B 265 -10.93 33.77 11.16
CA HIS B 265 -12.35 33.70 10.82
C HIS B 265 -12.53 32.32 10.21
N CYS B 266 -13.31 31.46 10.85
CA CYS B 266 -13.58 30.17 10.23
C CYS B 266 -14.54 30.34 9.06
N LEU B 267 -14.31 29.58 8.00
CA LEU B 267 -15.06 29.90 6.80
C LEU B 267 -16.43 29.21 6.80
N PRO B 268 -17.44 29.76 6.12
CA PRO B 268 -17.41 30.92 5.22
C PRO B 268 -17.47 32.27 5.94
N ALA B 269 -16.93 33.29 5.28
CA ALA B 269 -17.02 34.68 5.73
C ALA B 269 -17.94 35.45 4.79
N HIS B 270 -18.74 36.34 5.36
CA HIS B 270 -19.60 37.23 4.59
C HIS B 270 -18.91 38.59 4.52
N ARG B 271 -18.13 38.78 3.46
CA ARG B 271 -17.35 40.00 3.30
C ARG B 271 -18.25 41.23 3.26
N GLY B 272 -17.90 42.25 4.04
CA GLY B 272 -18.71 43.43 4.17
C GLY B 272 -19.65 43.42 5.36
N ASP B 273 -19.90 42.25 5.95
CA ASP B 273 -20.70 42.14 7.17
C ASP B 273 -19.78 42.15 8.39
N GLU B 274 -19.46 40.95 8.92
CA GLU B 274 -18.65 40.87 10.14
C GLU B 274 -17.17 41.15 9.90
N ILE B 275 -16.73 41.20 8.64
CA ILE B 275 -15.33 41.41 8.32
C ILE B 275 -15.28 42.09 6.95
N THR B 276 -14.28 42.95 6.77
CA THR B 276 -14.15 43.68 5.52
C THR B 276 -13.10 43.02 4.62
N ASP B 277 -13.17 43.35 3.33
CA ASP B 277 -12.19 42.85 2.37
C ASP B 277 -10.77 43.26 2.79
N ALA B 278 -10.58 44.52 3.19
CA ALA B 278 -9.25 45.01 3.54
C ALA B 278 -8.64 44.21 4.71
N VAL B 279 -9.46 43.76 5.63
CA VAL B 279 -8.93 42.93 6.75
C VAL B 279 -8.71 41.49 6.29
N MET B 280 -9.64 40.94 5.50
CA MET B 280 -9.56 39.53 5.07
C MET B 280 -8.39 39.30 4.10
N ASP B 281 -8.09 40.29 3.26
CA ASP B 281 -7.03 40.11 2.25
C ASP B 281 -5.74 40.82 2.67
N GLY B 282 -5.70 41.42 3.85
CA GLY B 282 -4.53 42.13 4.28
C GLY B 282 -3.49 41.25 4.93
N PRO B 283 -2.38 41.85 5.38
CA PRO B 283 -1.26 41.05 5.91
C PRO B 283 -1.52 40.43 7.27
N ALA B 284 -2.50 40.92 8.03
CA ALA B 284 -2.80 40.30 9.32
C ALA B 284 -3.64 39.05 9.17
N SER B 285 -4.27 38.84 8.02
CA SER B 285 -5.20 37.73 7.85
C SER B 285 -4.44 36.41 7.86
N ALA B 286 -4.88 35.48 8.72
CA ALA B 286 -4.39 34.11 8.68
C ALA B 286 -5.51 33.13 8.32
N VAL B 287 -6.54 33.63 7.63
CA VAL B 287 -7.77 32.84 7.41
C VAL B 287 -7.50 31.63 6.51
N TRP B 288 -6.55 31.72 5.58
CA TRP B 288 -6.36 30.59 4.66
C TRP B 288 -5.52 29.48 5.29
N ASP B 289 -4.44 29.84 6.00
CA ASP B 289 -3.72 28.84 6.78
C ASP B 289 -4.64 28.19 7.80
N GLU B 290 -5.50 29.00 8.45
CA GLU B 290 -6.45 28.50 9.42
C GLU B 290 -7.35 27.43 8.81
N ALA B 291 -7.88 27.70 7.61
CA ALA B 291 -8.73 26.72 6.96
C ALA B 291 -7.96 25.45 6.65
N GLU B 292 -6.74 25.57 6.13
CA GLU B 292 -5.94 24.37 5.85
C GLU B 292 -5.66 23.56 7.11
N ASN B 293 -5.38 24.22 8.23
CA ASN B 293 -4.99 23.54 9.47
C ASN B 293 -6.14 22.77 10.12
N ARG B 294 -7.38 22.99 9.71
CA ARG B 294 -8.44 22.10 10.15
C ARG B 294 -8.12 20.64 9.78
N LEU B 295 -7.56 20.43 8.58
CA LEU B 295 -7.15 19.09 8.15
C LEU B 295 -6.14 18.47 9.12
N HIS B 296 -5.07 19.22 9.42
CA HIS B 296 -3.99 18.70 10.25
C HIS B 296 -4.42 18.55 11.70
N ALA B 297 -5.18 19.51 12.23
CA ALA B 297 -5.56 19.45 13.64
C ALA B 297 -6.54 18.32 13.91
N GLN B 298 -7.50 18.10 13.00
CA GLN B 298 -8.46 17.01 13.19
C GLN B 298 -7.77 15.64 13.06
N LYS B 299 -6.78 15.52 12.17
CA LYS B 299 -5.99 14.30 12.08
C LYS B 299 -5.23 14.07 13.39
N ALA B 300 -4.63 15.12 13.94
CA ALA B 300 -3.89 14.98 15.19
C ALA B 300 -4.80 14.56 16.32
N LEU B 301 -5.97 15.18 16.43
CA LEU B 301 -6.96 14.78 17.43
C LEU B 301 -7.28 13.30 17.31
N LEU B 302 -7.55 12.83 16.09
CA LEU B 302 -7.91 11.43 15.90
C LEU B 302 -6.76 10.50 16.30
N VAL B 303 -5.54 10.82 15.84
CA VAL B 303 -4.36 10.01 16.19
C VAL B 303 -4.23 9.95 17.71
N TRP B 304 -4.38 11.08 18.37
CA TRP B 304 -4.21 11.14 19.82
C TRP B 304 -5.28 10.32 20.55
N LEU B 305 -6.55 10.50 20.16
CA LEU B 305 -7.62 9.76 20.82
C LEU B 305 -7.48 8.25 20.59
N LEU B 306 -7.03 7.86 19.39
CA LEU B 306 -6.95 6.44 19.06
C LEU B 306 -5.85 5.75 19.85
N GLU B 307 -4.71 6.41 20.07
CA GLU B 307 -3.66 5.76 20.84
C GLU B 307 -3.99 5.71 22.32
N ARG B 308 -4.82 6.62 22.81
CA ARG B 308 -5.25 6.63 24.21
C ARG B 308 -6.43 5.73 24.49
N SER B 309 -7.00 5.11 23.46
CA SER B 309 -8.27 4.39 23.62
C SER B 309 -8.19 2.99 23.03
N VAL C 3 4.03 27.40 -13.71
CA VAL C 3 2.89 27.62 -14.59
C VAL C 3 1.84 26.49 -14.52
N ILE C 4 0.68 26.82 -13.96
CA ILE C 4 -0.37 25.83 -13.71
C ILE C 4 -1.22 25.70 -14.98
N ARG C 5 -1.43 24.47 -15.42
CA ARG C 5 -2.20 24.20 -16.62
C ARG C 5 -3.63 23.81 -16.26
N HIS C 6 -4.58 24.27 -17.06
CA HIS C 6 -5.98 23.90 -16.88
C HIS C 6 -6.50 23.23 -18.15
N PHE C 7 -7.67 22.59 -18.03
CA PHE C 7 -8.34 21.99 -19.19
C PHE C 7 -9.83 22.36 -19.09
N LEU C 8 -10.16 23.54 -19.62
CA LEU C 8 -11.51 24.07 -19.60
C LEU C 8 -12.23 23.88 -20.91
N ARG C 9 -11.49 23.66 -21.99
CA ARG C 9 -12.01 23.50 -23.34
C ARG C 9 -10.94 22.80 -24.16
N ASP C 10 -11.37 22.12 -25.22
CA ASP C 10 -10.50 21.19 -25.97
C ASP C 10 -9.20 21.77 -26.51
N ASP C 11 -9.27 23.01 -26.97
CA ASP C 11 -8.09 23.63 -27.55
C ASP C 11 -7.15 24.23 -26.49
N ASP C 12 -7.42 24.01 -25.20
CA ASP C 12 -6.43 24.30 -24.17
C ASP C 12 -5.19 23.42 -24.31
N LEU C 13 -5.30 22.28 -25.00
CA LEU C 13 -4.15 21.48 -25.41
C LEU C 13 -3.78 21.82 -26.85
N SER C 14 -2.49 22.02 -27.11
CA SER C 14 -2.05 22.13 -28.48
C SER C 14 -2.18 20.76 -29.17
N PRO C 15 -2.12 20.72 -30.50
CA PRO C 15 -2.09 19.40 -31.18
C PRO C 15 -1.06 18.44 -30.61
N ALA C 16 0.18 18.92 -30.36
CA ALA C 16 1.20 18.04 -29.79
C ALA C 16 0.84 17.60 -28.37
N GLU C 17 0.30 18.50 -27.55
CA GLU C 17 -0.07 18.12 -26.19
C GLU C 17 -1.22 17.14 -26.18
N GLN C 18 -2.22 17.36 -27.05
CA GLN C 18 -3.32 16.41 -27.15
C GLN C 18 -2.81 15.02 -27.49
N ALA C 19 -1.82 14.94 -28.39
CA ALA C 19 -1.27 13.63 -28.76
C ALA C 19 -0.59 12.97 -27.55
N GLU C 20 0.08 13.76 -26.71
CA GLU C 20 0.69 13.19 -25.50
C GLU C 20 -0.37 12.63 -24.56
N VAL C 21 -1.47 13.36 -24.35
CA VAL C 21 -2.51 12.86 -23.45
C VAL C 21 -3.14 11.58 -24.00
N LEU C 22 -3.41 11.54 -25.31
CA LEU C 22 -4.04 10.36 -25.87
C LEU C 22 -3.13 9.13 -25.82
N GLU C 23 -1.82 9.34 -26.00
CA GLU C 23 -0.90 8.21 -25.86
C GLU C 23 -0.88 7.72 -24.41
N LEU C 24 -0.89 8.65 -23.46
CA LEU C 24 -0.94 8.28 -22.06
C LEU C 24 -2.23 7.53 -21.70
N ALA C 25 -3.35 7.90 -22.34
CA ALA C 25 -4.58 7.17 -22.10
C ALA C 25 -4.48 5.72 -22.58
N ALA C 26 -3.83 5.49 -23.72
CA ALA C 26 -3.57 4.11 -24.17
C ALA C 26 -2.66 3.35 -23.21
N GLU C 27 -1.61 4.00 -22.69
CA GLU C 27 -0.72 3.33 -21.74
C GLU C 27 -1.43 2.99 -20.43
N LEU C 28 -2.30 3.89 -19.95
CA LEU C 28 -3.05 3.64 -18.71
C LEU C 28 -4.12 2.58 -18.89
N LYS C 29 -4.71 2.48 -20.09
CA LYS C 29 -5.62 1.38 -20.35
C LYS C 29 -4.92 0.04 -20.21
N LYS C 30 -3.66 -0.04 -20.64
CA LYS C 30 -2.90 -1.29 -20.53
C LYS C 30 -2.46 -1.54 -19.10
N ASP C 31 -2.09 -0.50 -18.36
CA ASP C 31 -1.49 -0.63 -17.03
C ASP C 31 -2.16 0.37 -16.10
N PRO C 32 -3.36 0.06 -15.60
CA PRO C 32 -4.21 1.11 -15.00
C PRO C 32 -3.76 1.62 -13.65
N VAL C 33 -2.87 0.94 -12.93
CA VAL C 33 -2.39 1.40 -11.63
C VAL C 33 -0.88 1.64 -11.61
N SER C 34 -0.26 1.81 -12.79
CA SER C 34 1.17 2.05 -12.85
C SER C 34 1.54 3.52 -12.62
N ARG C 35 0.59 4.45 -12.70
CA ARG C 35 0.85 5.87 -12.47
C ARG C 35 0.21 6.28 -11.16
N ARG C 36 1.02 6.73 -10.21
CA ARG C 36 0.54 7.07 -8.87
C ARG C 36 0.97 8.48 -8.46
N PRO C 37 0.64 9.50 -9.25
CA PRO C 37 1.00 10.87 -8.84
C PRO C 37 0.20 11.35 -7.63
N LEU C 38 -0.89 10.68 -7.26
CA LEU C 38 -1.68 11.11 -6.11
C LEU C 38 -1.51 10.17 -4.91
N GLN C 39 -0.47 9.32 -4.92
CA GLN C 39 -0.21 8.43 -3.80
C GLN C 39 -0.13 9.22 -2.49
N GLY C 40 -0.69 8.63 -1.42
CA GLY C 40 -0.74 9.30 -0.15
C GLY C 40 -1.81 8.75 0.78
N PRO C 41 -3.08 9.02 0.48
CA PRO C 41 -3.60 9.68 -0.73
C PRO C 41 -3.54 11.21 -0.68
N ARG C 42 -3.26 11.82 -1.82
CA ARG C 42 -3.57 13.22 -2.03
C ARG C 42 -5.02 13.36 -2.46
N GLY C 43 -5.63 14.51 -2.17
CA GLY C 43 -7.01 14.73 -2.56
C GLY C 43 -7.18 15.33 -3.96
N VAL C 44 -8.36 15.08 -4.53
CA VAL C 44 -8.84 15.77 -5.73
C VAL C 44 -10.30 16.14 -5.48
N ALA C 45 -10.63 17.43 -5.58
CA ALA C 45 -12.02 17.84 -5.43
C ALA C 45 -12.80 17.56 -6.71
N VAL C 46 -13.99 16.98 -6.59
CA VAL C 46 -14.86 16.70 -7.73
C VAL C 46 -16.21 17.34 -7.40
N ILE C 47 -16.50 18.48 -8.04
CA ILE C 47 -17.57 19.37 -7.58
C ILE C 47 -18.64 19.44 -8.66
N PHE C 48 -19.90 19.29 -8.25
CA PHE C 48 -21.04 19.28 -9.18
C PHE C 48 -22.00 20.41 -8.82
N ASP C 49 -22.12 21.40 -9.72
CA ASP C 49 -23.23 22.35 -9.60
C ASP C 49 -24.55 21.71 -10.00
N LYS C 50 -24.49 20.68 -10.84
CA LYS C 50 -25.61 19.81 -11.13
C LYS C 50 -25.05 18.40 -11.22
N ASN C 51 -25.72 17.45 -10.60
CA ASN C 51 -25.18 16.11 -10.50
C ASN C 51 -25.08 15.47 -11.87
N SER C 52 -24.05 14.63 -12.02
CA SER C 52 -23.93 13.73 -13.16
C SER C 52 -23.31 12.44 -12.63
N THR C 53 -24.13 11.39 -12.53
CA THR C 53 -23.69 10.13 -11.94
C THR C 53 -22.53 9.52 -12.72
N ARG C 54 -22.62 9.50 -14.05
CA ARG C 54 -21.58 8.86 -14.84
C ARG C 54 -20.27 9.63 -14.74
N THR C 55 -20.37 10.97 -14.69
CA THR C 55 -19.16 11.77 -14.51
C THR C 55 -18.51 11.47 -13.15
N ARG C 56 -19.32 11.42 -12.09
CA ARG C 56 -18.74 11.18 -10.76
C ARG C 56 -18.15 9.78 -10.68
N PHE C 57 -18.90 8.77 -11.14
CA PHE C 57 -18.45 7.39 -11.20
C PHE C 57 -17.05 7.29 -11.80
N SER C 58 -16.90 7.79 -13.03
CA SER C 58 -15.64 7.61 -13.76
C SER C 58 -14.49 8.38 -13.09
N PHE C 59 -14.74 9.61 -12.65
CA PHE C 59 -13.67 10.36 -12.01
C PHE C 59 -13.31 9.76 -10.65
N GLU C 60 -14.30 9.35 -9.85
CA GLU C 60 -14.02 8.82 -8.51
C GLU C 60 -13.15 7.56 -8.59
N LEU C 61 -13.48 6.65 -9.49
CA LEU C 61 -12.69 5.44 -9.65
C LEU C 61 -11.31 5.76 -10.25
N GLY C 62 -11.26 6.62 -11.26
CA GLY C 62 -9.98 6.95 -11.87
C GLY C 62 -9.03 7.59 -10.89
N ILE C 63 -9.52 8.49 -10.05
CA ILE C 63 -8.68 9.14 -9.06
C ILE C 63 -8.13 8.13 -8.06
N ALA C 64 -8.96 7.19 -7.60
CA ALA C 64 -8.45 6.15 -6.70
C ALA C 64 -7.34 5.32 -7.35
N GLN C 65 -7.47 5.04 -8.66
CA GLN C 65 -6.46 4.25 -9.35
C GLN C 65 -5.17 5.03 -9.58
N LEU C 66 -5.19 6.35 -9.44
CA LEU C 66 -3.96 7.13 -9.41
C LEU C 66 -3.39 7.23 -8.01
N GLY C 67 -3.97 6.49 -7.05
CA GLY C 67 -3.55 6.54 -5.67
C GLY C 67 -4.23 7.58 -4.81
N GLY C 68 -5.10 8.41 -5.39
CA GLY C 68 -5.64 9.54 -4.67
C GLY C 68 -6.96 9.22 -4.00
N HIS C 69 -7.56 10.25 -3.41
CA HIS C 69 -8.90 10.16 -2.84
C HIS C 69 -9.77 11.30 -3.36
N ALA C 70 -10.81 10.96 -4.12
CA ALA C 70 -11.73 11.98 -4.62
C ALA C 70 -12.66 12.45 -3.51
N VAL C 71 -12.71 13.75 -3.26
CA VAL C 71 -13.73 14.31 -2.38
C VAL C 71 -14.82 14.88 -3.27
N VAL C 72 -15.98 14.24 -3.26
CA VAL C 72 -17.10 14.60 -4.12
C VAL C 72 -18.01 15.56 -3.36
N VAL C 73 -18.36 16.66 -3.99
CA VAL C 73 -19.27 17.67 -3.45
C VAL C 73 -20.42 17.79 -4.44
N ASP C 74 -21.61 17.32 -4.05
CA ASP C 74 -22.77 17.27 -4.93
C ASP C 74 -23.56 18.58 -4.88
N SER C 75 -24.60 18.65 -5.72
CA SER C 75 -25.35 19.89 -5.88
C SER C 75 -26.17 20.23 -4.64
N GLY C 76 -26.50 19.25 -3.79
CA GLY C 76 -27.21 19.56 -2.56
C GLY C 76 -26.48 20.54 -1.68
N SER C 77 -25.15 20.52 -1.71
CA SER C 77 -24.34 21.51 -1.03
C SER C 77 -24.52 22.88 -1.68
N THR C 78 -24.55 23.92 -0.85
CA THR C 78 -24.77 25.28 -1.32
C THR C 78 -23.90 25.60 -2.54
N GLN C 79 -24.57 25.95 -3.65
CA GLN C 79 -23.89 26.21 -4.91
C GLN C 79 -22.72 27.16 -4.74
N LEU C 80 -21.60 26.86 -5.40
CA LEU C 80 -20.44 27.73 -5.33
C LEU C 80 -20.80 29.10 -5.90
N GLY C 81 -20.41 30.15 -5.17
CA GLY C 81 -20.78 31.50 -5.49
C GLY C 81 -21.87 32.08 -4.61
N ARG C 82 -22.53 31.25 -3.79
CA ARG C 82 -23.66 31.71 -3.00
C ARG C 82 -23.25 32.18 -1.60
N ASP C 83 -22.65 31.30 -0.82
CA ASP C 83 -22.17 31.65 0.51
C ASP C 83 -20.74 32.17 0.51
N GLU C 84 -20.15 32.35 -0.67
CA GLU C 84 -18.71 32.53 -0.79
C GLU C 84 -18.31 32.84 -2.23
N THR C 85 -17.35 33.74 -2.43
CA THR C 85 -16.87 34.04 -3.78
C THR C 85 -16.09 32.87 -4.35
N LEU C 86 -16.16 32.72 -5.68
CA LEU C 86 -15.36 31.68 -6.35
C LEU C 86 -13.89 31.84 -6.02
N GLN C 87 -13.42 33.08 -5.91
CA GLN C 87 -12.00 33.30 -5.61
C GLN C 87 -11.64 32.76 -4.23
N ASP C 88 -12.52 32.97 -3.22
CA ASP C 88 -12.25 32.40 -1.91
C ASP C 88 -12.21 30.87 -1.96
N THR C 89 -13.16 30.27 -2.69
CA THR C 89 -13.21 28.81 -2.80
C THR C 89 -11.94 28.25 -3.42
N ALA C 90 -11.52 28.84 -4.56
CA ALA C 90 -10.29 28.39 -5.22
C ALA C 90 -9.10 28.45 -4.28
N LYS C 91 -9.04 29.50 -3.48
CA LYS C 91 -7.94 29.73 -2.56
C LYS C 91 -7.85 28.61 -1.50
N VAL C 92 -8.99 28.22 -0.94
CA VAL C 92 -8.95 27.19 0.09
C VAL C 92 -8.76 25.81 -0.54
N LEU C 93 -9.47 25.54 -1.65
CA LEU C 93 -9.32 24.24 -2.30
C LEU C 93 -7.86 23.96 -2.66
N SER C 94 -7.14 25.01 -3.06
CA SER C 94 -5.73 24.86 -3.42
C SER C 94 -4.87 24.39 -2.26
N ARG C 95 -5.31 24.61 -1.02
CA ARG C 95 -4.60 24.07 0.14
C ARG C 95 -4.96 22.62 0.45
N TYR C 96 -6.10 22.13 -0.04
CA TYR C 96 -6.60 20.82 0.34
C TYR C 96 -6.33 19.74 -0.70
N VAL C 97 -6.37 20.09 -1.99
CA VAL C 97 -6.37 19.09 -3.06
C VAL C 97 -5.35 19.49 -4.12
N ASP C 98 -5.00 18.52 -4.96
CA ASP C 98 -3.97 18.69 -5.99
C ASP C 98 -4.57 19.02 -7.36
N ALA C 99 -5.89 18.91 -7.49
CA ALA C 99 -6.61 19.27 -8.71
C ALA C 99 -8.08 19.49 -8.32
N ILE C 100 -8.76 20.28 -9.14
CA ILE C 100 -10.18 20.58 -8.98
C ILE C 100 -10.89 20.16 -10.26
N VAL C 101 -11.79 19.20 -10.16
CA VAL C 101 -12.63 18.76 -11.27
C VAL C 101 -14.01 19.32 -10.99
N TRP C 102 -14.56 20.08 -11.94
CA TRP C 102 -15.76 20.87 -11.70
C TRP C 102 -16.75 20.71 -12.85
N ARG C 103 -18.00 20.35 -12.53
CA ARG C 103 -19.11 20.36 -13.48
C ARG C 103 -19.93 21.62 -13.18
N THR C 104 -19.94 22.56 -14.11
CA THR C 104 -20.71 23.78 -13.87
C THR C 104 -21.39 24.19 -15.16
N PHE C 105 -21.86 25.45 -15.22
CA PHE C 105 -22.74 25.88 -16.28
C PHE C 105 -21.97 26.81 -17.19
N GLY C 106 -21.97 28.12 -16.95
CA GLY C 106 -21.34 29.06 -17.86
C GLY C 106 -19.83 29.02 -17.78
N GLN C 107 -19.20 29.30 -18.92
CA GLN C 107 -17.76 29.18 -19.03
C GLN C 107 -17.03 30.23 -18.20
N GLU C 108 -17.65 31.37 -17.93
CA GLU C 108 -17.00 32.41 -17.12
C GLU C 108 -16.68 31.90 -15.72
N ARG C 109 -17.50 31.01 -15.16
CA ARG C 109 -17.22 30.48 -13.83
C ARG C 109 -15.94 29.64 -13.84
N LEU C 110 -15.79 28.76 -14.83
CA LEU C 110 -14.56 28.00 -14.99
C LEU C 110 -13.37 28.91 -15.12
N ASP C 111 -13.48 29.92 -15.98
CA ASP C 111 -12.40 30.89 -16.17
C ASP C 111 -12.02 31.56 -14.85
N ALA C 112 -13.02 32.02 -14.09
CA ALA C 112 -12.71 32.69 -12.82
C ALA C 112 -12.00 31.76 -11.85
N MET C 113 -12.45 30.50 -11.79
CA MET C 113 -11.82 29.53 -10.91
C MET C 113 -10.36 29.29 -11.29
N ALA C 114 -10.11 28.99 -12.57
CA ALA C 114 -8.76 28.70 -13.05
C ALA C 114 -7.85 29.92 -12.98
N SER C 115 -8.41 31.13 -13.01
CA SER C 115 -7.60 32.33 -12.99
C SER C 115 -6.89 32.51 -11.66
N VAL C 116 -7.42 31.96 -10.57
CA VAL C 116 -6.83 32.15 -9.26
C VAL C 116 -6.37 30.86 -8.60
N ALA C 117 -6.90 29.69 -8.98
CA ALA C 117 -6.47 28.44 -8.35
C ALA C 117 -5.00 28.18 -8.68
N THR C 118 -4.27 27.64 -7.70
CA THR C 118 -2.87 27.27 -7.93
C THR C 118 -2.71 25.76 -8.15
N VAL C 119 -3.79 25.07 -8.47
CA VAL C 119 -3.76 23.67 -8.89
C VAL C 119 -4.57 23.58 -10.17
N PRO C 120 -4.38 22.53 -10.97
CA PRO C 120 -5.11 22.40 -12.22
C PRO C 120 -6.61 22.31 -12.03
N VAL C 121 -7.35 23.00 -12.90
CA VAL C 121 -8.81 22.98 -12.92
C VAL C 121 -9.25 22.27 -14.20
N ILE C 122 -10.14 21.30 -14.06
CA ILE C 122 -10.64 20.50 -15.18
C ILE C 122 -12.13 20.73 -15.34
N ASN C 123 -12.56 21.01 -16.56
CA ASN C 123 -13.99 21.08 -16.88
C ASN C 123 -14.48 19.65 -17.08
N ALA C 124 -15.22 19.13 -16.12
CA ALA C 124 -15.76 17.76 -16.23
C ALA C 124 -16.90 17.70 -17.25
N LEU C 125 -17.64 18.79 -17.40
CA LEU C 125 -18.82 18.91 -18.30
C LEU C 125 -19.37 20.30 -18.02
N SER C 126 -19.65 21.07 -19.06
CA SER C 126 -20.17 22.44 -18.92
C SER C 126 -21.28 22.69 -19.95
N ASP C 127 -21.92 23.84 -19.88
CA ASP C 127 -22.93 24.16 -20.88
C ASP C 127 -22.31 24.23 -22.28
N GLU C 128 -21.08 24.76 -22.38
CA GLU C 128 -20.52 25.06 -23.68
C GLU C 128 -19.60 23.97 -24.23
N PHE C 129 -18.94 23.19 -23.37
CA PHE C 129 -17.99 22.17 -23.83
C PHE C 129 -18.13 20.89 -23.01
N HIS C 130 -17.68 19.78 -23.60
CA HIS C 130 -17.62 18.51 -22.87
C HIS C 130 -16.26 17.90 -23.22
N PRO C 131 -15.17 18.56 -22.83
CA PRO C 131 -13.86 18.21 -23.45
C PRO C 131 -13.29 16.86 -22.99
N CYS C 132 -13.60 16.39 -21.78
CA CYS C 132 -13.10 15.07 -21.37
C CYS C 132 -13.74 13.95 -22.18
N GLN C 133 -15.04 14.07 -22.46
CA GLN C 133 -15.72 13.08 -23.30
C GLN C 133 -15.12 13.02 -24.70
N VAL C 134 -14.70 14.15 -25.26
CA VAL C 134 -14.13 14.10 -26.60
C VAL C 134 -12.74 13.47 -26.58
N LEU C 135 -11.99 13.62 -25.48
CA LEU C 135 -10.75 12.87 -25.37
C LEU C 135 -11.02 11.37 -25.37
N ALA C 136 -12.07 10.94 -24.66
CA ALA C 136 -12.45 9.53 -24.69
C ALA C 136 -12.83 9.11 -26.11
N ASP C 137 -13.56 9.98 -26.84
CA ASP C 137 -13.93 9.69 -28.22
C ASP C 137 -12.69 9.51 -29.10
N LEU C 138 -11.74 10.44 -28.99
CA LEU C 138 -10.53 10.37 -29.81
C LEU C 138 -9.70 9.12 -29.49
N GLN C 139 -9.63 8.73 -28.21
CA GLN C 139 -8.95 7.48 -27.87
C GLN C 139 -9.66 6.29 -28.52
N THR C 140 -10.99 6.30 -28.50
CA THR C 140 -11.76 5.21 -29.11
C THR C 140 -11.54 5.14 -30.61
N ILE C 141 -11.59 6.30 -31.29
CA ILE C 141 -11.37 6.32 -32.74
C ILE C 141 -9.98 5.78 -33.07
N ALA C 142 -8.95 6.26 -32.35
CA ALA C 142 -7.58 5.78 -32.61
C ALA C 142 -7.48 4.26 -32.44
N GLU C 143 -8.13 3.71 -31.42
CA GLU C 143 -8.16 2.25 -31.23
C GLU C 143 -8.73 1.52 -32.44
N ARG C 144 -9.83 2.03 -32.98
CA ARG C 144 -10.52 1.35 -34.08
C ARG C 144 -9.93 1.68 -35.45
N LYS C 145 -9.38 2.89 -35.63
CA LYS C 145 -8.97 3.39 -36.93
C LYS C 145 -7.47 3.58 -37.10
N GLY C 146 -6.69 3.65 -36.04
CA GLY C 146 -5.27 3.99 -36.15
C GLY C 146 -5.06 5.50 -36.07
N ALA C 147 -4.42 6.07 -37.09
CA ALA C 147 -4.10 7.50 -37.06
C ALA C 147 -5.36 8.34 -37.23
N LEU C 148 -5.49 9.38 -36.40
CA LEU C 148 -6.65 10.28 -36.47
C LEU C 148 -6.56 11.27 -37.61
N ARG C 149 -5.33 11.67 -37.94
CA ARG C 149 -5.11 12.72 -38.98
C ARG C 149 -5.80 12.38 -40.30
N GLY C 150 -6.60 13.31 -40.78
CA GLY C 150 -7.25 13.13 -42.07
C GLY C 150 -8.58 12.38 -42.06
N LEU C 151 -8.99 11.81 -40.94
CA LEU C 151 -10.30 11.18 -40.87
C LEU C 151 -11.40 12.22 -41.06
N ARG C 152 -12.57 11.75 -41.48
CA ARG C 152 -13.75 12.60 -41.66
C ARG C 152 -14.79 12.20 -40.61
N LEU C 153 -15.14 13.15 -39.74
CA LEU C 153 -16.10 12.92 -38.66
C LEU C 153 -17.29 13.86 -38.83
N SER C 154 -18.50 13.31 -38.68
CA SER C 154 -19.73 14.08 -38.79
C SER C 154 -20.55 13.92 -37.52
N TYR C 155 -20.96 15.04 -36.93
CA TYR C 155 -21.86 15.06 -35.79
C TYR C 155 -23.25 15.51 -36.25
N PHE C 156 -24.28 14.85 -35.72
CA PHE C 156 -25.66 15.09 -36.15
C PHE C 156 -26.52 15.44 -34.94
N GLY C 157 -27.44 16.39 -35.14
CA GLY C 157 -28.44 16.72 -34.14
C GLY C 157 -28.40 18.18 -33.75
N ASP C 158 -28.26 18.44 -32.45
CA ASP C 158 -28.20 19.81 -31.93
C ASP C 158 -26.77 20.31 -32.07
N GLY C 159 -26.56 21.18 -33.05
CA GLY C 159 -25.21 21.64 -33.33
C GLY C 159 -24.65 22.68 -32.39
N ALA C 160 -25.40 23.10 -31.37
CA ALA C 160 -24.93 24.12 -30.44
C ALA C 160 -24.77 23.58 -29.02
N ASN C 161 -24.80 22.26 -28.83
CA ASN C 161 -24.64 21.74 -27.48
C ASN C 161 -23.16 21.51 -27.24
N ASN C 162 -22.82 21.04 -26.03
CA ASN C 162 -21.42 20.99 -25.62
C ASN C 162 -20.63 19.95 -26.42
N MET C 163 -21.26 18.85 -26.83
CA MET C 163 -20.55 17.85 -27.62
C MET C 163 -20.21 18.33 -29.01
N ALA C 164 -21.14 19.03 -29.67
CA ALA C 164 -20.84 19.60 -30.97
C ALA C 164 -19.65 20.55 -30.89
N HIS C 165 -19.62 21.39 -29.84
CA HIS C 165 -18.53 22.36 -29.71
C HIS C 165 -17.21 21.66 -29.44
N SER C 166 -17.21 20.65 -28.58
CA SER C 166 -15.97 19.95 -28.26
C SER C 166 -15.51 19.07 -29.41
N LEU C 167 -16.44 18.49 -30.17
CA LEU C 167 -16.02 17.70 -31.34
C LEU C 167 -15.39 18.61 -32.40
N LEU C 168 -15.92 19.82 -32.58
CA LEU C 168 -15.27 20.78 -33.44
C LEU C 168 -13.85 21.08 -32.97
N LEU C 169 -13.71 21.55 -31.73
CA LEU C 169 -12.39 22.01 -31.27
C LEU C 169 -11.43 20.85 -31.07
N GLY C 170 -11.88 19.78 -30.43
CA GLY C 170 -10.97 18.66 -30.18
C GLY C 170 -10.68 17.88 -31.45
N GLY C 171 -11.68 17.77 -32.34
CA GLY C 171 -11.46 17.06 -33.58
C GLY C 171 -10.45 17.74 -34.50
N VAL C 172 -10.57 19.06 -34.68
CA VAL C 172 -9.60 19.74 -35.56
C VAL C 172 -8.22 19.78 -34.91
N THR C 173 -8.16 19.77 -33.57
CA THR C 173 -6.86 19.70 -32.89
C THR C 173 -6.15 18.40 -33.25
N ALA C 174 -6.92 17.31 -33.40
CA ALA C 174 -6.37 16.03 -33.82
C ALA C 174 -6.18 15.92 -35.32
N GLY C 175 -6.49 16.95 -36.09
CA GLY C 175 -6.35 16.87 -37.54
C GLY C 175 -7.52 16.22 -38.26
N ILE C 176 -8.69 16.12 -37.61
CA ILE C 176 -9.86 15.48 -38.20
C ILE C 176 -10.70 16.55 -38.90
N HIS C 177 -11.19 16.23 -40.10
CA HIS C 177 -12.16 17.07 -40.81
C HIS C 177 -13.52 16.88 -40.15
N VAL C 178 -14.03 17.91 -39.48
CA VAL C 178 -15.26 17.79 -38.70
C VAL C 178 -16.41 18.47 -39.45
N THR C 179 -17.52 17.76 -39.58
CA THR C 179 -18.76 18.30 -40.10
C THR C 179 -19.82 18.25 -39.00
N VAL C 180 -20.55 19.36 -38.81
CA VAL C 180 -21.70 19.40 -37.94
C VAL C 180 -22.92 19.50 -38.83
N ALA C 181 -23.87 18.57 -38.68
CA ALA C 181 -25.12 18.55 -39.43
C ALA C 181 -26.26 18.84 -38.46
N ALA C 182 -26.90 20.01 -38.62
CA ALA C 182 -27.89 20.47 -37.65
C ALA C 182 -28.90 21.36 -38.36
N PRO C 183 -30.13 21.44 -37.86
CA PRO C 183 -31.12 22.32 -38.49
C PRO C 183 -30.81 23.78 -38.20
N GLU C 184 -31.38 24.66 -39.04
CA GLU C 184 -31.25 26.09 -38.79
C GLU C 184 -31.76 26.43 -37.40
N GLY C 185 -31.11 27.38 -36.75
CA GLY C 185 -31.43 27.76 -35.38
C GLY C 185 -30.71 26.95 -34.31
N PHE C 186 -30.04 25.85 -34.68
CA PHE C 186 -29.29 25.03 -33.73
C PHE C 186 -27.85 24.89 -34.19
N LEU C 187 -27.22 25.99 -34.58
CA LEU C 187 -25.89 25.87 -35.14
C LEU C 187 -24.82 26.18 -34.11
N PRO C 188 -23.58 25.77 -34.33
CA PRO C 188 -22.52 26.04 -33.34
C PRO C 188 -22.39 27.52 -33.05
N ASP C 189 -22.00 27.81 -31.81
CA ASP C 189 -21.65 29.17 -31.40
C ASP C 189 -20.60 29.75 -32.35
N PRO C 190 -20.79 30.97 -32.86
CA PRO C 190 -19.83 31.53 -33.82
C PRO C 190 -18.41 31.64 -33.28
N SER C 191 -18.27 31.90 -31.99
CA SER C 191 -16.92 32.03 -31.42
C SER C 191 -16.20 30.68 -31.45
N VAL C 192 -16.92 29.61 -31.11
CA VAL C 192 -16.35 28.26 -31.14
C VAL C 192 -15.99 27.87 -32.57
N ARG C 193 -16.89 28.15 -33.52
CA ARG C 193 -16.61 27.80 -34.90
C ARG C 193 -15.37 28.54 -35.41
N ALA C 194 -15.21 29.81 -35.05
CA ALA C 194 -14.04 30.55 -35.51
C ALA C 194 -12.76 30.03 -34.87
N ALA C 195 -12.81 29.66 -33.60
CA ALA C 195 -11.64 29.06 -32.95
C ALA C 195 -11.29 27.73 -33.60
N ALA C 196 -12.29 26.91 -33.93
CA ALA C 196 -12.01 25.65 -34.59
C ALA C 196 -11.41 25.87 -35.97
N GLU C 197 -11.93 26.85 -36.71
CA GLU C 197 -11.40 27.14 -38.05
C GLU C 197 -9.95 27.62 -37.97
N ARG C 198 -9.61 28.38 -36.93
CA ARG C 198 -8.24 28.83 -36.77
C ARG C 198 -7.31 27.67 -36.41
N ARG C 199 -7.72 26.83 -35.45
CA ARG C 199 -6.91 25.69 -35.08
C ARG C 199 -6.73 24.72 -36.25
N ALA C 200 -7.75 24.60 -37.10
CA ALA C 200 -7.70 23.68 -38.24
C ALA C 200 -6.63 24.07 -39.26
N GLN C 201 -6.31 25.35 -39.40
CA GLN C 201 -5.29 25.60 -40.39
C GLN C 201 -3.88 25.30 -39.87
N ASP C 202 -3.74 25.00 -38.57
CA ASP C 202 -2.49 24.46 -38.04
C ASP C 202 -2.34 22.96 -38.25
N THR C 203 -3.44 22.22 -38.42
CA THR C 203 -3.42 20.77 -38.42
C THR C 203 -3.80 20.15 -39.76
N GLY C 204 -4.17 20.94 -40.76
CA GLY C 204 -4.68 20.40 -42.00
C GLY C 204 -6.13 19.95 -41.92
N ALA C 205 -6.81 20.22 -40.82
CA ALA C 205 -8.21 19.84 -40.67
C ALA C 205 -9.09 20.85 -41.42
N SER C 206 -10.40 20.72 -41.25
CA SER C 206 -11.36 21.64 -41.84
C SER C 206 -12.63 21.60 -40.99
N VAL C 207 -13.44 22.63 -41.12
CA VAL C 207 -14.73 22.70 -40.43
C VAL C 207 -15.82 22.86 -41.48
N THR C 208 -16.90 22.11 -41.34
CA THR C 208 -18.08 22.23 -42.19
C THR C 208 -19.32 22.25 -41.31
N VAL C 209 -20.30 23.08 -41.65
CA VAL C 209 -21.59 23.09 -40.99
C VAL C 209 -22.66 23.09 -42.08
N THR C 210 -23.60 22.16 -41.99
CA THR C 210 -24.59 22.01 -43.06
C THR C 210 -25.90 21.50 -42.47
N ALA C 211 -26.99 21.80 -43.15
CA ALA C 211 -28.31 21.27 -42.80
C ALA C 211 -28.62 19.98 -43.52
N ASP C 212 -27.69 19.47 -44.31
CA ASP C 212 -27.91 18.33 -45.19
C ASP C 212 -27.26 17.09 -44.59
N ALA C 213 -28.08 16.21 -44.01
CA ALA C 213 -27.59 15.08 -43.22
C ALA C 213 -26.94 14.02 -44.11
N HIS C 214 -27.65 13.62 -45.16
CA HIS C 214 -27.11 12.82 -46.25
C HIS C 214 -25.74 13.26 -46.76
N ALA C 215 -25.55 14.55 -47.01
CA ALA C 215 -24.22 15.00 -47.45
C ALA C 215 -23.19 14.82 -46.33
N ALA C 216 -23.57 15.10 -45.08
CA ALA C 216 -22.63 14.94 -43.98
C ALA C 216 -22.26 13.48 -43.74
N ALA C 217 -23.20 12.56 -43.98
CA ALA C 217 -22.90 11.14 -43.79
C ALA C 217 -22.07 10.55 -44.93
N ALA C 218 -22.23 11.05 -46.16
CA ALA C 218 -21.50 10.49 -47.30
C ALA C 218 -20.00 10.58 -47.08
N GLY C 219 -19.34 9.42 -47.13
CA GLY C 219 -17.90 9.35 -46.97
C GLY C 219 -17.39 9.53 -45.56
N ALA C 220 -18.26 9.66 -44.55
CA ALA C 220 -17.78 9.85 -43.19
C ALA C 220 -17.11 8.57 -42.69
N ASP C 221 -16.02 8.74 -41.92
CA ASP C 221 -15.36 7.64 -41.20
C ASP C 221 -15.92 7.45 -39.79
N VAL C 222 -16.47 8.50 -39.18
CA VAL C 222 -17.00 8.45 -37.82
C VAL C 222 -18.32 9.24 -37.83
N LEU C 223 -19.38 8.63 -37.32
CA LEU C 223 -20.66 9.31 -37.13
C LEU C 223 -20.95 9.43 -35.64
N VAL C 224 -21.34 10.61 -35.20
CA VAL C 224 -21.56 10.89 -33.78
C VAL C 224 -22.92 11.56 -33.60
N THR C 225 -23.60 11.27 -32.50
CA THR C 225 -24.77 12.05 -32.12
C THR C 225 -24.83 12.09 -30.60
N ASP C 226 -25.78 12.87 -30.09
CA ASP C 226 -26.05 12.99 -28.66
C ASP C 226 -27.53 13.27 -28.49
N THR C 227 -27.97 13.28 -27.24
CA THR C 227 -29.38 13.56 -26.97
C THR C 227 -29.77 14.92 -27.54
N TRP C 228 -31.03 15.02 -27.97
CA TRP C 228 -31.51 16.26 -28.59
C TRP C 228 -31.88 17.32 -27.55
N THR C 229 -32.06 16.93 -26.30
CA THR C 229 -32.44 17.85 -25.23
C THR C 229 -31.68 17.49 -23.96
N SER C 230 -31.10 18.48 -23.30
CA SER C 230 -30.61 18.31 -21.94
C SER C 230 -31.70 18.70 -20.95
N MET C 231 -31.49 18.33 -19.68
CA MET C 231 -32.52 18.59 -18.66
C MET C 231 -32.87 20.07 -18.57
N GLY C 232 -31.88 20.95 -18.69
CA GLY C 232 -32.12 22.39 -18.63
C GLY C 232 -32.86 22.96 -19.84
N GLN C 233 -33.08 22.16 -20.89
CA GLN C 233 -33.70 22.70 -22.13
C GLN C 233 -35.14 22.23 -22.25
N GLU C 234 -35.61 21.40 -21.32
CA GLU C 234 -36.97 20.80 -21.45
C GLU C 234 -38.08 21.84 -21.36
N ASN C 235 -37.83 23.00 -20.79
CA ASN C 235 -38.77 24.05 -20.61
C ASN C 235 -38.38 25.27 -21.42
N ASP C 236 -37.58 25.13 -22.48
CA ASP C 236 -37.17 26.29 -23.28
C ASP C 236 -38.22 26.73 -24.30
N GLY C 237 -39.36 26.04 -24.39
CA GLY C 237 -40.44 26.41 -25.28
C GLY C 237 -40.39 25.80 -26.67
N LEU C 238 -39.28 25.19 -27.07
CA LEU C 238 -39.12 24.64 -28.41
C LEU C 238 -39.62 23.20 -28.50
N ASP C 239 -40.23 22.86 -29.65
CA ASP C 239 -40.36 21.47 -30.08
C ASP C 239 -38.97 20.96 -30.41
N ARG C 240 -38.40 20.13 -29.53
CA ARG C 240 -37.05 19.61 -29.69
C ARG C 240 -37.04 18.19 -30.26
N VAL C 241 -38.09 17.81 -30.96
CA VAL C 241 -38.13 16.55 -31.68
C VAL C 241 -38.26 16.79 -33.18
N LYS C 242 -39.27 17.54 -33.62
CA LYS C 242 -39.52 17.69 -35.08
C LYS C 242 -38.27 18.16 -35.84
N PRO C 243 -37.50 19.20 -35.43
CA PRO C 243 -36.39 19.61 -36.28
C PRO C 243 -35.30 18.58 -36.41
N PHE C 244 -35.15 17.66 -35.45
CA PHE C 244 -34.00 16.76 -35.45
C PHE C 244 -34.28 15.42 -36.12
N ARG C 245 -35.54 15.10 -36.42
CA ARG C 245 -35.83 13.81 -37.05
C ARG C 245 -35.02 13.54 -38.31
N PRO C 246 -34.82 14.49 -39.24
CA PRO C 246 -33.97 14.20 -40.41
C PRO C 246 -32.52 13.85 -40.05
N PHE C 247 -32.07 14.16 -38.85
CA PHE C 247 -30.68 13.95 -38.42
C PHE C 247 -30.50 12.71 -37.55
N GLN C 248 -31.51 11.86 -37.43
CA GLN C 248 -31.38 10.63 -36.66
C GLN C 248 -30.29 9.74 -37.26
N LEU C 249 -29.49 9.18 -36.36
CA LEU C 249 -28.49 8.17 -36.77
C LEU C 249 -29.22 6.81 -36.86
N ASN C 250 -29.71 6.45 -38.04
CA ASN C 250 -30.36 5.19 -38.30
C ASN C 250 -29.56 4.42 -39.35
N SER C 251 -30.06 3.23 -39.71
CA SER C 251 -29.33 2.36 -40.62
C SER C 251 -29.14 3.01 -41.99
N ARG C 252 -30.15 3.72 -42.49
CA ARG C 252 -30.05 4.32 -43.82
C ARG C 252 -28.98 5.40 -43.84
N LEU C 253 -28.86 6.16 -42.76
CA LEU C 253 -27.83 7.18 -42.68
C LEU C 253 -26.46 6.54 -42.63
N LEU C 254 -26.32 5.48 -41.82
CA LEU C 254 -25.04 4.79 -41.68
C LEU C 254 -24.60 4.15 -42.98
N ALA C 255 -25.55 3.63 -43.76
CA ALA C 255 -25.17 2.99 -45.03
C ALA C 255 -24.65 4.00 -46.05
N LEU C 256 -24.88 5.30 -45.84
CA LEU C 256 -24.27 6.30 -46.72
C LEU C 256 -22.80 6.51 -46.43
N ALA C 257 -22.33 6.18 -45.23
CA ALA C 257 -20.98 6.52 -44.83
C ALA C 257 -19.98 5.53 -45.44
N ASP C 258 -18.71 5.73 -45.15
CA ASP C 258 -17.71 4.74 -45.51
C ASP C 258 -18.07 3.37 -44.92
N SER C 259 -17.71 2.30 -45.65
CA SER C 259 -18.16 0.98 -45.23
C SER C 259 -17.55 0.52 -43.90
N ASP C 260 -16.40 1.06 -43.49
CA ASP C 260 -15.85 0.75 -42.17
C ASP C 260 -16.04 1.87 -41.17
N ALA C 261 -17.07 2.69 -41.33
CA ALA C 261 -17.31 3.78 -40.39
C ALA C 261 -17.75 3.25 -39.04
N ILE C 262 -17.45 4.02 -37.99
CA ILE C 262 -17.86 3.68 -36.64
C ILE C 262 -18.80 4.76 -36.12
N VAL C 263 -19.57 4.39 -35.10
CA VAL C 263 -20.61 5.23 -34.51
C VAL C 263 -20.27 5.48 -33.06
N LEU C 264 -20.31 6.77 -32.64
CA LEU C 264 -20.13 7.17 -31.26
C LEU C 264 -21.37 7.87 -30.71
N HIS C 265 -21.58 7.74 -29.41
CA HIS C 265 -22.66 8.43 -28.68
C HIS C 265 -22.30 8.39 -27.20
N CYS C 266 -22.10 9.53 -26.56
CA CYS C 266 -21.83 9.43 -25.14
C CYS C 266 -23.11 9.09 -24.39
N LEU C 267 -22.95 8.38 -23.30
CA LEU C 267 -24.14 7.96 -22.57
C LEU C 267 -24.56 9.02 -21.55
N PRO C 268 -25.86 9.17 -21.28
CA PRO C 268 -26.95 8.31 -21.75
C PRO C 268 -27.40 8.55 -23.21
N ALA C 269 -27.97 7.52 -23.81
CA ALA C 269 -28.61 7.61 -25.12
C ALA C 269 -30.09 7.25 -24.97
N HIS C 270 -30.90 7.84 -25.83
CA HIS C 270 -32.34 7.58 -25.88
C HIS C 270 -32.60 6.80 -27.17
N ARG C 271 -32.57 5.47 -27.06
CA ARG C 271 -32.83 4.61 -28.20
C ARG C 271 -34.17 4.97 -28.82
N GLY C 272 -34.21 5.03 -30.15
CA GLY C 272 -35.41 5.41 -30.86
C GLY C 272 -35.50 6.87 -31.22
N ASP C 273 -34.75 7.74 -30.55
CA ASP C 273 -34.80 9.16 -30.90
C ASP C 273 -33.61 9.50 -31.79
N GLU C 274 -32.52 10.00 -31.18
CA GLU C 274 -31.35 10.41 -31.96
C GLU C 274 -30.58 9.23 -32.56
N ILE C 275 -30.79 8.02 -32.06
CA ILE C 275 -30.04 6.86 -32.53
C ILE C 275 -30.97 5.66 -32.44
N THR C 276 -30.86 4.73 -33.40
CA THR C 276 -31.71 3.56 -33.41
C THR C 276 -31.03 2.35 -32.76
N ASP C 277 -31.85 1.35 -32.39
CA ASP C 277 -31.32 0.12 -31.81
C ASP C 277 -30.36 -0.58 -32.77
N ALA C 278 -30.73 -0.67 -34.06
CA ALA C 278 -29.88 -1.39 -35.01
C ALA C 278 -28.49 -0.77 -35.09
N VAL C 279 -28.41 0.55 -35.00
CA VAL C 279 -27.11 1.22 -35.07
C VAL C 279 -26.36 1.10 -33.73
N MET C 280 -27.05 1.33 -32.61
CA MET C 280 -26.43 1.19 -31.28
C MET C 280 -25.79 -0.17 -31.08
N ASP C 281 -26.46 -1.22 -31.56
CA ASP C 281 -26.09 -2.60 -31.27
C ASP C 281 -25.39 -3.31 -32.43
N GLY C 282 -25.24 -2.65 -33.58
CA GLY C 282 -24.63 -3.28 -34.73
C GLY C 282 -23.11 -3.22 -34.67
N PRO C 283 -22.46 -3.77 -35.70
CA PRO C 283 -20.99 -3.86 -35.67
C PRO C 283 -20.27 -2.53 -35.82
N ALA C 284 -20.93 -1.48 -36.30
CA ALA C 284 -20.23 -0.19 -36.37
C ALA C 284 -20.21 0.55 -35.03
N SER C 285 -20.98 0.11 -34.05
CA SER C 285 -21.09 0.87 -32.82
C SER C 285 -19.82 0.75 -31.99
N ALA C 286 -19.31 1.89 -31.52
CA ALA C 286 -18.18 1.92 -30.60
C ALA C 286 -18.58 2.52 -29.26
N VAL C 287 -19.88 2.51 -28.94
CA VAL C 287 -20.38 3.26 -27.79
C VAL C 287 -19.87 2.65 -26.48
N TRP C 288 -19.74 1.31 -26.42
CA TRP C 288 -19.34 0.66 -25.16
C TRP C 288 -17.87 0.87 -24.88
N ASP C 289 -17.02 0.69 -25.89
CA ASP C 289 -15.60 1.03 -25.75
C ASP C 289 -15.43 2.50 -25.38
N GLU C 290 -16.21 3.36 -26.01
CA GLU C 290 -16.18 4.79 -25.72
C GLU C 290 -16.53 5.07 -24.26
N ALA C 291 -17.59 4.45 -23.75
CA ALA C 291 -17.95 4.60 -22.34
C ALA C 291 -16.79 4.19 -21.43
N GLU C 292 -16.20 3.03 -21.70
CA GLU C 292 -15.07 2.55 -20.89
C GLU C 292 -13.88 3.52 -20.96
N ASN C 293 -13.61 4.09 -22.13
CA ASN C 293 -12.42 4.91 -22.31
C ASN C 293 -12.53 6.26 -21.61
N ARG C 294 -13.71 6.65 -21.16
CA ARG C 294 -13.83 7.82 -20.29
C ARG C 294 -12.94 7.67 -19.04
N LEU C 295 -12.93 6.48 -18.45
CA LEU C 295 -12.05 6.23 -17.30
C LEU C 295 -10.58 6.52 -17.65
N HIS C 296 -10.09 5.93 -18.73
CA HIS C 296 -8.66 6.02 -19.06
C HIS C 296 -8.27 7.42 -19.53
N ALA C 297 -9.12 8.05 -20.35
CA ALA C 297 -8.77 9.37 -20.89
C ALA C 297 -8.74 10.43 -19.79
N GLN C 298 -9.68 10.35 -18.83
CA GLN C 298 -9.68 11.30 -17.71
C GLN C 298 -8.48 11.08 -16.78
N LYS C 299 -8.12 9.83 -16.51
CA LYS C 299 -6.88 9.55 -15.76
C LYS C 299 -5.66 10.12 -16.47
N ALA C 300 -5.58 9.93 -17.79
CA ALA C 300 -4.45 10.46 -18.56
C ALA C 300 -4.38 11.98 -18.46
N LEU C 301 -5.52 12.65 -18.63
CA LEU C 301 -5.55 14.10 -18.50
C LEU C 301 -5.07 14.57 -17.13
N LEU C 302 -5.51 13.92 -16.05
CA LEU C 302 -5.06 14.30 -14.72
C LEU C 302 -3.56 14.09 -14.54
N VAL C 303 -3.05 12.92 -14.96
CA VAL C 303 -1.62 12.64 -14.86
C VAL C 303 -0.83 13.72 -15.60
N TRP C 304 -1.27 14.06 -16.80
CA TRP C 304 -0.56 15.02 -17.65
C TRP C 304 -0.57 16.42 -17.04
N LEU C 305 -1.74 16.88 -16.60
CA LEU C 305 -1.83 18.20 -15.98
C LEU C 305 -1.03 18.27 -14.70
N LEU C 306 -1.08 17.23 -13.87
CA LEU C 306 -0.34 17.26 -12.61
C LEU C 306 1.17 17.32 -12.86
N GLU C 307 1.67 16.57 -13.86
CA GLU C 307 3.11 16.57 -14.04
C GLU C 307 3.57 17.90 -14.67
N ARG C 308 2.72 18.52 -15.49
CA ARG C 308 3.06 19.78 -16.16
C ARG C 308 2.98 20.99 -15.24
N SER C 309 2.36 20.87 -14.08
CA SER C 309 2.14 22.01 -13.24
C SER C 309 3.17 22.05 -12.10
N SER D 2 5.28 -7.43 -28.34
CA SER D 2 6.16 -6.46 -28.99
C SER D 2 7.63 -6.80 -28.74
N VAL D 3 8.51 -5.93 -29.22
CA VAL D 3 9.94 -6.17 -29.13
C VAL D 3 10.42 -5.92 -27.70
N ILE D 4 11.29 -6.80 -27.21
CA ILE D 4 11.86 -6.62 -25.87
C ILE D 4 13.10 -5.72 -26.00
N ARG D 5 13.13 -4.63 -25.24
CA ARG D 5 14.24 -3.70 -25.34
C ARG D 5 15.28 -3.98 -24.27
N HIS D 6 16.54 -3.91 -24.66
CA HIS D 6 17.66 -4.08 -23.76
C HIS D 6 18.54 -2.83 -23.75
N PHE D 7 19.40 -2.72 -22.73
CA PHE D 7 20.32 -1.59 -22.63
C PHE D 7 21.68 -2.19 -22.24
N LEU D 8 22.43 -2.63 -23.26
CA LEU D 8 23.72 -3.27 -23.04
C LEU D 8 24.89 -2.32 -23.24
N ARG D 9 24.64 -1.22 -23.94
CA ARG D 9 25.61 -0.19 -24.27
C ARG D 9 24.82 1.08 -24.60
N ASP D 10 25.49 2.22 -24.47
CA ASP D 10 24.83 3.55 -24.54
C ASP D 10 24.04 3.80 -25.83
N ASP D 11 24.57 3.35 -26.95
CA ASP D 11 23.88 3.57 -28.20
C ASP D 11 22.77 2.57 -28.45
N ASP D 12 22.41 1.75 -27.44
CA ASP D 12 21.18 0.97 -27.58
C ASP D 12 19.94 1.86 -27.53
N LEU D 13 20.06 3.09 -26.99
CA LEU D 13 19.01 4.10 -27.13
C LEU D 13 19.34 5.00 -28.32
N SER D 14 18.34 5.28 -29.16
CA SER D 14 18.47 6.28 -30.21
C SER D 14 18.60 7.66 -29.56
N PRO D 15 18.98 8.69 -30.33
CA PRO D 15 19.00 10.04 -29.74
C PRO D 15 17.66 10.45 -29.13
N ALA D 16 16.54 10.18 -29.81
CA ALA D 16 15.24 10.56 -29.26
C ALA D 16 14.89 9.73 -28.03
N GLU D 17 15.23 8.44 -28.05
CA GLU D 17 14.92 7.59 -26.90
C GLU D 17 15.74 8.01 -25.68
N GLN D 18 17.02 8.33 -25.88
CA GLN D 18 17.83 8.79 -24.76
C GLN D 18 17.24 10.07 -24.16
N ALA D 19 16.76 10.98 -25.01
CA ALA D 19 16.12 12.20 -24.51
C ALA D 19 14.90 11.88 -23.65
N GLU D 20 14.10 10.87 -24.05
CA GLU D 20 12.95 10.44 -23.25
C GLU D 20 13.38 9.92 -21.89
N VAL D 21 14.40 9.05 -21.85
CA VAL D 21 14.89 8.51 -20.58
C VAL D 21 15.39 9.63 -19.67
N LEU D 22 16.12 10.59 -20.23
CA LEU D 22 16.68 11.66 -19.39
C LEU D 22 15.58 12.59 -18.88
N GLU D 23 14.56 12.86 -19.70
CA GLU D 23 13.42 13.64 -19.22
C GLU D 23 12.68 12.90 -18.11
N LEU D 24 12.52 11.58 -18.26
CA LEU D 24 11.90 10.78 -17.20
C LEU D 24 12.73 10.82 -15.92
N ALA D 25 14.05 10.81 -16.05
CA ALA D 25 14.91 10.90 -14.86
C ALA D 25 14.65 12.19 -14.07
N ALA D 26 14.47 13.32 -14.77
CA ALA D 26 14.16 14.55 -14.07
C ALA D 26 12.80 14.48 -13.38
N GLU D 27 11.82 13.86 -14.05
CA GLU D 27 10.49 13.73 -13.45
C GLU D 27 10.52 12.86 -12.21
N LEU D 28 11.28 11.76 -12.27
CA LEU D 28 11.40 10.87 -11.12
C LEU D 28 12.17 11.52 -9.97
N LYS D 29 13.17 12.35 -10.28
CA LYS D 29 13.85 13.08 -9.19
C LYS D 29 12.87 13.99 -8.44
N LYS D 30 11.93 14.59 -9.16
CA LYS D 30 10.93 15.46 -8.54
C LYS D 30 9.89 14.64 -7.80
N ASP D 31 9.43 13.53 -8.37
CA ASP D 31 8.32 12.74 -7.83
C ASP D 31 8.75 11.27 -7.77
N PRO D 32 9.51 10.90 -6.73
CA PRO D 32 10.25 9.62 -6.75
C PRO D 32 9.40 8.35 -6.60
N VAL D 33 8.13 8.43 -6.18
CA VAL D 33 7.30 7.24 -6.09
C VAL D 33 6.06 7.35 -6.98
N SER D 34 6.10 8.24 -7.97
CA SER D 34 4.94 8.42 -8.86
C SER D 34 4.87 7.36 -9.95
N ARG D 35 5.91 6.57 -10.17
CA ARG D 35 5.92 5.55 -11.22
C ARG D 35 6.08 4.20 -10.54
N ARG D 36 5.05 3.35 -10.64
CA ARG D 36 5.02 2.08 -9.93
C ARG D 36 4.75 0.90 -10.87
N PRO D 37 5.55 0.76 -11.93
CA PRO D 37 5.35 -0.38 -12.85
C PRO D 37 5.69 -1.72 -12.23
N LEU D 38 6.38 -1.76 -11.09
CA LEU D 38 6.74 -3.02 -10.46
C LEU D 38 5.93 -3.27 -9.18
N GLN D 39 4.85 -2.52 -8.99
CA GLN D 39 3.98 -2.72 -7.83
C GLN D 39 3.49 -4.16 -7.76
N GLY D 40 3.43 -4.70 -6.53
CA GLY D 40 3.02 -6.07 -6.32
C GLY D 40 3.51 -6.67 -5.01
N PRO D 41 4.83 -6.85 -4.88
CA PRO D 41 5.93 -6.48 -5.78
C PRO D 41 6.20 -7.46 -6.93
N ARG D 42 6.52 -6.93 -8.11
CA ARG D 42 7.19 -7.70 -9.15
C ARG D 42 8.69 -7.76 -8.81
N GLY D 43 9.34 -8.82 -9.26
CA GLY D 43 10.77 -8.96 -9.02
C GLY D 43 11.64 -8.34 -10.12
N VAL D 44 12.85 -7.96 -9.74
CA VAL D 44 13.92 -7.60 -10.67
C VAL D 44 15.18 -8.32 -10.19
N ALA D 45 15.83 -9.07 -11.07
CA ALA D 45 17.08 -9.73 -10.68
C ALA D 45 18.23 -8.73 -10.79
N VAL D 46 19.12 -8.73 -9.80
CA VAL D 46 20.31 -7.87 -9.82
C VAL D 46 21.49 -8.80 -9.58
N ILE D 47 22.22 -9.13 -10.64
CA ILE D 47 23.20 -10.22 -10.61
C ILE D 47 24.60 -9.64 -10.77
N PHE D 48 25.54 -10.13 -9.94
CA PHE D 48 26.91 -9.63 -9.91
C PHE D 48 27.89 -10.77 -10.15
N ASP D 49 28.60 -10.72 -11.30
CA ASP D 49 29.73 -11.63 -11.48
C ASP D 49 30.94 -11.14 -10.70
N LYS D 50 31.04 -9.84 -10.46
CA LYS D 50 31.98 -9.25 -9.52
C LYS D 50 31.21 -8.19 -8.74
N ASN D 51 31.35 -8.22 -7.42
CA ASN D 51 30.50 -7.39 -6.56
C ASN D 51 30.80 -5.91 -6.75
N SER D 52 29.75 -5.10 -6.63
CA SER D 52 29.87 -3.64 -6.66
C SER D 52 28.84 -3.10 -5.67
N THR D 53 29.31 -2.71 -4.48
CA THR D 53 28.37 -2.29 -3.42
C THR D 53 27.58 -1.06 -3.85
N ARG D 54 28.22 -0.11 -4.53
CA ARG D 54 27.50 1.09 -4.93
C ARG D 54 26.45 0.77 -5.98
N THR D 55 26.77 -0.14 -6.90
CA THR D 55 25.80 -0.52 -7.93
C THR D 55 24.61 -1.23 -7.28
N ARG D 56 24.88 -2.14 -6.35
CA ARG D 56 23.80 -2.85 -5.66
C ARG D 56 22.94 -1.88 -4.86
N PHE D 57 23.56 -0.99 -4.10
CA PHE D 57 22.85 -0.02 -3.24
C PHE D 57 21.86 0.80 -4.09
N SER D 58 22.34 1.36 -5.18
CA SER D 58 21.49 2.26 -5.96
C SER D 58 20.35 1.50 -6.65
N PHE D 59 20.62 0.31 -7.21
CA PHE D 59 19.55 -0.43 -7.87
C PHE D 59 18.55 -1.00 -6.86
N GLU D 60 19.03 -1.45 -5.71
CA GLU D 60 18.15 -2.02 -4.69
C GLU D 60 17.08 -1.00 -4.26
N LEU D 61 17.50 0.23 -3.95
CA LEU D 61 16.55 1.25 -3.50
C LEU D 61 15.67 1.68 -4.68
N GLY D 62 16.28 1.85 -5.85
CA GLY D 62 15.52 2.31 -7.00
C GLY D 62 14.39 1.37 -7.37
N ILE D 63 14.70 0.07 -7.42
CA ILE D 63 13.67 -0.93 -7.74
C ILE D 63 12.55 -0.90 -6.70
N ALA D 64 12.91 -0.79 -5.42
CA ALA D 64 11.90 -0.70 -4.37
C ALA D 64 11.01 0.52 -4.56
N GLN D 65 11.59 1.65 -4.98
CA GLN D 65 10.79 2.86 -5.16
C GLN D 65 9.91 2.82 -6.40
N LEU D 66 10.13 1.87 -7.30
CA LEU D 66 9.19 1.58 -8.38
C LEU D 66 8.14 0.55 -7.98
N GLY D 67 8.13 0.15 -6.70
CA GLY D 67 7.20 -0.82 -6.18
C GLY D 67 7.70 -2.24 -6.18
N GLY D 68 8.90 -2.51 -6.71
CA GLY D 68 9.36 -3.87 -6.89
C GLY D 68 10.17 -4.39 -5.72
N HIS D 69 10.64 -5.62 -5.86
CA HIS D 69 11.58 -6.23 -4.92
C HIS D 69 12.81 -6.70 -5.69
N ALA D 70 13.96 -6.12 -5.38
CA ALA D 70 15.18 -6.55 -6.04
C ALA D 70 15.67 -7.85 -5.43
N VAL D 71 15.92 -8.86 -6.26
CA VAL D 71 16.51 -10.11 -5.81
C VAL D 71 17.98 -10.08 -6.21
N VAL D 72 18.85 -9.93 -5.21
CA VAL D 72 20.27 -9.72 -5.45
C VAL D 72 21.00 -11.05 -5.39
N VAL D 73 21.81 -11.31 -6.41
CA VAL D 73 22.64 -12.51 -6.47
C VAL D 73 24.09 -12.05 -6.57
N ASP D 74 24.88 -12.33 -5.53
CA ASP D 74 26.24 -11.83 -5.48
C ASP D 74 27.20 -12.84 -6.09
N SER D 75 28.49 -12.50 -6.11
CA SER D 75 29.44 -13.30 -6.86
C SER D 75 29.73 -14.62 -6.16
N GLY D 76 29.65 -14.65 -4.83
CA GLY D 76 29.89 -15.87 -4.08
C GLY D 76 28.80 -16.90 -4.26
N GLN D 79 29.70 -18.97 -10.24
CA GLN D 79 29.54 -17.86 -11.21
C GLN D 79 28.52 -18.25 -12.29
N LEU D 80 27.95 -17.26 -12.98
CA LEU D 80 27.01 -17.55 -14.10
C LEU D 80 27.82 -18.12 -15.27
N GLY D 81 27.28 -19.15 -15.94
CA GLY D 81 28.04 -19.84 -17.00
C GLY D 81 28.68 -21.14 -16.49
N ARG D 82 28.54 -21.46 -15.21
CA ARG D 82 29.24 -22.65 -14.65
C ARG D 82 28.32 -23.86 -14.56
N ASP D 83 27.35 -23.88 -13.63
CA ASP D 83 26.41 -24.99 -13.54
C ASP D 83 25.25 -24.90 -14.53
N GLU D 84 25.25 -23.91 -15.44
CA GLU D 84 24.24 -23.87 -16.50
C GLU D 84 24.61 -22.80 -17.52
N THR D 85 24.09 -22.97 -18.73
CA THR D 85 24.36 -22.03 -19.81
C THR D 85 23.65 -20.71 -19.58
N LEU D 86 24.23 -19.63 -20.12
CA LEU D 86 23.61 -18.30 -19.99
C LEU D 86 22.20 -18.29 -20.56
N GLN D 87 21.98 -19.04 -21.63
CA GLN D 87 20.66 -19.06 -22.23
C GLN D 87 19.64 -19.68 -21.29
N ASP D 88 20.03 -20.73 -20.55
CA ASP D 88 19.11 -21.35 -19.60
C ASP D 88 18.77 -20.40 -18.47
N THR D 89 19.77 -19.71 -17.93
CA THR D 89 19.51 -18.70 -16.90
C THR D 89 18.52 -17.66 -17.39
N ALA D 90 18.67 -17.20 -18.63
CA ALA D 90 17.79 -16.16 -19.16
C ALA D 90 16.35 -16.66 -19.27
N LYS D 91 16.16 -17.92 -19.67
CA LYS D 91 14.81 -18.45 -19.80
C LYS D 91 14.11 -18.54 -18.45
N VAL D 92 14.80 -19.01 -17.41
CA VAL D 92 14.15 -19.14 -16.09
C VAL D 92 13.93 -17.77 -15.46
N LEU D 93 14.95 -16.91 -15.51
CA LEU D 93 14.78 -15.58 -14.91
C LEU D 93 13.59 -14.85 -15.51
N SER D 94 13.39 -15.01 -16.82
CA SER D 94 12.27 -14.39 -17.51
C SER D 94 10.92 -14.82 -16.96
N ARG D 95 10.84 -15.97 -16.28
CA ARG D 95 9.60 -16.40 -15.62
C ARG D 95 9.44 -15.78 -14.23
N TYR D 96 10.53 -15.37 -13.59
CA TYR D 96 10.52 -14.90 -12.21
C TYR D 96 10.48 -13.38 -12.08
N VAL D 97 11.17 -12.66 -12.96
CA VAL D 97 11.40 -11.24 -12.77
C VAL D 97 10.98 -10.50 -14.04
N ASP D 98 10.74 -9.20 -13.89
CA ASP D 98 10.32 -8.35 -15.00
C ASP D 98 11.48 -7.65 -15.70
N ALA D 99 12.70 -7.76 -15.15
CA ALA D 99 13.90 -7.24 -15.79
C ALA D 99 15.11 -7.87 -15.11
N ILE D 100 16.24 -7.86 -15.81
CA ILE D 100 17.48 -8.47 -15.35
C ILE D 100 18.56 -7.41 -15.42
N VAL D 101 19.11 -7.05 -14.26
CA VAL D 101 20.21 -6.09 -14.16
C VAL D 101 21.46 -6.90 -13.84
N TRP D 102 22.53 -6.72 -14.61
CA TRP D 102 23.65 -7.65 -14.58
C TRP D 102 24.98 -6.91 -14.69
N ARG D 103 25.86 -7.12 -13.72
CA ARG D 103 27.24 -6.65 -13.80
C ARG D 103 28.10 -7.84 -14.22
N THR D 104 28.68 -7.77 -15.41
CA THR D 104 29.50 -8.89 -15.85
C THR D 104 30.74 -8.36 -16.57
N PHE D 105 31.42 -9.24 -17.30
CA PHE D 105 32.75 -8.92 -17.81
C PHE D 105 32.62 -8.65 -19.29
N GLY D 106 32.78 -9.66 -20.16
CA GLY D 106 32.82 -9.42 -21.57
C GLY D 106 31.43 -9.21 -22.16
N GLN D 107 31.40 -8.40 -23.22
CA GLN D 107 30.16 -7.98 -23.84
C GLN D 107 29.41 -9.16 -24.45
N GLU D 108 30.13 -10.20 -24.86
CA GLU D 108 29.46 -11.35 -25.48
C GLU D 108 28.52 -12.05 -24.49
N ARG D 109 28.79 -11.93 -23.19
CA ARG D 109 27.90 -12.55 -22.21
C ARG D 109 26.58 -11.81 -22.14
N LEU D 110 26.63 -10.47 -22.14
CA LEU D 110 25.41 -9.67 -22.15
C LEU D 110 24.59 -9.96 -23.39
N ASP D 111 25.23 -10.02 -24.55
CA ASP D 111 24.53 -10.33 -25.79
C ASP D 111 23.83 -11.68 -25.70
N ALA D 112 24.51 -12.68 -25.13
CA ALA D 112 23.94 -14.03 -25.06
C ALA D 112 22.66 -14.04 -24.24
N MET D 113 22.63 -13.29 -23.14
CA MET D 113 21.42 -13.31 -22.33
C MET D 113 20.31 -12.49 -22.98
N ALA D 114 20.64 -11.32 -23.53
CA ALA D 114 19.66 -10.51 -24.21
C ALA D 114 19.13 -11.19 -25.48
N SER D 115 19.88 -12.15 -26.03
CA SER D 115 19.41 -12.81 -27.26
C SER D 115 18.24 -13.75 -27.00
N VAL D 116 18.02 -14.18 -25.76
CA VAL D 116 16.91 -15.10 -25.48
C VAL D 116 15.97 -14.60 -24.39
N ALA D 117 16.39 -13.70 -23.51
CA ALA D 117 15.51 -13.24 -22.45
C ALA D 117 14.26 -12.59 -23.03
N THR D 118 13.12 -12.81 -22.38
CA THR D 118 11.89 -12.14 -22.77
C THR D 118 11.56 -10.98 -21.84
N VAL D 119 12.55 -10.50 -21.09
CA VAL D 119 12.44 -9.31 -20.27
C VAL D 119 13.67 -8.45 -20.54
N PRO D 120 13.60 -7.15 -20.26
CA PRO D 120 14.75 -6.28 -20.52
C PRO D 120 15.99 -6.71 -19.73
N VAL D 121 17.14 -6.66 -20.39
CA VAL D 121 18.44 -6.89 -19.77
C VAL D 121 19.18 -5.55 -19.71
N ILE D 122 19.71 -5.21 -18.54
CA ILE D 122 20.43 -3.95 -18.34
C ILE D 122 21.86 -4.26 -17.94
N ASN D 123 22.82 -3.63 -18.63
CA ASN D 123 24.23 -3.69 -18.27
C ASN D 123 24.46 -2.71 -17.13
N ALA D 124 24.60 -3.22 -15.91
CA ALA D 124 24.83 -2.35 -14.76
C ALA D 124 26.22 -1.71 -14.81
N LEU D 125 27.17 -2.40 -15.43
CA LEU D 125 28.61 -2.11 -15.40
C LEU D 125 29.29 -3.30 -16.05
N SER D 126 30.18 -3.07 -17.02
CA SER D 126 30.89 -4.19 -17.65
C SER D 126 32.31 -3.76 -18.00
N ASP D 127 33.08 -4.71 -18.52
CA ASP D 127 34.46 -4.40 -18.93
C ASP D 127 34.50 -3.27 -19.95
N GLU D 128 33.58 -3.29 -20.91
CA GLU D 128 33.69 -2.38 -22.04
C GLU D 128 32.83 -1.12 -21.88
N PHE D 129 31.74 -1.16 -21.11
CA PHE D 129 30.85 -0.01 -21.02
C PHE D 129 30.37 0.20 -19.60
N HIS D 130 29.96 1.44 -19.32
CA HIS D 130 29.38 1.80 -18.02
C HIS D 130 28.17 2.70 -18.30
N PRO D 131 27.16 2.17 -18.98
CA PRO D 131 26.17 3.06 -19.61
C PRO D 131 25.16 3.67 -18.65
N CYS D 132 24.90 3.06 -17.50
CA CYS D 132 23.98 3.66 -16.51
C CYS D 132 24.61 4.92 -15.87
N GLN D 133 25.90 4.86 -15.61
CA GLN D 133 26.58 6.03 -14.99
C GLN D 133 26.61 7.21 -15.97
N VAL D 134 26.77 6.92 -17.25
CA VAL D 134 26.75 8.01 -18.25
C VAL D 134 25.36 8.63 -18.29
N LEU D 135 24.30 7.82 -18.18
CA LEU D 135 22.98 8.44 -18.08
C LEU D 135 22.90 9.39 -16.88
N ALA D 136 23.43 8.96 -15.72
CA ALA D 136 23.48 9.83 -14.55
C ALA D 136 24.29 11.09 -14.82
N ASP D 137 25.43 10.96 -15.51
CA ASP D 137 26.23 12.12 -15.91
C ASP D 137 25.43 13.07 -16.79
N LEU D 138 24.71 12.55 -17.77
CA LEU D 138 23.96 13.42 -18.68
C LEU D 138 22.83 14.13 -17.96
N GLN D 139 22.15 13.44 -17.03
CA GLN D 139 21.14 14.10 -16.21
C GLN D 139 21.74 15.24 -15.40
N THR D 140 22.93 15.00 -14.84
CA THR D 140 23.59 16.03 -14.02
C THR D 140 23.99 17.23 -14.88
N ILE D 141 24.52 16.99 -16.07
CA ILE D 141 24.91 18.08 -16.97
C ILE D 141 23.67 18.89 -17.35
N ALA D 142 22.58 18.20 -17.70
CA ALA D 142 21.36 18.90 -18.10
C ALA D 142 20.83 19.78 -16.96
N GLU D 143 20.93 19.29 -15.71
CA GLU D 143 20.53 20.07 -14.53
C GLU D 143 21.29 21.38 -14.43
N ARG D 144 22.61 21.33 -14.68
CA ARG D 144 23.46 22.49 -14.52
C ARG D 144 23.44 23.41 -15.74
N LYS D 145 23.24 22.87 -16.96
CA LYS D 145 23.49 23.66 -18.16
C LYS D 145 22.35 23.73 -19.14
N GLY D 146 21.29 22.94 -18.98
CA GLY D 146 20.17 22.98 -19.90
C GLY D 146 20.35 22.02 -21.05
N ALA D 147 20.13 22.49 -22.27
CA ALA D 147 20.20 21.62 -23.44
C ALA D 147 21.60 21.04 -23.60
N LEU D 148 21.66 19.75 -23.91
CA LEU D 148 22.94 19.08 -24.02
C LEU D 148 23.59 19.29 -25.39
N ARG D 149 22.80 19.47 -26.45
CA ARG D 149 23.35 19.46 -27.80
C ARG D 149 24.34 20.60 -28.00
N GLY D 150 25.51 20.28 -28.58
CA GLY D 150 26.53 21.28 -28.85
C GLY D 150 27.48 21.57 -27.70
N LEU D 151 27.22 21.02 -26.51
CA LEU D 151 28.17 21.18 -25.41
C LEU D 151 29.48 20.46 -25.74
N ARG D 152 30.53 20.83 -25.02
CA ARG D 152 31.87 20.25 -25.19
C ARG D 152 32.25 19.53 -23.91
N LEU D 153 32.54 18.24 -24.01
CA LEU D 153 32.90 17.41 -22.86
C LEU D 153 34.25 16.74 -23.12
N SER D 154 35.13 16.80 -22.12
CA SER D 154 36.46 16.21 -22.21
C SER D 154 36.69 15.22 -21.08
N TYR D 155 37.06 14.01 -21.44
CA TYR D 155 37.42 12.96 -20.49
C TYR D 155 38.93 12.82 -20.47
N PHE D 156 39.50 12.67 -19.29
CA PHE D 156 40.95 12.64 -19.09
C PHE D 156 41.35 11.36 -18.38
N GLY D 157 42.45 10.75 -18.82
CA GLY D 157 43.02 9.62 -18.13
C GLY D 157 43.13 8.38 -18.98
N ASP D 158 42.57 7.27 -18.53
CA ASP D 158 42.64 6.00 -19.26
C ASP D 158 41.51 5.99 -20.29
N GLY D 159 41.87 6.19 -21.55
CA GLY D 159 40.88 6.25 -22.61
C GLY D 159 40.38 4.91 -23.11
N ALA D 160 40.87 3.81 -22.54
CA ALA D 160 40.44 2.48 -22.95
C ALA D 160 39.49 1.83 -21.96
N ASN D 161 39.07 2.52 -20.91
CA ASN D 161 38.22 1.90 -19.92
C ASN D 161 36.74 2.15 -20.22
N ASN D 162 35.86 1.58 -19.38
CA ASN D 162 34.45 1.55 -19.71
C ASN D 162 33.82 2.94 -19.65
N MET D 163 34.27 3.81 -18.76
CA MET D 163 33.71 5.17 -18.74
C MET D 163 34.07 5.94 -20.01
N ALA D 164 35.30 5.81 -20.49
CA ALA D 164 35.69 6.49 -21.73
C ALA D 164 34.81 6.03 -22.89
N HIS D 165 34.60 4.73 -23.01
CA HIS D 165 33.75 4.20 -24.09
C HIS D 165 32.32 4.73 -23.99
N SER D 166 31.75 4.72 -22.79
CA SER D 166 30.36 5.15 -22.63
C SER D 166 30.20 6.66 -22.77
N LEU D 167 31.17 7.46 -22.28
CA LEU D 167 31.10 8.90 -22.51
C LEU D 167 31.12 9.22 -24.01
N LEU D 168 31.94 8.50 -24.78
CA LEU D 168 31.93 8.67 -26.22
C LEU D 168 30.56 8.34 -26.79
N LEU D 169 30.03 7.14 -26.49
CA LEU D 169 28.80 6.69 -27.13
C LEU D 169 27.58 7.44 -26.60
N GLY D 170 27.43 7.50 -25.27
CA GLY D 170 26.32 8.25 -24.69
C GLY D 170 26.42 9.73 -25.00
N GLY D 171 27.65 10.28 -24.95
CA GLY D 171 27.82 11.70 -25.23
C GLY D 171 27.40 12.09 -26.63
N VAL D 172 27.89 11.38 -27.66
CA VAL D 172 27.52 11.78 -29.01
C VAL D 172 26.03 11.52 -29.25
N THR D 173 25.45 10.52 -28.58
CA THR D 173 24.01 10.29 -28.70
C THR D 173 23.21 11.51 -28.25
N ALA D 174 23.72 12.23 -27.25
CA ALA D 174 23.11 13.46 -26.76
C ALA D 174 23.50 14.70 -27.56
N GLY D 175 24.31 14.56 -28.60
CA GLY D 175 24.73 15.71 -29.40
C GLY D 175 25.90 16.48 -28.82
N ILE D 176 26.62 15.90 -27.86
CA ILE D 176 27.77 16.51 -27.20
C ILE D 176 29.02 16.24 -28.03
N HIS D 177 29.88 17.26 -28.19
CA HIS D 177 31.20 17.07 -28.76
C HIS D 177 32.11 16.47 -27.68
N VAL D 178 32.50 15.21 -27.86
CA VAL D 178 33.26 14.48 -26.85
C VAL D 178 34.73 14.43 -27.24
N THR D 179 35.60 14.79 -26.30
CA THR D 179 37.05 14.64 -26.45
C THR D 179 37.56 13.64 -25.41
N VAL D 180 38.45 12.75 -25.83
CA VAL D 180 39.16 11.84 -24.93
C VAL D 180 40.63 12.24 -24.95
N ALA D 181 41.16 12.64 -23.79
CA ALA D 181 42.57 12.97 -23.64
C ALA D 181 43.24 11.81 -22.90
N ALA D 182 44.12 11.09 -23.59
CA ALA D 182 44.65 9.82 -23.09
C ALA D 182 46.02 9.58 -23.68
N PRO D 183 46.89 8.90 -22.96
CA PRO D 183 48.22 8.57 -23.49
C PRO D 183 48.18 7.37 -24.43
N GLU D 184 49.23 7.24 -25.25
CA GLU D 184 49.41 6.07 -26.12
C GLU D 184 49.32 4.78 -25.32
N GLY D 185 48.71 3.77 -25.92
CA GLY D 185 48.48 2.49 -25.27
C GLY D 185 47.22 2.43 -24.43
N PHE D 186 46.53 3.55 -24.25
CA PHE D 186 45.29 3.58 -23.48
C PHE D 186 44.25 4.41 -24.22
N LEU D 187 44.11 4.15 -25.51
CA LEU D 187 43.17 4.87 -26.35
C LEU D 187 41.87 4.07 -26.50
N PRO D 188 40.78 4.70 -26.94
CA PRO D 188 39.53 3.95 -27.10
C PRO D 188 39.64 2.79 -28.07
N ASP D 189 38.94 1.70 -27.74
CA ASP D 189 38.77 0.57 -28.64
C ASP D 189 38.35 1.06 -30.03
N PRO D 190 39.05 0.67 -31.10
CA PRO D 190 38.69 1.18 -32.44
C PRO D 190 37.25 0.92 -32.85
N SER D 191 36.67 -0.21 -32.44
CA SER D 191 35.29 -0.52 -32.78
C SER D 191 34.33 0.46 -32.12
N VAL D 192 34.61 0.82 -30.85
CA VAL D 192 33.78 1.79 -30.15
C VAL D 192 33.93 3.16 -30.78
N ARG D 193 35.17 3.56 -31.08
CA ARG D 193 35.40 4.86 -31.70
C ARG D 193 34.63 4.98 -33.01
N ALA D 194 34.62 3.91 -33.82
CA ALA D 194 33.88 3.94 -35.08
C ALA D 194 32.37 4.01 -34.85
N ALA D 195 31.85 3.29 -33.85
CA ALA D 195 30.43 3.41 -33.55
C ALA D 195 30.08 4.82 -33.09
N ALA D 196 30.97 5.46 -32.32
CA ALA D 196 30.70 6.81 -31.87
C ALA D 196 30.75 7.80 -33.04
N GLU D 197 31.74 7.65 -33.94
CA GLU D 197 31.79 8.45 -35.15
C GLU D 197 30.49 8.36 -35.93
N ARG D 198 30.00 7.13 -36.14
CA ARG D 198 28.79 6.96 -36.92
C ARG D 198 27.60 7.61 -36.24
N ARG D 199 27.45 7.39 -34.92
CA ARG D 199 26.33 8.00 -34.20
C ARG D 199 26.43 9.53 -34.22
N ALA D 200 27.65 10.07 -34.16
CA ALA D 200 27.81 11.52 -34.16
C ALA D 200 27.32 12.15 -35.45
N GLN D 201 27.40 11.43 -36.58
CA GLN D 201 26.91 11.99 -37.83
C GLN D 201 25.41 12.25 -37.79
N ASP D 202 24.68 11.47 -36.98
CA ASP D 202 23.23 11.62 -36.84
C ASP D 202 22.83 12.76 -35.93
N THR D 203 23.72 13.22 -35.04
CA THR D 203 23.36 14.18 -34.01
C THR D 203 24.08 15.52 -34.12
N GLY D 204 24.97 15.68 -35.10
CA GLY D 204 25.80 16.87 -35.16
C GLY D 204 26.93 16.91 -34.16
N ALA D 205 27.19 15.82 -33.44
CA ALA D 205 28.26 15.78 -32.45
C ALA D 205 29.58 15.46 -33.16
N SER D 206 30.63 15.19 -32.38
CA SER D 206 31.94 14.91 -32.95
C SER D 206 32.75 14.13 -31.92
N VAL D 207 33.81 13.49 -32.41
CA VAL D 207 34.70 12.69 -31.58
C VAL D 207 36.13 13.16 -31.82
N THR D 208 36.88 13.42 -30.73
CA THR D 208 38.28 13.81 -30.83
C THR D 208 39.07 13.00 -29.81
N VAL D 209 40.23 12.47 -30.23
CA VAL D 209 41.14 11.79 -29.31
C VAL D 209 42.51 12.46 -29.43
N THR D 210 43.09 12.82 -28.29
CA THR D 210 44.34 13.58 -28.25
C THR D 210 45.15 13.14 -27.04
N ALA D 211 46.46 13.32 -27.13
CA ALA D 211 47.35 13.16 -25.98
C ALA D 211 47.65 14.48 -25.28
N ASP D 212 47.07 15.59 -25.73
CA ASP D 212 47.37 16.92 -25.21
C ASP D 212 46.26 17.32 -24.25
N ALA D 213 46.51 17.14 -22.94
CA ALA D 213 45.49 17.41 -21.95
C ALA D 213 45.10 18.88 -21.94
N HIS D 214 46.06 19.77 -22.14
CA HIS D 214 45.76 21.20 -22.10
C HIS D 214 44.92 21.61 -23.29
N ALA D 215 45.16 21.02 -24.46
CA ALA D 215 44.30 21.27 -25.62
C ALA D 215 42.88 20.76 -25.37
N ALA D 216 42.73 19.61 -24.73
CA ALA D 216 41.39 19.06 -24.51
C ALA D 216 40.58 19.90 -23.53
N ALA D 217 41.24 20.64 -22.64
CA ALA D 217 40.53 21.46 -21.68
C ALA D 217 39.99 22.74 -22.28
N ALA D 218 40.62 23.25 -23.33
CA ALA D 218 40.21 24.50 -23.97
C ALA D 218 38.79 24.44 -24.49
N GLY D 219 37.96 25.39 -24.05
CA GLY D 219 36.57 25.43 -24.46
C GLY D 219 35.66 24.40 -23.84
N ALA D 220 36.14 23.56 -22.92
CA ALA D 220 35.30 22.51 -22.36
C ALA D 220 34.23 23.09 -21.46
N ASP D 221 33.00 22.60 -21.62
CA ASP D 221 31.92 22.84 -20.67
C ASP D 221 31.93 21.86 -19.51
N VAL D 222 32.46 20.66 -19.74
CA VAL D 222 32.41 19.57 -18.77
C VAL D 222 33.74 18.84 -18.82
N LEU D 223 34.35 18.61 -17.65
CA LEU D 223 35.58 17.86 -17.54
C LEU D 223 35.29 16.62 -16.69
N VAL D 224 35.75 15.46 -17.16
CA VAL D 224 35.45 14.19 -16.50
C VAL D 224 36.75 13.39 -16.34
N THR D 225 36.86 12.67 -15.24
CA THR D 225 37.92 11.66 -15.14
C THR D 225 37.39 10.47 -14.35
N ASP D 226 38.26 9.48 -14.14
CA ASP D 226 37.91 8.24 -13.45
C ASP D 226 39.21 7.68 -12.89
N THR D 227 39.10 6.68 -12.00
CA THR D 227 40.30 6.09 -11.43
C THR D 227 41.20 5.53 -12.52
N TRP D 228 42.50 5.65 -12.31
CA TRP D 228 43.50 5.16 -13.25
C TRP D 228 43.63 3.64 -13.21
N THR D 229 43.27 3.02 -12.09
CA THR D 229 43.32 1.57 -11.95
C THR D 229 41.92 1.00 -11.83
N LEU D 238 57.57 0.42 -9.04
CA LEU D 238 57.60 1.83 -9.42
C LEU D 238 56.20 2.40 -9.54
N ASP D 239 56.04 3.42 -10.40
CA ASP D 239 54.76 4.06 -10.63
C ASP D 239 54.06 3.34 -11.79
N ARG D 240 53.07 2.51 -11.47
CA ARG D 240 52.32 1.78 -12.48
C ARG D 240 51.31 2.65 -13.23
N VAL D 241 51.13 3.89 -12.82
CA VAL D 241 50.25 4.81 -13.52
C VAL D 241 51.03 6.07 -13.90
N LYS D 242 52.34 5.90 -14.14
CA LYS D 242 53.11 6.98 -14.75
C LYS D 242 52.48 7.56 -16.02
N PRO D 243 51.92 6.76 -16.94
CA PRO D 243 51.39 7.36 -18.18
C PRO D 243 50.26 8.35 -17.96
N PHE D 244 49.58 8.31 -16.82
CA PHE D 244 48.37 9.10 -16.60
C PHE D 244 48.60 10.38 -15.81
N ARG D 245 49.76 10.52 -15.16
CA ARG D 245 50.03 11.70 -14.35
C ARG D 245 49.79 13.04 -15.06
N PRO D 246 50.23 13.25 -16.32
CA PRO D 246 49.95 14.54 -16.98
C PRO D 246 48.47 14.83 -17.19
N PHE D 247 47.60 13.82 -17.12
CA PHE D 247 46.18 14.01 -17.37
C PHE D 247 45.38 14.19 -16.09
N GLN D 248 46.05 14.51 -14.97
CA GLN D 248 45.35 14.74 -13.72
C GLN D 248 44.40 15.94 -13.85
N LEU D 249 43.21 15.79 -13.28
CA LEU D 249 42.22 16.87 -13.31
C LEU D 249 42.46 17.73 -12.05
N ASN D 250 43.28 18.76 -12.22
CA ASN D 250 43.69 19.67 -11.14
C ASN D 250 43.22 21.09 -11.44
N SER D 251 43.57 22.01 -10.54
CA SER D 251 43.09 23.39 -10.67
C SER D 251 43.61 24.06 -11.93
N ARG D 252 44.87 23.80 -12.30
CA ARG D 252 45.43 24.39 -13.50
C ARG D 252 44.64 23.96 -14.74
N LEU D 253 44.32 22.66 -14.82
CA LEU D 253 43.57 22.15 -15.96
C LEU D 253 42.19 22.77 -16.03
N LEU D 254 41.47 22.77 -14.89
CA LEU D 254 40.12 23.34 -14.85
C LEU D 254 40.12 24.80 -15.27
N ALA D 255 41.18 25.53 -14.89
CA ALA D 255 41.26 26.95 -15.24
C ALA D 255 41.36 27.18 -16.74
N LEU D 256 41.76 26.15 -17.51
CA LEU D 256 41.84 26.32 -18.96
C LEU D 256 40.50 26.19 -19.65
N ALA D 257 39.53 25.57 -18.98
CA ALA D 257 38.23 25.31 -19.60
C ALA D 257 37.34 26.55 -19.52
N ASP D 258 36.06 26.42 -19.90
CA ASP D 258 35.11 27.50 -19.71
C ASP D 258 35.09 27.93 -18.24
N SER D 259 34.92 29.24 -18.02
CA SER D 259 34.86 29.77 -16.66
C SER D 259 33.74 29.13 -15.84
N ASP D 260 32.68 28.66 -16.50
CA ASP D 260 31.56 28.03 -15.83
C ASP D 260 31.53 26.52 -16.04
N ALA D 261 32.67 25.91 -16.37
CA ALA D 261 32.72 24.47 -16.57
C ALA D 261 32.41 23.72 -15.26
N ILE D 262 31.93 22.48 -15.40
CA ILE D 262 31.68 21.60 -14.27
C ILE D 262 32.55 20.35 -14.37
N VAL D 263 32.69 19.66 -13.25
CA VAL D 263 33.57 18.50 -13.11
C VAL D 263 32.75 17.30 -12.65
N LEU D 264 32.95 16.17 -13.32
CA LEU D 264 32.29 14.90 -12.99
C LEU D 264 33.33 13.82 -12.73
N HIS D 265 32.95 12.89 -11.86
CA HIS D 265 33.82 11.75 -11.49
C HIS D 265 32.95 10.69 -10.80
N CYS D 266 32.86 9.53 -11.41
CA CYS D 266 32.11 8.41 -10.81
C CYS D 266 32.78 8.01 -9.51
N LEU D 267 31.98 7.79 -8.50
CA LEU D 267 32.56 7.40 -7.20
C LEU D 267 32.90 5.89 -7.21
N PRO D 268 34.03 5.40 -6.61
CA PRO D 268 34.91 6.19 -5.74
C PRO D 268 36.00 6.93 -6.51
N ALA D 269 36.54 7.98 -5.89
CA ALA D 269 37.65 8.74 -6.41
C ALA D 269 38.87 8.55 -5.52
N HIS D 270 40.05 8.64 -6.13
CA HIS D 270 41.32 8.59 -5.39
C HIS D 270 41.85 10.02 -5.31
N ARG D 271 41.49 10.72 -4.24
CA ARG D 271 41.89 12.12 -4.07
C ARG D 271 43.41 12.23 -4.12
N GLY D 272 43.90 13.10 -5.00
CA GLY D 272 45.32 13.30 -5.17
C GLY D 272 45.94 12.53 -6.33
N ASP D 273 45.22 11.56 -6.89
CA ASP D 273 45.68 10.87 -8.09
C ASP D 273 45.07 11.51 -9.34
N GLU D 274 43.90 11.04 -9.77
CA GLU D 274 43.32 11.56 -11.00
C GLU D 274 42.62 12.89 -10.81
N ILE D 275 42.36 13.29 -9.56
CA ILE D 275 41.62 14.51 -9.26
C ILE D 275 42.15 15.05 -7.94
N THR D 276 42.23 16.37 -7.83
CA THR D 276 42.73 17.00 -6.62
C THR D 276 41.58 17.35 -5.67
N ASP D 277 41.93 17.47 -4.39
CA ASP D 277 40.98 17.93 -3.37
C ASP D 277 40.35 19.26 -3.78
N ALA D 278 41.15 20.19 -4.27
CA ALA D 278 40.63 21.53 -4.56
C ALA D 278 39.56 21.47 -5.65
N VAL D 279 39.73 20.60 -6.65
CA VAL D 279 38.75 20.49 -7.72
C VAL D 279 37.51 19.76 -7.21
N MET D 280 37.71 18.65 -6.50
CA MET D 280 36.55 17.87 -6.09
C MET D 280 35.72 18.56 -5.03
N ASP D 281 36.30 19.46 -4.25
CA ASP D 281 35.54 20.19 -3.24
C ASP D 281 35.16 21.60 -3.66
N GLY D 282 35.62 22.08 -4.82
CA GLY D 282 35.37 23.44 -5.23
C GLY D 282 34.00 23.62 -5.87
N PRO D 283 33.75 24.84 -6.35
CA PRO D 283 32.41 25.18 -6.85
C PRO D 283 32.08 24.56 -8.20
N ALA D 284 33.07 24.08 -8.96
CA ALA D 284 32.80 23.43 -10.25
C ALA D 284 32.40 21.96 -10.08
N SER D 285 32.58 21.38 -8.90
CA SER D 285 32.35 19.96 -8.73
C SER D 285 30.86 19.64 -8.76
N ALA D 286 30.48 18.71 -9.64
CA ALA D 286 29.11 18.18 -9.64
C ALA D 286 29.08 16.72 -9.20
N VAL D 287 30.13 16.24 -8.53
CA VAL D 287 30.27 14.81 -8.25
C VAL D 287 29.18 14.31 -7.32
N TRP D 288 28.75 15.14 -6.36
CA TRP D 288 27.77 14.67 -5.38
C TRP D 288 26.38 14.55 -6.00
N ASP D 289 25.95 15.55 -6.76
CA ASP D 289 24.69 15.45 -7.50
C ASP D 289 24.74 14.28 -8.48
N GLU D 290 25.90 14.05 -9.08
CA GLU D 290 26.08 12.95 -10.02
C GLU D 290 25.90 11.60 -9.33
N ALA D 291 26.46 11.44 -8.12
CA ALA D 291 26.27 10.22 -7.36
C ALA D 291 24.79 9.99 -7.04
N GLU D 292 24.09 11.05 -6.62
CA GLU D 292 22.66 10.91 -6.31
C GLU D 292 21.87 10.57 -7.57
N ASN D 293 22.24 11.15 -8.70
CA ASN D 293 21.46 10.95 -9.92
C ASN D 293 21.57 9.53 -10.48
N ARG D 294 22.55 8.73 -10.02
CA ARG D 294 22.53 7.30 -10.36
C ARG D 294 21.18 6.66 -10.00
N LEU D 295 20.68 6.97 -8.80
CA LEU D 295 19.37 6.47 -8.38
C LEU D 295 18.29 6.81 -9.41
N HIS D 296 18.18 8.08 -9.79
CA HIS D 296 17.06 8.55 -10.60
C HIS D 296 17.20 8.10 -12.05
N ALA D 297 18.42 8.12 -12.60
CA ALA D 297 18.61 7.76 -13.99
C ALA D 297 18.35 6.27 -14.21
N GLN D 298 18.79 5.44 -13.26
CA GLN D 298 18.55 4.00 -13.36
C GLN D 298 17.06 3.67 -13.20
N LYS D 299 16.36 4.38 -12.31
CA LYS D 299 14.91 4.18 -12.20
C LYS D 299 14.20 4.57 -13.49
N ALA D 300 14.63 5.70 -14.10
CA ALA D 300 14.04 6.11 -15.37
C ALA D 300 14.29 5.08 -16.46
N LEU D 301 15.51 4.55 -16.51
CA LEU D 301 15.83 3.56 -17.52
C LEU D 301 14.93 2.34 -17.38
N LEU D 302 14.76 1.86 -16.14
CA LEU D 302 13.91 0.70 -15.90
C LEU D 302 12.46 0.98 -16.28
N VAL D 303 11.95 2.14 -15.88
CA VAL D 303 10.55 2.49 -16.22
C VAL D 303 10.38 2.48 -17.74
N TRP D 304 11.32 3.11 -18.45
CA TRP D 304 11.21 3.25 -19.91
C TRP D 304 11.26 1.89 -20.59
N LEU D 305 12.26 1.06 -20.23
CA LEU D 305 12.39 -0.26 -20.85
C LEU D 305 11.19 -1.14 -20.55
N LEU D 306 10.68 -1.07 -19.33
CA LEU D 306 9.51 -1.86 -18.98
C LEU D 306 8.30 -1.44 -19.83
N GLU D 307 8.10 -0.13 -20.02
CA GLU D 307 6.95 0.33 -20.80
C GLU D 307 7.08 -0.05 -22.29
N ARG D 308 8.31 -0.05 -22.82
CA ARG D 308 8.49 -0.38 -24.24
C ARG D 308 8.56 -1.88 -24.51
N SER D 309 8.68 -2.73 -23.49
CA SER D 309 8.83 -4.17 -23.73
C SER D 309 7.57 -4.95 -23.40
N VAL E 3 18.59 20.82 14.10
CA VAL E 3 19.74 20.03 14.50
C VAL E 3 19.48 18.54 14.23
N ILE E 4 20.48 17.86 13.68
CA ILE E 4 20.41 16.44 13.43
C ILE E 4 20.81 15.71 14.71
N ARG E 5 19.92 14.85 15.21
CA ARG E 5 20.20 14.11 16.43
C ARG E 5 20.83 12.76 16.12
N HIS E 6 21.80 12.36 16.95
CA HIS E 6 22.42 11.05 16.83
C HIS E 6 22.26 10.28 18.13
N PHE E 7 22.46 8.97 18.07
CA PHE E 7 22.39 8.10 19.24
C PHE E 7 23.60 7.17 19.19
N LEU E 8 24.71 7.61 19.76
CA LEU E 8 25.95 6.87 19.76
C LEU E 8 26.26 6.22 21.11
N ARG E 9 25.62 6.70 22.17
CA ARG E 9 25.80 6.19 23.54
C ARG E 9 24.56 6.62 24.32
N ASP E 10 24.32 5.91 25.41
CA ASP E 10 23.03 5.92 26.12
C ASP E 10 22.64 7.33 26.57
N ASP E 11 23.59 8.10 27.05
CA ASP E 11 23.29 9.43 27.58
C ASP E 11 23.17 10.50 26.50
N ASP E 12 23.21 10.12 25.22
CA ASP E 12 22.86 11.07 24.17
C ASP E 12 21.40 11.53 24.30
N LEU E 13 20.54 10.73 24.92
CA LEU E 13 19.21 11.17 25.32
C LEU E 13 19.23 11.68 26.76
N SER E 14 18.58 12.84 27.00
CA SER E 14 18.30 13.29 28.35
C SER E 14 17.32 12.33 29.00
N PRO E 15 17.09 12.40 30.31
CA PRO E 15 16.04 11.54 30.92
C PRO E 15 14.65 11.75 30.32
N ALA E 16 14.27 13.00 30.03
CA ALA E 16 12.96 13.23 29.41
C ALA E 16 12.90 12.62 28.02
N GLU E 17 13.97 12.74 27.24
CA GLU E 17 13.93 12.21 25.88
C GLU E 17 13.94 10.68 25.90
N GLN E 18 14.70 10.07 26.83
CA GLN E 18 14.66 8.61 26.94
C GLN E 18 13.26 8.12 27.29
N ALA E 19 12.58 8.83 28.19
CA ALA E 19 11.20 8.47 28.55
C ALA E 19 10.29 8.50 27.32
N GLU E 20 10.48 9.50 26.45
CA GLU E 20 9.68 9.57 25.22
C GLU E 20 9.95 8.36 24.31
N VAL E 21 11.22 7.97 24.16
CA VAL E 21 11.55 6.83 23.29
C VAL E 21 10.95 5.55 23.86
N LEU E 22 11.04 5.37 25.17
CA LEU E 22 10.50 4.16 25.81
C LEU E 22 8.97 4.13 25.73
N GLU E 23 8.32 5.29 25.84
CA GLU E 23 6.87 5.32 25.64
C GLU E 23 6.53 4.95 24.20
N LEU E 24 7.27 5.50 23.24
CA LEU E 24 7.05 5.17 21.84
C LEU E 24 7.26 3.68 21.59
N ALA E 25 8.26 3.07 22.24
CA ALA E 25 8.50 1.64 22.08
C ALA E 25 7.30 0.82 22.55
N ALA E 26 6.68 1.20 23.65
CA ALA E 26 5.46 0.53 24.10
C ALA E 26 4.31 0.70 23.10
N GLU E 27 4.16 1.90 22.53
CA GLU E 27 3.10 2.13 21.54
C GLU E 27 3.35 1.31 20.28
N LEU E 28 4.60 1.18 19.86
CA LEU E 28 4.92 0.43 18.64
C LEU E 28 4.73 -1.07 18.84
N LYS E 29 5.02 -1.59 20.03
CA LYS E 29 4.75 -2.99 20.30
C LYS E 29 3.26 -3.28 20.18
N LYS E 30 2.43 -2.34 20.64
CA LYS E 30 0.97 -2.47 20.50
C LYS E 30 0.53 -2.41 19.04
N ASP E 31 1.09 -1.48 18.27
CA ASP E 31 0.61 -1.20 16.92
C ASP E 31 1.81 -1.08 15.99
N PRO E 32 2.37 -2.22 15.55
CA PRO E 32 3.71 -2.19 14.93
C PRO E 32 3.78 -1.58 13.54
N VAL E 33 2.68 -1.32 12.86
CA VAL E 33 2.76 -0.69 11.55
C VAL E 33 2.08 0.67 11.53
N SER E 34 1.86 1.26 12.71
CA SER E 34 1.15 2.54 12.84
C SER E 34 2.06 3.74 12.58
N ARG E 35 3.37 3.56 12.53
CA ARG E 35 4.30 4.65 12.29
C ARG E 35 5.05 4.36 11.00
N ARG E 36 4.87 5.19 9.98
CA ARG E 36 5.47 4.97 8.67
C ARG E 36 6.25 6.20 8.20
N PRO E 37 7.22 6.66 9.01
CA PRO E 37 8.03 7.81 8.58
C PRO E 37 8.92 7.51 7.39
N LEU E 38 9.13 6.24 7.06
CA LEU E 38 9.98 5.84 5.95
C LEU E 38 9.17 5.33 4.77
N GLN E 39 7.85 5.54 4.76
CA GLN E 39 7.04 5.16 3.60
C GLN E 39 7.62 5.71 2.30
N GLY E 40 7.59 4.88 1.25
CA GLY E 40 8.16 5.23 -0.04
C GLY E 40 8.38 4.04 -0.96
N PRO E 41 9.35 3.17 -0.62
CA PRO E 41 10.18 3.22 0.59
C PRO E 41 11.37 4.16 0.49
N ARG E 42 11.62 4.78 1.65
CA ARG E 42 12.84 5.55 1.83
C ARG E 42 13.87 4.57 2.42
N GLY E 43 15.14 4.81 2.21
CA GLY E 43 16.23 3.94 2.61
C GLY E 43 16.82 4.27 3.97
N VAL E 44 17.36 3.24 4.61
CA VAL E 44 18.20 3.37 5.81
C VAL E 44 19.42 2.50 5.59
N ALA E 45 20.60 3.07 5.75
CA ALA E 45 21.82 2.28 5.56
C ALA E 45 22.12 1.55 6.87
N VAL E 46 22.41 0.25 6.78
CA VAL E 46 22.74 -0.57 7.93
C VAL E 46 24.10 -1.20 7.65
N ILE E 47 25.16 -0.66 8.26
CA ILE E 47 26.54 -0.93 7.85
C ILE E 47 27.23 -1.73 8.97
N PHE E 48 27.92 -2.80 8.61
CA PHE E 48 28.62 -3.69 9.56
C PHE E 48 30.11 -3.73 9.25
N ASP E 49 30.94 -3.17 10.16
CA ASP E 49 32.37 -3.42 10.06
C ASP E 49 32.70 -4.84 10.50
N LYS E 50 31.81 -5.45 11.27
CA LYS E 50 31.84 -6.80 11.79
C LYS E 50 30.43 -7.31 11.73
N ASN E 51 30.20 -8.44 11.02
CA ASN E 51 28.81 -8.93 10.85
C ASN E 51 28.18 -9.29 12.20
N SER E 52 26.88 -9.02 12.32
CA SER E 52 26.10 -9.43 13.50
C SER E 52 24.70 -9.82 13.00
N THR E 53 24.47 -11.12 12.88
CA THR E 53 23.23 -11.63 12.31
C THR E 53 22.01 -11.08 13.05
N ARG E 54 22.04 -11.11 14.40
CA ARG E 54 20.87 -10.69 15.17
C ARG E 54 20.63 -9.20 15.04
N THR E 55 21.71 -8.40 15.03
CA THR E 55 21.56 -6.97 14.80
C THR E 55 20.95 -6.71 13.42
N ARG E 56 21.47 -7.40 12.40
CA ARG E 56 20.89 -7.26 11.06
C ARG E 56 19.43 -7.67 11.04
N PHE E 57 19.15 -8.88 11.56
CA PHE E 57 17.79 -9.44 11.59
C PHE E 57 16.80 -8.38 12.11
N SER E 58 17.08 -7.85 13.31
CA SER E 58 16.11 -6.98 14.00
C SER E 58 15.98 -5.63 13.30
N PHE E 59 17.09 -5.06 12.80
CA PHE E 59 16.96 -3.77 12.13
C PHE E 59 16.29 -3.91 10.79
N GLU E 60 16.59 -4.97 10.05
CA GLU E 60 16.04 -5.10 8.70
C GLU E 60 14.51 -5.23 8.76
N LEU E 61 13.99 -6.03 9.68
CA LEU E 61 12.52 -6.17 9.86
C LEU E 61 11.95 -4.86 10.43
N GLY E 62 12.62 -4.25 11.39
CA GLY E 62 12.11 -3.04 12.00
C GLY E 62 11.95 -1.93 10.98
N ILE E 63 12.97 -1.74 10.14
CA ILE E 63 12.93 -0.68 9.14
C ILE E 63 11.82 -0.93 8.13
N ALA E 64 11.65 -2.20 7.73
CA ALA E 64 10.57 -2.52 6.79
C ALA E 64 9.21 -2.17 7.39
N GLN E 65 9.04 -2.40 8.70
CA GLN E 65 7.76 -2.13 9.37
C GLN E 65 7.50 -0.64 9.58
N LEU E 66 8.53 0.21 9.44
CA LEU E 66 8.38 1.66 9.36
C LEU E 66 8.13 2.14 7.94
N GLY E 67 7.98 1.21 7.00
CA GLY E 67 7.74 1.53 5.61
C GLY E 67 8.98 1.64 4.75
N GLY E 68 10.17 1.53 5.32
CA GLY E 68 11.40 1.78 4.60
C GLY E 68 12.04 0.51 4.04
N HIS E 69 13.21 0.68 3.42
CA HIS E 69 14.01 -0.41 2.90
C HIS E 69 15.42 -0.31 3.46
N ALA E 70 15.83 -1.29 4.25
CA ALA E 70 17.19 -1.31 4.79
C ALA E 70 18.16 -1.75 3.71
N VAL E 71 19.18 -0.93 3.46
CA VAL E 71 20.27 -1.33 2.58
C VAL E 71 21.42 -1.81 3.47
N VAL E 72 21.67 -3.11 3.47
CA VAL E 72 22.65 -3.69 4.38
C VAL E 72 23.99 -3.76 3.66
N VAL E 73 25.04 -3.28 4.32
CA VAL E 73 26.41 -3.37 3.81
C VAL E 73 27.22 -4.16 4.82
N ASP E 74 27.67 -5.36 4.42
CA ASP E 74 28.36 -6.26 5.34
C ASP E 74 29.87 -6.05 5.26
N SER E 75 30.60 -6.74 6.13
CA SER E 75 32.03 -6.53 6.25
C SER E 75 32.80 -6.96 5.02
N GLY E 76 32.26 -7.91 4.24
CA GLY E 76 32.89 -8.32 2.98
C GLY E 76 32.88 -7.25 1.90
N SER E 77 32.22 -6.12 2.15
CA SER E 77 32.21 -4.97 1.24
C SER E 77 33.19 -3.91 1.71
N THR E 78 34.37 -4.35 2.15
CA THR E 78 35.42 -3.50 2.71
C THR E 78 34.97 -2.79 4.00
N GLN E 79 35.90 -2.02 4.58
CA GLN E 79 35.56 -1.27 5.80
C GLN E 79 35.43 0.20 5.45
N LEU E 80 34.42 0.86 6.01
CA LEU E 80 34.32 2.32 5.79
C LEU E 80 35.63 2.96 6.30
N GLY E 81 36.11 3.98 5.62
CA GLY E 81 37.35 4.67 6.04
C GLY E 81 38.53 4.15 5.27
N ARG E 82 38.38 3.03 4.58
CA ARG E 82 39.53 2.41 3.91
C ARG E 82 39.81 3.12 2.59
N ASP E 83 39.12 2.74 1.53
CA ASP E 83 39.39 3.33 0.20
C ASP E 83 38.67 4.67 -0.02
N GLU E 84 37.79 5.05 0.89
CA GLU E 84 37.12 6.36 0.77
C GLU E 84 37.14 7.00 2.15
N THR E 85 37.23 8.30 2.21
CA THR E 85 37.18 9.02 3.49
C THR E 85 35.78 8.89 4.10
N LEU E 86 35.71 8.89 5.42
CA LEU E 86 34.39 8.89 6.04
C LEU E 86 33.58 10.11 5.64
N GLN E 87 34.23 11.24 5.42
CA GLN E 87 33.52 12.45 5.02
C GLN E 87 32.84 12.27 3.67
N ASP E 88 33.55 11.69 2.69
CA ASP E 88 32.93 11.42 1.40
C ASP E 88 31.76 10.44 1.55
N THR E 89 31.93 9.38 2.33
CA THR E 89 30.85 8.41 2.54
C THR E 89 29.61 9.05 3.14
N ALA E 90 29.79 9.86 4.18
CA ALA E 90 28.63 10.50 4.82
C ALA E 90 27.92 11.47 3.88
N LYS E 91 28.67 12.13 3.00
CA LYS E 91 28.09 13.12 2.09
C LYS E 91 27.19 12.43 1.07
N VAL E 92 27.61 11.29 0.53
CA VAL E 92 26.78 10.58 -0.44
C VAL E 92 25.65 9.81 0.23
N LEU E 93 25.93 9.12 1.35
CA LEU E 93 24.86 8.42 2.06
C LEU E 93 23.71 9.35 2.42
N SER E 94 24.04 10.59 2.81
CA SER E 94 23.01 11.56 3.15
C SER E 94 22.13 11.89 1.95
N ARG E 95 22.58 11.60 0.72
CA ARG E 95 21.73 11.77 -0.44
C ARG E 95 20.84 10.56 -0.71
N TYR E 96 21.18 9.40 -0.15
CA TYR E 96 20.50 8.15 -0.46
C TYR E 96 19.57 7.65 0.63
N VAL E 97 19.85 7.93 1.91
CA VAL E 97 19.14 7.33 3.02
C VAL E 97 18.74 8.40 4.02
N ASP E 98 17.73 8.08 4.84
CA ASP E 98 17.27 9.01 5.87
C ASP E 98 17.91 8.81 7.23
N ALA E 99 18.70 7.74 7.40
CA ALA E 99 19.41 7.48 8.65
C ALA E 99 20.50 6.46 8.36
N ILE E 100 21.53 6.44 9.21
CA ILE E 100 22.65 5.51 9.07
C ILE E 100 22.77 4.73 10.37
N VAL E 101 22.62 3.42 10.28
CA VAL E 101 22.80 2.50 11.41
C VAL E 101 24.15 1.80 11.21
N TRP E 102 25.03 1.88 12.19
CA TRP E 102 26.41 1.43 11.99
C TRP E 102 26.90 0.58 13.16
N ARG E 103 27.39 -0.63 12.87
CA ARG E 103 28.11 -1.45 13.84
C ARG E 103 29.60 -1.29 13.57
N THR E 104 30.33 -0.65 14.48
CA THR E 104 31.76 -0.48 14.25
C THR E 104 32.49 -0.73 15.57
N PHE E 105 33.77 -0.32 15.64
CA PHE E 105 34.62 -0.69 16.74
C PHE E 105 34.83 0.52 17.63
N GLY E 106 35.82 1.37 17.35
CA GLY E 106 36.11 2.48 18.22
C GLY E 106 35.09 3.58 18.10
N GLN E 107 34.88 4.28 19.22
CA GLN E 107 33.85 5.30 19.29
C GLN E 107 34.18 6.52 18.44
N GLU E 108 35.47 6.79 18.20
CA GLU E 108 35.87 7.97 17.43
C GLU E 108 35.35 7.89 16.00
N ARG E 109 35.22 6.68 15.45
CA ARG E 109 34.66 6.51 14.12
C ARG E 109 33.19 6.96 14.08
N LEU E 110 32.40 6.52 15.06
CA LEU E 110 31.00 6.95 15.15
C LEU E 110 30.91 8.47 15.30
N ASP E 111 31.73 9.05 16.18
CA ASP E 111 31.72 10.50 16.37
C ASP E 111 32.03 11.23 15.06
N ALA E 112 33.04 10.75 14.33
CA ALA E 112 33.40 11.41 13.07
C ALA E 112 32.26 11.33 12.06
N MET E 113 31.62 10.17 11.93
CA MET E 113 30.52 10.05 10.99
C MET E 113 29.37 10.96 11.38
N ALA E 114 29.05 11.04 12.67
CA ALA E 114 27.92 11.85 13.11
C ALA E 114 28.19 13.34 12.98
N SER E 115 29.45 13.75 12.98
CA SER E 115 29.76 15.17 12.87
C SER E 115 29.58 15.73 11.47
N VAL E 116 29.57 14.87 10.45
CA VAL E 116 29.46 15.34 9.06
C VAL E 116 28.16 14.91 8.40
N ALA E 117 27.59 13.77 8.77
CA ALA E 117 26.35 13.31 8.15
C ALA E 117 25.22 14.29 8.46
N THR E 118 24.33 14.48 7.48
CA THR E 118 23.16 15.33 7.69
C THR E 118 21.91 14.52 7.92
N VAL E 119 22.06 13.26 8.34
CA VAL E 119 20.97 12.39 8.76
C VAL E 119 21.38 11.75 10.08
N PRO E 120 20.41 11.25 10.86
CA PRO E 120 20.76 10.64 12.15
C PRO E 120 21.67 9.44 11.99
N VAL E 121 22.63 9.31 12.91
CA VAL E 121 23.53 8.18 12.98
C VAL E 121 23.22 7.42 14.26
N ILE E 122 23.07 6.09 14.16
CA ILE E 122 22.76 5.23 15.29
C ILE E 122 23.89 4.21 15.46
N ASN E 123 24.41 4.10 16.69
CA ASN E 123 25.36 3.05 17.05
C ASN E 123 24.58 1.75 17.27
N ALA E 124 24.69 0.82 16.32
CA ALA E 124 23.98 -0.46 16.46
C ALA E 124 24.58 -1.32 17.57
N LEU E 125 25.88 -1.15 17.82
CA LEU E 125 26.78 -2.01 18.61
C LEU E 125 28.20 -1.52 18.38
N SER E 126 28.96 -1.21 19.44
CA SER E 126 30.36 -0.80 19.32
C SER E 126 31.16 -1.44 20.44
N ASP E 127 32.49 -1.21 20.43
CA ASP E 127 33.34 -1.75 21.50
C ASP E 127 32.90 -1.20 22.86
N GLU E 128 32.52 0.06 22.90
CA GLU E 128 32.35 0.74 24.19
C GLU E 128 30.92 0.75 24.68
N PHE E 129 29.92 0.76 23.80
CA PHE E 129 28.54 0.90 24.23
C PHE E 129 27.65 -0.02 23.42
N HIS E 130 26.49 -0.39 23.99
CA HIS E 130 25.57 -1.22 23.21
C HIS E 130 24.21 -0.59 23.50
N PRO E 131 24.01 0.67 23.10
CA PRO E 131 22.88 1.43 23.67
C PRO E 131 21.50 0.97 23.20
N CYS E 132 21.37 0.30 22.06
CA CYS E 132 20.03 -0.10 21.58
C CYS E 132 19.49 -1.24 22.45
N GLN E 133 20.37 -2.13 22.88
CA GLN E 133 19.98 -3.27 23.73
C GLN E 133 19.53 -2.81 25.12
N VAL E 134 20.16 -1.76 25.63
CA VAL E 134 19.72 -1.23 26.94
C VAL E 134 18.33 -0.61 26.80
N LEU E 135 18.07 0.07 25.68
CA LEU E 135 16.68 0.54 25.50
C LEU E 135 15.71 -0.64 25.59
N ALA E 136 16.03 -1.75 24.90
CA ALA E 136 15.18 -2.94 24.99
C ALA E 136 15.08 -3.49 26.41
N ASP E 137 16.20 -3.51 27.16
CA ASP E 137 16.16 -3.87 28.58
C ASP E 137 15.24 -2.96 29.38
N LEU E 138 15.35 -1.64 29.18
CA LEU E 138 14.50 -0.72 29.94
C LEU E 138 13.02 -0.91 29.57
N GLN E 139 12.71 -1.13 28.29
CA GLN E 139 11.33 -1.43 27.91
C GLN E 139 10.83 -2.68 28.63
N THR E 140 11.67 -3.71 28.70
CA THR E 140 11.32 -4.97 29.34
C THR E 140 11.10 -4.81 30.83
N ILE E 141 12.01 -4.10 31.52
CA ILE E 141 11.83 -3.87 32.95
C ILE E 141 10.52 -3.13 33.21
N ALA E 142 10.23 -2.10 32.43
CA ALA E 142 9.01 -1.30 32.62
C ALA E 142 7.77 -2.18 32.46
N GLU E 143 7.80 -3.12 31.53
CA GLU E 143 6.67 -4.02 31.28
C GLU E 143 6.42 -4.90 32.51
N ARG E 144 7.48 -5.38 33.12
CA ARG E 144 7.33 -6.35 34.22
C ARG E 144 7.21 -5.65 35.57
N LYS E 145 7.62 -4.38 35.70
CA LYS E 145 7.70 -3.78 37.02
C LYS E 145 7.11 -2.38 37.13
N GLY E 146 6.81 -1.72 36.02
CA GLY E 146 6.20 -0.40 36.08
C GLY E 146 7.26 0.69 36.12
N ALA E 147 7.13 1.59 37.09
CA ALA E 147 8.03 2.73 37.19
C ALA E 147 9.47 2.25 37.30
N LEU E 148 10.37 2.93 36.60
CA LEU E 148 11.82 2.55 36.63
C LEU E 148 12.54 3.29 37.76
N ARG E 149 12.20 4.56 37.98
CA ARG E 149 12.83 5.36 39.05
C ARG E 149 12.85 4.60 40.36
N GLY E 150 14.03 4.47 40.96
CA GLY E 150 14.13 3.84 42.28
C GLY E 150 14.49 2.37 42.25
N LEU E 151 14.31 1.69 41.12
CA LEU E 151 14.68 0.29 41.05
C LEU E 151 16.18 0.12 41.22
N ARG E 152 16.58 -1.06 41.68
CA ARG E 152 17.98 -1.41 41.88
C ARG E 152 18.35 -2.49 40.87
N LEU E 153 19.35 -2.20 40.01
CA LEU E 153 19.79 -3.12 38.97
C LEU E 153 21.26 -3.47 39.19
N SER E 154 21.58 -4.75 39.14
CA SER E 154 22.97 -5.21 39.25
C SER E 154 23.35 -5.98 37.99
N TYR E 155 24.49 -5.63 37.42
CA TYR E 155 25.07 -6.34 36.29
C TYR E 155 26.27 -7.13 36.79
N PHE E 156 26.40 -8.37 36.32
CA PHE E 156 27.41 -9.32 36.81
C PHE E 156 28.31 -9.80 35.67
N GLY E 157 29.61 -9.89 35.94
CA GLY E 157 30.49 -10.58 35.01
C GLY E 157 31.62 -9.72 34.50
N ASP E 158 31.71 -9.54 33.19
CA ASP E 158 32.74 -8.67 32.59
C ASP E 158 32.23 -7.23 32.63
N GLY E 159 32.70 -6.47 33.62
CA GLY E 159 32.23 -5.12 33.82
C GLY E 159 32.89 -4.08 32.94
N ALA E 160 33.78 -4.50 32.04
CA ALA E 160 34.45 -3.56 31.15
C ALA E 160 33.86 -3.58 29.75
N ASN E 161 32.82 -4.38 29.50
CA ASN E 161 32.32 -4.54 28.14
C ASN E 161 31.24 -3.50 27.83
N ASN E 162 30.69 -3.57 26.61
CA ASN E 162 29.78 -2.55 26.15
C ASN E 162 28.46 -2.56 26.91
N MET E 163 27.98 -3.74 27.33
CA MET E 163 26.73 -3.79 28.08
C MET E 163 26.88 -3.18 29.46
N ALA E 164 28.02 -3.39 30.11
CA ALA E 164 28.21 -2.79 31.43
C ALA E 164 28.20 -1.27 31.31
N HIS E 165 28.89 -0.73 30.31
CA HIS E 165 28.90 0.72 30.14
C HIS E 165 27.50 1.26 29.84
N SER E 166 26.76 0.58 28.96
CA SER E 166 25.44 1.09 28.58
C SER E 166 24.42 0.93 29.71
N LEU E 167 24.51 -0.13 30.50
CA LEU E 167 23.60 -0.28 31.64
C LEU E 167 23.83 0.81 32.67
N LEU E 168 25.09 1.17 32.88
CA LEU E 168 25.41 2.32 33.74
C LEU E 168 24.77 3.60 33.20
N LEU E 169 25.06 3.94 31.95
CA LEU E 169 24.61 5.23 31.41
C LEU E 169 23.11 5.24 31.22
N GLY E 170 22.57 4.19 30.59
CA GLY E 170 21.14 4.16 30.33
C GLY E 170 20.35 3.92 31.59
N GLY E 171 20.88 3.10 32.50
CA GLY E 171 20.21 2.88 33.78
C GLY E 171 20.05 4.15 34.60
N VAL E 172 21.14 4.90 34.81
CA VAL E 172 21.01 6.10 35.63
C VAL E 172 20.18 7.18 34.91
N THR E 173 20.22 7.21 33.57
CA THR E 173 19.35 8.13 32.85
C THR E 173 17.88 7.86 33.18
N ALA E 174 17.52 6.59 33.44
CA ALA E 174 16.15 6.24 33.80
C ALA E 174 15.86 6.34 35.29
N GLY E 175 16.82 6.74 36.11
CA GLY E 175 16.61 6.84 37.55
C GLY E 175 16.88 5.57 38.31
N ILE E 176 17.54 4.60 37.70
CA ILE E 176 17.78 3.28 38.29
C ILE E 176 19.14 3.29 39.00
N HIS E 177 19.17 2.74 40.22
CA HIS E 177 20.42 2.54 40.95
C HIS E 177 21.14 1.34 40.35
N VAL E 178 22.27 1.59 39.69
CA VAL E 178 23.01 0.57 38.97
C VAL E 178 24.25 0.15 39.75
N THR E 179 24.43 -1.16 39.88
CA THR E 179 25.62 -1.77 40.46
C THR E 179 26.27 -2.66 39.40
N VAL E 180 27.59 -2.59 39.27
CA VAL E 180 28.36 -3.49 38.42
C VAL E 180 29.23 -4.34 39.35
N ALA E 181 29.10 -5.67 39.26
CA ALA E 181 29.88 -6.61 40.03
C ALA E 181 30.80 -7.38 39.08
N ALA E 182 32.10 -7.24 39.28
CA ALA E 182 33.04 -7.76 38.30
C ALA E 182 34.39 -7.91 38.99
N PRO E 183 35.27 -8.77 38.48
CA PRO E 183 36.62 -8.88 39.05
C PRO E 183 37.47 -7.68 38.68
N GLU E 184 38.46 -7.39 39.51
CA GLU E 184 39.33 -6.27 39.15
C GLU E 184 40.06 -6.60 37.84
N GLY E 185 40.39 -5.58 37.09
CA GLY E 185 40.88 -5.86 35.75
C GLY E 185 39.80 -5.98 34.70
N PHE E 186 38.54 -6.11 35.11
CA PHE E 186 37.40 -6.05 34.19
C PHE E 186 36.31 -5.14 34.75
N LEU E 187 36.70 -3.93 35.13
CA LEU E 187 35.80 -2.93 35.72
C LEU E 187 35.42 -1.88 34.69
N PRO E 188 34.34 -1.12 34.93
CA PRO E 188 33.95 -0.09 33.96
C PRO E 188 35.06 0.93 33.75
N ASP E 189 35.14 1.42 32.52
CA ASP E 189 36.05 2.51 32.20
C ASP E 189 35.77 3.70 33.12
N PRO E 190 36.79 4.27 33.78
CA PRO E 190 36.55 5.37 34.72
C PRO E 190 35.88 6.58 34.11
N SER E 191 36.13 6.88 32.83
CA SER E 191 35.46 8.01 32.20
C SER E 191 33.96 7.76 32.08
N VAL E 192 33.57 6.53 31.72
CA VAL E 192 32.15 6.19 31.65
C VAL E 192 31.52 6.22 33.03
N ARG E 193 32.19 5.59 34.00
CA ARG E 193 31.69 5.62 35.38
C ARG E 193 31.42 7.05 35.82
N ALA E 194 32.34 7.97 35.52
CA ALA E 194 32.18 9.35 35.94
C ALA E 194 31.02 10.02 35.23
N ALA E 195 30.86 9.76 33.92
CA ALA E 195 29.71 10.30 33.20
C ALA E 195 28.40 9.78 33.78
N ALA E 196 28.39 8.49 34.17
CA ALA E 196 27.20 7.92 34.80
C ALA E 196 26.95 8.56 36.15
N GLU E 197 28.02 8.84 36.91
CA GLU E 197 27.82 9.46 38.20
C GLU E 197 27.22 10.86 38.04
N ARG E 198 27.71 11.64 37.07
CA ARG E 198 27.15 12.98 36.86
C ARG E 198 25.70 12.91 36.41
N ARG E 199 25.39 12.02 35.47
CA ARG E 199 24.01 11.91 35.01
C ARG E 199 23.09 11.50 36.17
N ALA E 200 23.58 10.62 37.05
CA ALA E 200 22.75 10.12 38.15
C ALA E 200 22.40 11.21 39.17
N GLN E 201 23.23 12.26 39.26
CA GLN E 201 22.92 13.37 40.14
C GLN E 201 21.62 14.06 39.75
N ASP E 202 21.31 14.07 38.46
CA ASP E 202 20.10 14.72 37.95
C ASP E 202 18.85 13.89 38.15
N THR E 203 18.98 12.57 38.27
CA THR E 203 17.82 11.69 38.27
C THR E 203 17.57 11.02 39.61
N GLY E 204 18.41 11.28 40.62
CA GLY E 204 18.28 10.61 41.88
C GLY E 204 18.82 9.19 41.90
N ALA E 205 19.52 8.77 40.85
CA ALA E 205 20.07 7.42 40.77
C ALA E 205 21.42 7.36 41.48
N SER E 206 22.14 6.26 41.30
CA SER E 206 23.45 6.08 41.91
C SER E 206 24.22 5.03 41.10
N VAL E 207 25.53 5.01 41.32
CA VAL E 207 26.46 4.12 40.65
C VAL E 207 27.31 3.45 41.72
N THR E 208 27.40 2.11 41.66
CA THR E 208 28.24 1.33 42.56
C THR E 208 29.02 0.30 41.74
N VAL E 209 30.33 0.17 42.01
CA VAL E 209 31.17 -0.88 41.42
C VAL E 209 31.72 -1.73 42.55
N THR E 210 31.60 -3.05 42.43
CA THR E 210 32.04 -3.94 43.49
C THR E 210 32.59 -5.23 42.89
N ALA E 211 33.41 -5.94 43.67
CA ALA E 211 33.89 -7.26 43.27
C ALA E 211 33.22 -8.36 44.08
N ASP E 212 32.15 -8.05 44.78
CA ASP E 212 31.46 -8.98 45.69
C ASP E 212 30.08 -9.27 45.10
N ALA E 213 29.95 -10.43 44.44
CA ALA E 213 28.70 -10.73 43.73
C ALA E 213 27.52 -10.85 44.68
N HIS E 214 27.72 -11.45 45.85
CA HIS E 214 26.61 -11.57 46.81
C HIS E 214 26.12 -10.21 47.28
N ALA E 215 27.04 -9.28 47.58
CA ALA E 215 26.61 -7.96 48.04
C ALA E 215 25.88 -7.21 46.93
N ALA E 216 26.32 -7.38 45.67
CA ALA E 216 25.62 -6.77 44.53
C ALA E 216 24.23 -7.36 44.32
N ALA E 217 24.05 -8.65 44.60
CA ALA E 217 22.75 -9.27 44.37
C ALA E 217 21.72 -8.95 45.45
N ALA E 218 22.17 -8.61 46.66
CA ALA E 218 21.26 -8.46 47.79
C ALA E 218 20.19 -7.40 47.53
N GLY E 219 18.93 -7.80 47.59
CA GLY E 219 17.81 -6.90 47.36
C GLY E 219 17.69 -6.31 45.96
N ALA E 220 18.47 -6.80 45.00
CA ALA E 220 18.37 -6.27 43.63
C ALA E 220 16.98 -6.51 43.05
N ASP E 221 16.51 -5.59 42.21
CA ASP E 221 15.25 -5.78 41.49
C ASP E 221 15.43 -6.36 40.10
N VAL E 222 16.60 -6.16 39.51
CA VAL E 222 16.93 -6.64 38.18
C VAL E 222 18.35 -7.15 38.24
N LEU E 223 18.57 -8.38 37.74
CA LEU E 223 19.90 -8.96 37.64
C LEU E 223 20.20 -9.18 36.17
N VAL E 224 21.38 -8.75 35.70
CA VAL E 224 21.73 -8.81 34.28
C VAL E 224 23.12 -9.43 34.17
N THR E 225 23.35 -10.21 33.10
CA THR E 225 24.72 -10.59 32.76
C THR E 225 24.81 -10.69 31.24
N ASP E 226 26.00 -11.00 30.75
CA ASP E 226 26.12 -11.22 29.32
C ASP E 226 27.32 -12.14 29.11
N THR E 227 27.59 -12.53 27.86
CA THR E 227 28.70 -13.46 27.63
C THR E 227 29.99 -12.92 28.23
N TRP E 228 30.79 -13.83 28.80
CA TRP E 228 32.07 -13.46 29.37
C TRP E 228 33.11 -13.26 28.28
N THR E 229 33.00 -14.02 27.20
CA THR E 229 33.85 -13.99 26.02
C THR E 229 33.01 -14.55 24.87
N SER E 230 33.39 -14.24 23.65
CA SER E 230 32.60 -14.72 22.52
C SER E 230 33.14 -16.04 21.98
N GLY E 237 41.79 -26.25 27.36
CA GLY E 237 42.80 -25.25 27.03
C GLY E 237 43.25 -24.51 28.27
N LEU E 238 43.26 -23.19 28.22
CA LEU E 238 43.37 -22.36 29.41
C LEU E 238 41.97 -21.93 29.82
N ASP E 239 41.68 -21.94 31.13
CA ASP E 239 40.41 -21.40 31.63
C ASP E 239 40.48 -19.87 31.67
N ARG E 240 40.36 -19.27 30.50
CA ARG E 240 40.52 -17.82 30.40
C ARG E 240 39.39 -17.08 31.11
N VAL E 241 38.24 -17.73 31.31
CA VAL E 241 37.04 -17.08 31.91
C VAL E 241 36.96 -17.31 33.43
N LYS E 242 37.97 -17.95 34.00
CA LYS E 242 38.02 -18.19 35.47
C LYS E 242 37.76 -16.93 36.30
N PRO E 243 38.32 -15.73 35.99
CA PRO E 243 38.00 -14.55 36.76
C PRO E 243 36.49 -14.28 36.92
N PHE E 244 35.69 -14.67 35.93
CA PHE E 244 34.26 -14.35 35.97
C PHE E 244 33.40 -15.40 36.64
N ARG E 245 33.90 -16.61 36.90
CA ARG E 245 33.05 -17.68 37.41
C ARG E 245 32.38 -17.38 38.75
N PRO E 246 33.02 -16.73 39.73
CA PRO E 246 32.29 -16.35 40.95
C PRO E 246 31.11 -15.41 40.69
N PHE E 247 31.00 -14.82 39.50
CA PHE E 247 29.95 -13.85 39.18
C PHE E 247 28.83 -14.49 38.36
N GLN E 248 28.85 -15.82 38.21
CA GLN E 248 27.83 -16.53 37.46
C GLN E 248 26.45 -16.20 38.02
N LEU E 249 25.51 -15.86 37.13
CA LEU E 249 24.12 -15.61 37.55
C LEU E 249 23.44 -16.96 37.74
N ASN E 250 23.43 -17.43 38.99
CA ASN E 250 22.87 -18.76 39.26
C ASN E 250 21.75 -18.67 40.30
N SER E 251 21.17 -19.83 40.64
CA SER E 251 20.05 -19.87 41.58
C SER E 251 20.44 -19.30 42.95
N ARG E 252 21.67 -19.56 43.41
CA ARG E 252 22.11 -19.05 44.71
C ARG E 252 22.03 -17.53 44.71
N LEU E 253 22.58 -16.93 43.66
CA LEU E 253 22.63 -15.48 43.53
C LEU E 253 21.23 -14.89 43.40
N LEU E 254 20.39 -15.49 42.58
CA LEU E 254 19.02 -14.99 42.42
C LEU E 254 18.25 -15.03 43.74
N ALA E 255 18.53 -16.00 44.61
CA ALA E 255 17.84 -16.09 45.89
C ALA E 255 18.20 -14.94 46.84
N LEU E 256 19.30 -14.24 46.60
CA LEU E 256 19.64 -13.09 47.44
C LEU E 256 18.93 -11.80 47.01
N ALA E 257 18.35 -11.78 45.82
CA ALA E 257 17.70 -10.58 45.27
C ALA E 257 16.31 -10.41 45.89
N ASP E 258 15.66 -9.30 45.54
CA ASP E 258 14.27 -9.08 45.93
C ASP E 258 13.36 -10.19 45.38
N SER E 259 12.27 -10.47 46.11
CA SER E 259 11.44 -11.65 45.83
C SER E 259 10.84 -11.61 44.42
N ASP E 260 10.61 -10.42 43.86
CA ASP E 260 10.04 -10.31 42.52
C ASP E 260 11.06 -9.87 41.47
N ALA E 261 12.34 -10.17 41.72
CA ALA E 261 13.40 -9.77 40.80
C ALA E 261 13.27 -10.44 39.45
N ILE E 262 13.75 -9.77 38.40
CA ILE E 262 13.77 -10.35 37.07
C ILE E 262 15.22 -10.43 36.60
N VAL E 263 15.43 -11.28 35.60
CA VAL E 263 16.75 -11.61 35.07
C VAL E 263 16.77 -11.28 33.57
N LEU E 264 17.81 -10.55 33.14
CA LEU E 264 17.99 -10.17 31.75
C LEU E 264 19.33 -10.69 31.22
N HIS E 265 19.39 -10.96 29.92
CA HIS E 265 20.62 -11.40 29.25
C HIS E 265 20.42 -11.22 27.75
N CYS E 266 21.26 -10.42 27.11
CA CYS E 266 21.17 -10.29 25.66
C CYS E 266 21.50 -11.63 25.00
N LEU E 267 20.81 -11.95 23.91
CA LEU E 267 21.23 -13.14 23.19
C LEU E 267 22.39 -12.79 22.24
N PRO E 268 23.34 -13.72 22.03
CA PRO E 268 23.37 -15.11 22.48
C PRO E 268 23.80 -15.27 23.94
N ALA E 269 23.41 -16.38 24.55
CA ALA E 269 23.83 -16.74 25.90
C ALA E 269 24.59 -18.06 25.86
N HIS E 270 25.54 -18.22 26.77
CA HIS E 270 26.27 -19.48 26.89
C HIS E 270 25.78 -20.16 28.17
N ARG E 271 24.78 -21.02 28.02
CA ARG E 271 24.21 -21.71 29.18
C ARG E 271 25.28 -22.51 29.90
N GLY E 272 25.32 -22.37 31.23
CA GLY E 272 26.28 -23.05 32.06
C GLY E 272 27.52 -22.24 32.39
N ASP E 273 27.78 -21.16 31.65
CA ASP E 273 28.85 -20.22 31.95
C ASP E 273 28.29 -19.06 32.77
N GLU E 274 27.96 -17.94 32.12
CA GLU E 274 27.55 -16.75 32.87
C GLU E 274 26.16 -16.87 33.49
N ILE E 275 25.34 -17.81 33.03
CA ILE E 275 23.98 -17.97 33.52
C ILE E 275 23.67 -19.47 33.48
N THR E 276 22.88 -19.93 34.45
CA THR E 276 22.52 -21.35 34.50
C THR E 276 21.17 -21.57 33.84
N ASP E 277 20.91 -22.83 33.46
CA ASP E 277 19.62 -23.19 32.85
C ASP E 277 18.47 -22.84 33.78
N ALA E 278 18.63 -23.13 35.08
CA ALA E 278 17.53 -22.94 36.02
C ALA E 278 17.11 -21.49 36.06
N VAL E 279 18.08 -20.57 35.97
CA VAL E 279 17.75 -19.15 36.00
C VAL E 279 17.17 -18.71 34.66
N MET E 280 17.76 -19.16 33.56
CA MET E 280 17.32 -18.68 32.25
C MET E 280 15.93 -19.19 31.88
N ASP E 281 15.55 -20.38 32.38
CA ASP E 281 14.27 -20.99 32.09
C ASP E 281 13.25 -20.84 33.21
N GLY E 282 13.61 -20.18 34.31
CA GLY E 282 12.71 -20.05 35.44
C GLY E 282 11.84 -18.81 35.38
N PRO E 283 10.98 -18.63 36.40
CA PRO E 283 9.96 -17.57 36.33
C PRO E 283 10.51 -16.15 36.47
N ALA E 284 11.75 -15.96 36.93
CA ALA E 284 12.33 -14.62 36.95
C ALA E 284 12.87 -14.20 35.58
N SER E 285 13.12 -15.15 34.68
CA SER E 285 13.76 -14.82 33.42
C SER E 285 12.86 -13.97 32.54
N ALA E 286 13.40 -12.88 32.01
CA ALA E 286 12.69 -12.09 31.02
C ALA E 286 13.43 -12.06 29.68
N VAL E 287 14.30 -13.06 29.44
CA VAL E 287 15.20 -13.00 28.30
C VAL E 287 14.45 -13.07 26.98
N TRP E 288 13.31 -13.79 26.91
CA TRP E 288 12.65 -13.89 25.60
C TRP E 288 11.86 -12.63 25.26
N ASP E 289 11.16 -12.05 26.24
CA ASP E 289 10.55 -10.74 26.04
C ASP E 289 11.61 -9.69 25.68
N GLU E 290 12.75 -9.75 26.37
CA GLU E 290 13.85 -8.84 26.08
C GLU E 290 14.32 -8.97 24.63
N ALA E 291 14.49 -10.20 24.16
CA ALA E 291 14.93 -10.39 22.78
C ALA E 291 13.90 -9.81 21.81
N GLU E 292 12.61 -10.01 22.08
CA GLU E 292 11.56 -9.47 21.22
C GLU E 292 11.59 -7.94 21.22
N ASN E 293 11.84 -7.33 22.37
CA ASN E 293 11.75 -5.88 22.52
C ASN E 293 12.89 -5.15 21.81
N ARG E 294 13.97 -5.84 21.44
CA ARG E 294 14.96 -5.22 20.58
C ARG E 294 14.31 -4.66 19.32
N LEU E 295 13.40 -5.43 18.71
CA LEU E 295 12.67 -4.98 17.54
C LEU E 295 11.96 -3.64 17.79
N HIS E 296 11.17 -3.58 18.87
CA HIS E 296 10.33 -2.42 19.15
C HIS E 296 11.13 -1.21 19.61
N ALA E 297 12.14 -1.43 20.48
CA ALA E 297 12.96 -0.33 20.96
C ALA E 297 13.77 0.32 19.84
N GLN E 298 14.34 -0.49 18.95
CA GLN E 298 15.09 0.07 17.82
C GLN E 298 14.18 0.81 16.85
N LYS E 299 12.98 0.28 16.57
CA LYS E 299 12.02 1.04 15.78
C LYS E 299 11.68 2.39 16.43
N ALA E 300 11.41 2.38 17.75
CA ALA E 300 11.06 3.61 18.44
C ALA E 300 12.19 4.64 18.34
N LEU E 301 13.43 4.19 18.56
CA LEU E 301 14.57 5.10 18.43
C LEU E 301 14.61 5.74 17.04
N LEU E 302 14.45 4.93 15.98
CA LEU E 302 14.50 5.49 14.63
C LEU E 302 13.39 6.51 14.39
N VAL E 303 12.16 6.16 14.79
CA VAL E 303 11.04 7.09 14.63
C VAL E 303 11.33 8.41 15.35
N TRP E 304 11.83 8.31 16.57
CA TRP E 304 12.08 9.50 17.38
C TRP E 304 13.17 10.37 16.75
N LEU E 305 14.29 9.76 16.34
CA LEU E 305 15.37 10.53 15.72
C LEU E 305 14.93 11.16 14.41
N LEU E 306 14.18 10.42 13.61
CA LEU E 306 13.73 10.96 12.33
C LEU E 306 12.84 12.17 12.52
N GLU E 307 11.90 12.13 13.49
CA GLU E 307 11.00 13.27 13.66
C GLU E 307 11.72 14.48 14.25
N ARG E 308 12.77 14.27 15.06
CA ARG E 308 13.52 15.37 15.66
C ARG E 308 14.57 15.95 14.72
N SER E 309 14.79 15.32 13.56
CA SER E 309 15.85 15.74 12.64
C SER E 309 15.25 16.24 11.32
N SER F 2 -5.15 -24.75 17.18
CA SER F 2 -4.02 -24.48 18.07
C SER F 2 -2.85 -25.39 17.71
N VAL F 3 -3.11 -26.34 16.82
CA VAL F 3 -2.06 -27.24 16.35
C VAL F 3 -1.26 -26.58 15.23
N ILE F 4 0.05 -26.60 15.39
CA ILE F 4 0.95 -25.99 14.42
C ILE F 4 1.32 -27.05 13.39
N ARG F 5 1.08 -26.74 12.11
CA ARG F 5 1.41 -27.67 11.04
C ARG F 5 2.81 -27.40 10.49
N HIS F 6 3.51 -28.48 10.12
CA HIS F 6 4.83 -28.37 9.50
C HIS F 6 4.81 -29.10 8.17
N PHE F 7 5.82 -28.85 7.34
CA PHE F 7 5.94 -29.55 6.07
C PHE F 7 7.41 -29.95 5.94
N LEU F 8 7.76 -31.13 6.45
CA LEU F 8 9.14 -31.61 6.46
C LEU F 8 9.39 -32.70 5.44
N ARG F 9 8.34 -33.36 5.00
CA ARG F 9 8.40 -34.38 3.97
C ARG F 9 7.03 -34.43 3.30
N ASP F 10 6.98 -34.97 2.09
CA ASP F 10 5.76 -34.89 1.25
C ASP F 10 4.50 -35.47 1.87
N ASP F 11 4.65 -36.56 2.59
CA ASP F 11 3.47 -37.19 3.16
C ASP F 11 3.04 -36.55 4.47
N ASP F 12 3.63 -35.40 4.83
CA ASP F 12 3.10 -34.60 5.93
C ASP F 12 1.74 -34.01 5.59
N LEU F 13 1.41 -33.91 4.29
CA LEU F 13 0.07 -33.58 3.82
C LEU F 13 -0.65 -34.88 3.46
N SER F 14 -1.91 -35.00 3.88
CA SER F 14 -2.79 -36.08 3.44
C SER F 14 -3.09 -35.88 1.95
N PRO F 15 -3.66 -36.88 1.28
CA PRO F 15 -4.05 -36.65 -0.12
C PRO F 15 -5.00 -35.48 -0.30
N ALA F 16 -5.99 -35.32 0.59
CA ALA F 16 -6.92 -34.21 0.47
C ALA F 16 -6.25 -32.88 0.76
N GLU F 17 -5.36 -32.84 1.76
CA GLU F 17 -4.63 -31.60 2.04
C GLU F 17 -3.71 -31.25 0.87
N GLN F 18 -3.05 -32.25 0.28
CA GLN F 18 -2.19 -31.96 -0.87
C GLN F 18 -2.99 -31.36 -2.01
N ALA F 19 -4.20 -31.87 -2.25
CA ALA F 19 -5.06 -31.32 -3.30
C ALA F 19 -5.42 -29.86 -3.03
N GLU F 20 -5.69 -29.53 -1.75
CA GLU F 20 -5.95 -28.14 -1.38
C GLU F 20 -4.77 -27.23 -1.71
N VAL F 21 -3.55 -27.65 -1.35
CA VAL F 21 -2.38 -26.83 -1.60
C VAL F 21 -2.15 -26.65 -3.10
N LEU F 22 -2.35 -27.71 -3.89
CA LEU F 22 -2.12 -27.60 -5.33
C LEU F 22 -3.18 -26.73 -5.99
N GLU F 23 -4.42 -26.75 -5.48
CA GLU F 23 -5.42 -25.84 -6.00
C GLU F 23 -5.08 -24.40 -5.66
N LEU F 24 -4.60 -24.17 -4.44
CA LEU F 24 -4.16 -22.84 -4.05
C LEU F 24 -3.02 -22.35 -4.94
N ALA F 25 -2.11 -23.26 -5.31
CA ALA F 25 -0.99 -22.88 -6.19
C ALA F 25 -1.49 -22.40 -7.56
N ALA F 26 -2.50 -23.09 -8.10
CA ALA F 26 -3.09 -22.64 -9.36
C ALA F 26 -3.78 -21.28 -9.21
N GLU F 27 -4.45 -21.05 -8.08
CA GLU F 27 -5.09 -19.74 -7.87
C GLU F 27 -4.06 -18.63 -7.73
N LEU F 28 -2.95 -18.90 -7.02
CA LEU F 28 -1.91 -17.90 -6.85
C LEU F 28 -1.16 -17.63 -8.15
N LYS F 29 -1.03 -18.63 -9.01
CA LYS F 29 -0.44 -18.38 -10.32
C LYS F 29 -1.26 -17.39 -11.12
N LYS F 30 -2.60 -17.51 -11.02
CA LYS F 30 -3.49 -16.58 -11.71
C LYS F 30 -3.46 -15.19 -11.07
N ASP F 31 -3.45 -15.13 -9.74
CA ASP F 31 -3.58 -13.87 -8.99
C ASP F 31 -2.49 -13.81 -7.92
N PRO F 32 -1.26 -13.43 -8.28
CA PRO F 32 -0.11 -13.65 -7.40
C PRO F 32 0.02 -12.73 -6.19
N VAL F 33 -0.74 -11.63 -6.10
CA VAL F 33 -0.72 -10.78 -4.92
C VAL F 33 -2.09 -10.71 -4.23
N SER F 34 -2.97 -11.68 -4.53
CA SER F 34 -4.31 -11.70 -3.95
C SER F 34 -4.33 -12.27 -2.53
N ARG F 35 -3.27 -12.96 -2.09
CA ARG F 35 -3.21 -13.49 -0.74
C ARG F 35 -2.12 -12.74 0.04
N ARG F 36 -2.51 -12.08 1.13
CA ARG F 36 -1.57 -11.25 1.89
C ARG F 36 -1.61 -11.60 3.37
N PRO F 37 -1.38 -12.87 3.73
CA PRO F 37 -1.34 -13.25 5.15
C PRO F 37 -0.16 -12.64 5.90
N LEU F 38 0.86 -12.15 5.20
CA LEU F 38 2.03 -11.57 5.85
C LEU F 38 2.08 -10.06 5.71
N GLN F 39 0.94 -9.42 5.37
CA GLN F 39 0.89 -7.97 5.19
C GLN F 39 1.39 -7.27 6.45
N GLY F 40 2.26 -6.27 6.28
CA GLY F 40 2.76 -5.52 7.40
C GLY F 40 3.97 -4.67 7.05
N PRO F 41 5.10 -5.31 6.71
CA PRO F 41 5.34 -6.75 6.55
C PRO F 41 5.57 -7.52 7.86
N ARG F 42 5.04 -8.74 7.92
CA ARG F 42 5.49 -9.68 8.93
C ARG F 42 6.68 -10.46 8.38
N GLY F 43 7.52 -10.96 9.29
CA GLY F 43 8.72 -11.66 8.87
C GLY F 43 8.52 -13.14 8.64
N VAL F 44 9.37 -13.71 7.78
CA VAL F 44 9.57 -15.15 7.63
C VAL F 44 11.07 -15.40 7.62
N ALA F 45 11.55 -16.31 8.47
CA ALA F 45 12.96 -16.65 8.48
C ALA F 45 13.27 -17.68 7.40
N VAL F 46 14.30 -17.42 6.60
CA VAL F 46 14.75 -18.34 5.57
C VAL F 46 16.21 -18.66 5.88
N ILE F 47 16.47 -19.87 6.38
CA ILE F 47 17.75 -20.23 7.00
C ILE F 47 18.44 -21.32 6.17
N PHE F 48 19.73 -21.13 5.89
CA PHE F 48 20.52 -22.04 5.06
C PHE F 48 21.71 -22.58 5.85
N ASP F 49 21.72 -23.90 6.11
CA ASP F 49 22.95 -24.53 6.61
C ASP F 49 23.95 -24.75 5.48
N LYS F 50 23.48 -24.77 4.25
CA LYS F 50 24.28 -24.80 3.04
C LYS F 50 23.55 -23.92 2.05
N ASN F 51 24.25 -22.98 1.44
CA ASN F 51 23.57 -21.99 0.62
C ASN F 51 22.95 -22.63 -0.62
N SER F 52 21.82 -22.06 -1.06
CA SER F 52 21.16 -22.53 -2.27
C SER F 52 20.49 -21.29 -2.89
N THR F 53 21.13 -20.74 -3.93
CA THR F 53 20.68 -19.47 -4.51
C THR F 53 19.26 -19.60 -5.07
N ARG F 54 18.96 -20.71 -5.73
CA ARG F 54 17.65 -20.84 -6.36
C ARG F 54 16.55 -20.97 -5.31
N THR F 55 16.81 -21.73 -4.24
CA THR F 55 15.87 -21.81 -3.13
C THR F 55 15.63 -20.45 -2.50
N ARG F 56 16.72 -19.72 -2.22
CA ARG F 56 16.61 -18.41 -1.61
C ARG F 56 15.84 -17.44 -2.51
N PHE F 57 16.23 -17.37 -3.79
CA PHE F 57 15.55 -16.55 -4.79
C PHE F 57 14.04 -16.76 -4.76
N SER F 58 13.60 -18.02 -4.92
CA SER F 58 12.17 -18.30 -5.05
C SER F 58 11.41 -17.98 -3.76
N PHE F 59 11.99 -18.31 -2.60
CA PHE F 59 11.27 -18.03 -1.36
C PHE F 59 11.25 -16.53 -1.05
N GLU F 60 12.36 -15.83 -1.31
CA GLU F 60 12.42 -14.41 -1.00
C GLU F 60 11.38 -13.63 -1.77
N LEU F 61 11.27 -13.91 -3.06
CA LEU F 61 10.28 -13.22 -3.88
C LEU F 61 8.86 -13.66 -3.52
N GLY F 62 8.66 -14.97 -3.31
CA GLY F 62 7.34 -15.45 -2.91
C GLY F 62 6.83 -14.82 -1.63
N ILE F 63 7.69 -14.76 -0.60
CA ILE F 63 7.29 -14.17 0.68
C ILE F 63 6.93 -12.69 0.50
N ALA F 64 7.70 -11.96 -0.32
CA ALA F 64 7.39 -10.57 -0.59
C ALA F 64 6.00 -10.41 -1.20
N GLN F 65 5.63 -11.32 -2.11
CA GLN F 65 4.35 -11.20 -2.79
C GLN F 65 3.17 -11.58 -1.88
N LEU F 66 3.44 -12.25 -0.76
CA LEU F 66 2.45 -12.45 0.30
C LEU F 66 2.40 -11.28 1.27
N GLY F 67 3.08 -10.18 0.96
CA GLY F 67 3.11 -9.00 1.82
C GLY F 67 4.20 -9.01 2.85
N GLY F 68 5.00 -10.09 2.92
CA GLY F 68 5.96 -10.25 4.01
C GLY F 68 7.36 -9.79 3.65
N HIS F 69 8.26 -9.94 4.62
CA HIS F 69 9.68 -9.67 4.42
C HIS F 69 10.47 -10.88 4.85
N ALA F 70 11.20 -11.48 3.91
CA ALA F 70 12.02 -12.65 4.23
C ALA F 70 13.32 -12.18 4.88
N VAL F 71 13.66 -12.76 6.02
CA VAL F 71 14.96 -12.51 6.62
C VAL F 71 15.81 -13.73 6.33
N VAL F 72 16.81 -13.55 5.48
CA VAL F 72 17.65 -14.63 5.04
C VAL F 72 18.86 -14.73 5.96
N VAL F 73 19.15 -15.94 6.40
CA VAL F 73 20.30 -16.23 7.29
C VAL F 73 21.14 -17.29 6.57
N ASP F 74 22.31 -16.89 6.10
CA ASP F 74 23.12 -17.80 5.25
C ASP F 74 24.09 -18.67 6.03
N SER F 75 24.82 -19.51 5.29
CA SER F 75 25.75 -20.50 5.91
C SER F 75 26.88 -19.82 6.67
N GLY F 76 27.40 -18.72 6.13
CA GLY F 76 28.50 -17.98 6.77
C GLY F 76 28.11 -17.51 8.15
N SER F 77 26.84 -17.14 8.34
CA SER F 77 26.32 -16.68 9.66
C SER F 77 26.15 -17.88 10.57
N THR F 78 27.25 -18.55 10.94
CA THR F 78 27.22 -19.78 11.78
C THR F 78 26.26 -20.88 11.29
N GLN F 79 26.10 -21.91 12.12
CA GLN F 79 25.25 -23.05 11.76
C GLN F 79 24.32 -23.28 12.94
N LEU F 80 23.08 -23.65 12.65
CA LEU F 80 22.14 -23.80 13.78
C LEU F 80 22.60 -24.98 14.63
N GLY F 81 22.47 -24.87 15.94
CA GLY F 81 22.81 -25.93 16.87
C GLY F 81 24.26 -25.99 17.29
N ARG F 82 25.14 -25.21 16.67
CA ARG F 82 26.54 -25.18 17.10
C ARG F 82 26.66 -24.41 18.41
N ASP F 83 26.46 -23.10 18.34
CA ASP F 83 26.64 -22.20 19.47
C ASP F 83 25.39 -22.22 20.35
N GLU F 84 24.26 -21.92 19.74
CA GLU F 84 22.96 -21.82 20.39
C GLU F 84 22.19 -23.12 20.19
N THR F 85 21.45 -23.55 21.20
CA THR F 85 20.60 -24.72 21.04
C THR F 85 19.46 -24.40 20.08
N LEU F 86 19.04 -25.40 19.28
CA LEU F 86 17.83 -25.23 18.49
C LEU F 86 16.63 -24.82 19.33
N GLN F 87 16.51 -25.35 20.54
CA GLN F 87 15.36 -24.98 21.35
C GLN F 87 15.34 -23.48 21.64
N ASP F 88 16.50 -22.90 21.91
CA ASP F 88 16.57 -21.45 22.12
C ASP F 88 16.26 -20.72 20.82
N THR F 89 16.86 -21.16 19.70
CA THR F 89 16.62 -20.55 18.40
C THR F 89 15.14 -20.57 18.05
N ALA F 90 14.50 -21.72 18.24
CA ALA F 90 13.08 -21.81 17.93
C ALA F 90 12.29 -20.80 18.74
N LYS F 91 12.67 -20.57 20.00
CA LYS F 91 11.79 -19.79 20.84
C LYS F 91 11.92 -18.29 20.55
N VAL F 92 13.13 -17.79 20.25
CA VAL F 92 13.24 -16.39 19.85
C VAL F 92 12.69 -16.17 18.44
N LEU F 93 12.92 -17.10 17.51
CA LEU F 93 12.39 -16.92 16.16
C LEU F 93 10.87 -16.81 16.17
N SER F 94 10.21 -17.58 17.03
CA SER F 94 8.75 -17.54 17.11
C SER F 94 8.24 -16.18 17.57
N ARG F 95 9.10 -15.34 18.16
CA ARG F 95 8.73 -13.96 18.49
C ARG F 95 8.92 -13.01 17.32
N TYR F 96 9.79 -13.35 16.36
CA TYR F 96 10.14 -12.44 15.29
C TYR F 96 9.43 -12.72 13.97
N VAL F 97 9.08 -13.98 13.69
CA VAL F 97 8.62 -14.35 12.36
C VAL F 97 7.39 -15.24 12.48
N ASP F 98 6.64 -15.33 11.39
CA ASP F 98 5.42 -16.15 11.36
C ASP F 98 5.65 -17.55 10.79
N ALA F 99 6.82 -17.81 10.23
CA ALA F 99 7.14 -19.15 9.74
C ALA F 99 8.66 -19.26 9.62
N ILE F 100 9.13 -20.50 9.59
CA ILE F 100 10.55 -20.77 9.45
C ILE F 100 10.74 -21.72 8.27
N VAL F 101 11.54 -21.28 7.30
CA VAL F 101 11.91 -22.05 6.11
C VAL F 101 13.39 -22.41 6.26
N TRP F 102 13.71 -23.69 6.22
CA TRP F 102 15.05 -24.15 6.60
C TRP F 102 15.61 -25.13 5.57
N ARG F 103 16.81 -24.86 5.07
CA ARG F 103 17.56 -25.83 4.27
C ARG F 103 18.62 -26.43 5.18
N THR F 104 18.45 -27.70 5.55
CA THR F 104 19.47 -28.33 6.37
C THR F 104 19.82 -29.72 5.84
N PHE F 105 20.53 -30.52 6.63
CA PHE F 105 21.02 -31.78 6.11
C PHE F 105 20.17 -32.93 6.62
N GLY F 106 20.41 -33.35 7.86
CA GLY F 106 19.73 -34.50 8.41
C GLY F 106 18.29 -34.20 8.80
N GLN F 107 17.44 -35.22 8.65
CA GLN F 107 16.03 -35.03 8.92
C GLN F 107 15.74 -34.86 10.42
N GLU F 108 16.62 -35.36 11.29
CA GLU F 108 16.37 -35.22 12.72
C GLU F 108 16.43 -33.77 13.19
N ARG F 109 17.23 -32.93 12.53
CA ARG F 109 17.28 -31.51 12.88
C ARG F 109 15.95 -30.81 12.57
N LEU F 110 15.38 -31.08 11.40
CA LEU F 110 14.07 -30.55 11.07
C LEU F 110 13.02 -30.99 12.07
N ASP F 111 13.02 -32.29 12.40
CA ASP F 111 12.07 -32.82 13.38
C ASP F 111 12.23 -32.10 14.72
N ALA F 112 13.46 -31.94 15.18
CA ALA F 112 13.69 -31.28 16.47
C ALA F 112 13.15 -29.86 16.47
N MET F 113 13.39 -29.12 15.38
CA MET F 113 12.94 -27.73 15.29
C MET F 113 11.41 -27.64 15.26
N ALA F 114 10.76 -28.50 14.47
CA ALA F 114 9.31 -28.46 14.38
C ALA F 114 8.66 -28.88 15.70
N SER F 115 9.35 -29.69 16.50
CA SER F 115 8.78 -30.17 17.76
C SER F 115 8.72 -29.10 18.84
N VAL F 116 9.38 -27.95 18.68
CA VAL F 116 9.38 -26.93 19.72
C VAL F 116 8.91 -25.59 19.18
N ALA F 117 9.11 -25.34 17.88
CA ALA F 117 8.72 -24.06 17.32
C ALA F 117 7.21 -23.91 17.39
N THR F 118 6.75 -22.68 17.64
CA THR F 118 5.31 -22.41 17.68
C THR F 118 4.83 -21.70 16.42
N VAL F 119 5.60 -21.80 15.33
CA VAL F 119 5.20 -21.34 14.00
C VAL F 119 5.52 -22.48 13.03
N PRO F 120 4.88 -22.49 11.85
CA PRO F 120 5.15 -23.56 10.88
C PRO F 120 6.62 -23.61 10.47
N VAL F 121 7.14 -24.83 10.36
CA VAL F 121 8.49 -25.09 9.84
C VAL F 121 8.37 -25.78 8.49
N ILE F 122 9.10 -25.28 7.49
CA ILE F 122 9.09 -25.81 6.12
C ILE F 122 10.48 -26.31 5.77
N ASN F 123 10.57 -27.56 5.32
CA ASN F 123 11.81 -28.11 4.75
C ASN F 123 12.00 -27.56 3.34
N ALA F 124 12.87 -26.56 3.19
CA ALA F 124 13.13 -26.01 1.85
C ALA F 124 13.77 -27.04 0.92
N LEU F 125 14.56 -27.96 1.47
CA LEU F 125 15.48 -28.87 0.80
C LEU F 125 16.30 -29.57 1.87
N SER F 126 16.36 -30.91 1.86
CA SER F 126 17.20 -31.63 2.81
C SER F 126 17.89 -32.80 2.10
N ASP F 127 18.76 -33.51 2.81
CA ASP F 127 19.44 -34.64 2.19
C ASP F 127 18.45 -35.71 1.75
N GLU F 128 17.38 -35.91 2.51
CA GLU F 128 16.48 -37.03 2.25
C GLU F 128 15.26 -36.65 1.43
N PHE F 129 14.79 -35.39 1.48
CA PHE F 129 13.56 -35.02 0.78
C PHE F 129 13.73 -33.66 0.10
N HIS F 130 12.93 -33.44 -0.94
CA HIS F 130 12.87 -32.13 -1.60
C HIS F 130 11.39 -31.89 -1.87
N PRO F 131 10.59 -31.70 -0.81
CA PRO F 131 9.12 -31.78 -0.98
C PRO F 131 8.51 -30.55 -1.64
N CYS F 132 9.12 -29.37 -1.53
CA CYS F 132 8.60 -28.19 -2.23
C CYS F 132 8.75 -28.32 -3.75
N GLN F 133 9.87 -28.88 -4.21
CA GLN F 133 10.05 -29.06 -5.65
C GLN F 133 9.05 -30.05 -6.21
N VAL F 134 8.69 -31.08 -5.44
CA VAL F 134 7.70 -32.01 -5.96
C VAL F 134 6.30 -31.38 -5.99
N LEU F 135 5.97 -30.48 -5.07
CA LEU F 135 4.70 -29.76 -5.22
C LEU F 135 4.68 -28.96 -6.52
N ALA F 136 5.83 -28.36 -6.87
CA ALA F 136 5.92 -27.64 -8.14
C ALA F 136 5.77 -28.59 -9.32
N ASP F 137 6.40 -29.78 -9.25
CA ASP F 137 6.23 -30.82 -10.27
C ASP F 137 4.75 -31.20 -10.45
N LEU F 138 4.04 -31.43 -9.34
CA LEU F 138 2.64 -31.83 -9.43
C LEU F 138 1.78 -30.71 -10.03
N GLN F 139 2.03 -29.46 -9.64
CA GLN F 139 1.30 -28.35 -10.28
C GLN F 139 1.56 -28.34 -11.79
N THR F 140 2.80 -28.58 -12.20
CA THR F 140 3.12 -28.55 -13.62
C THR F 140 2.42 -29.67 -14.38
N ILE F 141 2.41 -30.88 -13.81
CA ILE F 141 1.77 -32.02 -14.46
C ILE F 141 0.27 -31.76 -14.64
N ALA F 142 -0.36 -31.23 -13.58
CA ALA F 142 -1.81 -30.97 -13.63
C ALA F 142 -2.15 -29.94 -14.69
N GLU F 143 -1.32 -28.91 -14.87
CA GLU F 143 -1.66 -27.95 -15.90
C GLU F 143 -1.39 -28.48 -17.32
N ARG F 144 -0.52 -29.48 -17.49
CA ARG F 144 -0.36 -30.12 -18.79
C ARG F 144 -1.30 -31.29 -19.01
N LYS F 145 -1.73 -31.99 -17.96
CA LYS F 145 -2.48 -33.22 -18.14
C LYS F 145 -3.82 -33.33 -17.40
N GLY F 146 -4.16 -32.37 -16.54
CA GLY F 146 -5.43 -32.43 -15.83
C GLY F 146 -5.32 -33.28 -14.57
N ALA F 147 -6.24 -34.24 -14.41
CA ALA F 147 -6.28 -35.06 -13.21
C ALA F 147 -4.96 -35.81 -13.02
N LEU F 148 -4.42 -35.77 -11.80
CA LEU F 148 -3.20 -36.51 -11.50
C LEU F 148 -3.46 -37.98 -11.25
N ARG F 149 -4.62 -38.33 -10.70
CA ARG F 149 -4.91 -39.70 -10.31
C ARG F 149 -4.77 -40.66 -11.50
N GLY F 150 -3.93 -41.67 -11.35
CA GLY F 150 -3.78 -42.68 -12.37
C GLY F 150 -2.71 -42.42 -13.42
N LEU F 151 -2.09 -41.24 -13.41
CA LEU F 151 -0.96 -41.01 -14.31
C LEU F 151 0.20 -41.93 -13.95
N ARG F 152 1.05 -42.20 -14.94
CA ARG F 152 2.23 -43.01 -14.74
C ARG F 152 3.47 -42.13 -14.89
N LEU F 153 4.24 -42.03 -13.81
CA LEU F 153 5.44 -41.21 -13.76
C LEU F 153 6.65 -42.09 -13.51
N SER F 154 7.72 -41.88 -14.28
CA SER F 154 8.97 -42.60 -14.05
C SER F 154 10.10 -41.62 -13.79
N TYR F 155 10.88 -41.88 -12.74
CA TYR F 155 12.08 -41.14 -12.42
C TYR F 155 13.30 -41.99 -12.77
N PHE F 156 14.32 -41.35 -13.36
CA PHE F 156 15.50 -42.04 -13.88
C PHE F 156 16.76 -41.47 -13.26
N GLY F 157 17.71 -42.36 -12.95
CA GLY F 157 19.04 -41.92 -12.57
C GLY F 157 19.41 -42.33 -11.16
N ASP F 158 19.79 -41.37 -10.33
CA ASP F 158 20.17 -41.65 -8.95
C ASP F 158 18.89 -41.77 -8.14
N GLY F 159 18.45 -43.01 -7.92
CA GLY F 159 17.22 -43.28 -7.22
C GLY F 159 17.31 -43.18 -5.72
N ALA F 160 18.46 -42.80 -5.18
CA ALA F 160 18.67 -42.65 -3.75
C ALA F 160 18.68 -41.20 -3.28
N ASN F 161 18.41 -40.25 -4.15
CA ASN F 161 18.53 -38.84 -3.76
C ASN F 161 17.19 -38.28 -3.30
N ASN F 162 17.19 -37.00 -2.89
CA ASN F 162 16.04 -36.40 -2.24
C ASN F 162 14.86 -36.28 -3.20
N MET F 163 15.14 -36.02 -4.48
CA MET F 163 14.08 -35.97 -5.48
C MET F 163 13.39 -37.31 -5.65
N ALA F 164 14.17 -38.39 -5.73
CA ALA F 164 13.56 -39.71 -5.90
C ALA F 164 12.64 -40.05 -4.72
N HIS F 165 13.09 -39.74 -3.51
CA HIS F 165 12.27 -40.01 -2.33
C HIS F 165 11.00 -39.16 -2.34
N SER F 166 11.10 -37.89 -2.71
CA SER F 166 9.92 -37.04 -2.68
C SER F 166 8.97 -37.37 -3.83
N LEU F 167 9.51 -37.76 -4.99
CA LEU F 167 8.60 -38.14 -6.08
C LEU F 167 7.80 -39.38 -5.71
N LEU F 168 8.43 -40.33 -5.01
CA LEU F 168 7.69 -41.47 -4.50
C LEU F 168 6.60 -41.05 -3.53
N LEU F 169 6.96 -40.29 -2.49
CA LEU F 169 5.98 -39.95 -1.46
C LEU F 169 4.96 -38.95 -1.98
N GLY F 170 5.41 -37.86 -2.62
CA GLY F 170 4.47 -36.89 -3.13
C GLY F 170 3.64 -37.44 -4.27
N GLY F 171 4.27 -38.24 -5.13
CA GLY F 171 3.55 -38.85 -6.25
C GLY F 171 2.41 -39.74 -5.82
N VAL F 172 2.68 -40.71 -4.93
CA VAL F 172 1.60 -41.62 -4.54
C VAL F 172 0.54 -40.90 -3.73
N THR F 173 0.92 -39.82 -3.01
CA THR F 173 -0.09 -39.02 -2.33
C THR F 173 -1.08 -38.43 -3.33
N ALA F 174 -0.61 -38.08 -4.53
CA ALA F 174 -1.49 -37.55 -5.57
C ALA F 174 -2.17 -38.64 -6.37
N GLY F 175 -1.97 -39.92 -6.02
CA GLY F 175 -2.57 -41.01 -6.77
C GLY F 175 -1.83 -41.40 -8.02
N ILE F 176 -0.56 -41.01 -8.15
CA ILE F 176 0.25 -41.28 -9.33
C ILE F 176 0.99 -42.61 -9.13
N HIS F 177 1.03 -43.45 -10.17
CA HIS F 177 1.82 -44.68 -10.15
C HIS F 177 3.26 -44.30 -10.43
N VAL F 178 4.13 -44.46 -9.43
CA VAL F 178 5.52 -43.97 -9.50
C VAL F 178 6.46 -45.14 -9.71
N THR F 179 7.38 -44.99 -10.66
CA THR F 179 8.47 -45.92 -10.90
C THR F 179 9.79 -45.17 -10.74
N VAL F 180 10.74 -45.79 -10.07
CA VAL F 180 12.11 -45.31 -10.00
C VAL F 180 12.98 -46.31 -10.75
N ALA F 181 13.71 -45.81 -11.76
CA ALA F 181 14.65 -46.61 -12.54
C ALA F 181 16.05 -46.13 -12.20
N ALA F 182 16.86 -47.03 -11.63
CA ALA F 182 18.15 -46.65 -11.08
C ALA F 182 19.04 -47.89 -11.03
N PRO F 183 20.38 -47.72 -11.12
CA PRO F 183 21.26 -48.86 -10.94
C PRO F 183 21.24 -49.43 -9.51
N GLU F 184 21.64 -50.68 -9.34
CA GLU F 184 21.61 -51.40 -8.04
C GLU F 184 22.15 -50.59 -6.85
N GLY F 185 23.30 -49.95 -6.98
CA GLY F 185 23.84 -49.28 -5.79
C GLY F 185 23.15 -47.97 -5.43
N PHE F 186 22.11 -47.57 -6.18
CA PHE F 186 21.50 -46.25 -5.96
C PHE F 186 19.96 -46.32 -5.98
N LEU F 187 19.39 -47.16 -5.10
CA LEU F 187 17.95 -47.38 -5.03
C LEU F 187 17.34 -46.60 -3.89
N PRO F 188 16.02 -46.36 -3.91
CA PRO F 188 15.39 -45.61 -2.81
C PRO F 188 15.64 -46.28 -1.47
N ASP F 189 15.73 -45.45 -0.45
CA ASP F 189 15.88 -45.95 0.90
C ASP F 189 14.69 -46.86 1.24
N PRO F 190 14.90 -48.06 1.76
CA PRO F 190 13.77 -48.98 2.00
C PRO F 190 12.69 -48.44 2.92
N SER F 191 13.00 -47.63 3.93
CA SER F 191 11.92 -47.16 4.79
C SER F 191 11.08 -46.10 4.07
N VAL F 192 11.70 -45.27 3.22
CA VAL F 192 10.92 -44.36 2.37
C VAL F 192 10.07 -45.14 1.40
N ARG F 193 10.63 -46.17 0.77
CA ARG F 193 9.85 -46.96 -0.18
C ARG F 193 8.62 -47.55 0.49
N ALA F 194 8.81 -48.12 1.68
CA ALA F 194 7.71 -48.71 2.44
C ALA F 194 6.66 -47.66 2.82
N ALA F 195 7.10 -46.46 3.20
CA ALA F 195 6.15 -45.39 3.49
C ALA F 195 5.34 -45.02 2.26
N ALA F 196 5.96 -45.05 1.09
CA ALA F 196 5.23 -44.71 -0.13
C ALA F 196 4.29 -45.85 -0.52
N GLU F 197 4.71 -47.10 -0.31
CA GLU F 197 3.83 -48.24 -0.57
C GLU F 197 2.57 -48.17 0.33
N ARG F 198 2.73 -47.81 1.59
CA ARG F 198 1.56 -47.72 2.46
C ARG F 198 0.65 -46.57 2.04
N ARG F 199 1.22 -45.42 1.70
CA ARG F 199 0.37 -44.28 1.30
C ARG F 199 -0.35 -44.59 -0.01
N ALA F 200 0.31 -45.32 -0.91
CA ALA F 200 -0.30 -45.67 -2.18
C ALA F 200 -1.52 -46.58 -2.01
N GLN F 201 -1.60 -47.31 -0.89
CA GLN F 201 -2.79 -48.12 -0.66
C GLN F 201 -4.04 -47.26 -0.45
N ASP F 202 -3.89 -46.02 0.05
CA ASP F 202 -5.04 -45.14 0.25
C ASP F 202 -5.48 -44.41 -1.01
N THR F 203 -4.64 -44.35 -2.04
CA THR F 203 -4.93 -43.49 -3.19
C THR F 203 -5.12 -44.23 -4.50
N GLY F 204 -5.03 -45.57 -4.52
CA GLY F 204 -5.04 -46.32 -5.76
C GLY F 204 -3.73 -46.31 -6.53
N ALA F 205 -2.67 -45.72 -5.98
CA ALA F 205 -1.40 -45.60 -6.68
C ALA F 205 -0.59 -46.88 -6.52
N SER F 206 0.70 -46.82 -6.86
CA SER F 206 1.59 -47.97 -6.72
C SER F 206 3.02 -47.47 -6.77
N VAL F 207 3.93 -48.33 -6.31
CA VAL F 207 5.37 -48.05 -6.29
C VAL F 207 6.09 -49.18 -7.01
N THR F 208 7.00 -48.83 -7.94
CA THR F 208 7.82 -49.80 -8.65
C THR F 208 9.25 -49.32 -8.65
N VAL F 209 10.18 -50.20 -8.30
CA VAL F 209 11.61 -49.91 -8.36
C VAL F 209 12.25 -50.90 -9.31
N THR F 210 13.00 -50.39 -10.30
CA THR F 210 13.56 -51.26 -11.33
C THR F 210 14.95 -50.74 -11.76
N ALA F 211 15.74 -51.64 -12.34
CA ALA F 211 17.01 -51.24 -12.93
C ALA F 211 16.94 -51.22 -14.45
N ASP F 212 15.74 -51.29 -15.02
CA ASP F 212 15.51 -51.43 -16.45
C ASP F 212 14.89 -50.11 -16.94
N ALA F 213 15.72 -49.24 -17.52
CA ALA F 213 15.24 -47.91 -17.92
C ALA F 213 14.24 -48.00 -19.05
N HIS F 214 14.45 -48.92 -20.00
CA HIS F 214 13.52 -49.04 -21.11
C HIS F 214 12.16 -49.53 -20.65
N ALA F 215 12.14 -50.46 -19.69
CA ALA F 215 10.86 -50.90 -19.12
C ALA F 215 10.17 -49.77 -18.37
N ALA F 216 10.93 -48.95 -17.65
CA ALA F 216 10.32 -47.85 -16.90
C ALA F 216 9.77 -46.76 -17.82
N ALA F 217 10.36 -46.60 -19.02
CA ALA F 217 9.89 -45.56 -19.94
C ALA F 217 8.61 -45.96 -20.65
N ALA F 218 8.44 -47.27 -20.93
CA ALA F 218 7.27 -47.74 -21.66
C ALA F 218 5.99 -47.39 -20.92
N GLY F 219 5.06 -46.75 -21.62
CA GLY F 219 3.79 -46.35 -21.05
C GLY F 219 3.82 -45.15 -20.14
N ALA F 220 4.96 -44.50 -19.95
CA ALA F 220 5.04 -43.41 -18.99
C ALA F 220 4.38 -42.15 -19.54
N ASP F 221 3.60 -41.47 -18.68
CA ASP F 221 3.05 -40.15 -18.99
C ASP F 221 4.01 -39.02 -18.64
N VAL F 222 4.88 -39.23 -17.66
CA VAL F 222 5.79 -38.21 -17.16
C VAL F 222 7.15 -38.86 -16.95
N LEU F 223 8.20 -38.23 -17.46
CA LEU F 223 9.56 -38.74 -17.31
C LEU F 223 10.37 -37.68 -16.59
N VAL F 224 11.08 -38.07 -15.53
CA VAL F 224 11.75 -37.13 -14.64
C VAL F 224 13.18 -37.60 -14.45
N THR F 225 14.10 -36.65 -14.36
CA THR F 225 15.44 -36.96 -13.88
C THR F 225 15.96 -35.76 -13.10
N ASP F 226 17.20 -35.87 -12.65
CA ASP F 226 17.83 -34.86 -11.81
C ASP F 226 19.34 -35.07 -11.96
N THR F 227 20.12 -34.12 -11.45
CA THR F 227 21.58 -34.26 -11.56
C THR F 227 22.01 -35.57 -10.93
N TRP F 228 22.99 -36.21 -11.56
CA TRP F 228 23.58 -37.43 -11.03
C TRP F 228 24.46 -37.13 -9.83
N THR F 229 25.19 -36.01 -9.89
CA THR F 229 26.09 -35.58 -8.81
C THR F 229 26.12 -34.06 -8.72
N LEU F 238 37.68 -41.51 -12.77
CA LEU F 238 37.02 -40.69 -13.77
C LEU F 238 35.49 -40.82 -13.80
N ASP F 239 34.96 -41.76 -14.59
CA ASP F 239 33.52 -41.83 -14.85
C ASP F 239 32.80 -42.41 -13.63
N ARG F 240 32.80 -41.63 -12.56
CA ARG F 240 32.01 -42.01 -11.38
C ARG F 240 30.51 -41.96 -11.65
N VAL F 241 30.06 -41.27 -12.72
CA VAL F 241 28.65 -41.22 -13.07
C VAL F 241 28.34 -42.24 -14.16
N LYS F 242 29.33 -43.08 -14.48
CA LYS F 242 29.10 -44.18 -15.43
C LYS F 242 27.91 -45.07 -15.10
N PRO F 243 27.57 -45.38 -13.83
CA PRO F 243 26.41 -46.25 -13.59
C PRO F 243 25.11 -45.65 -14.05
N PHE F 244 25.02 -44.32 -14.13
CA PHE F 244 23.78 -43.63 -14.47
C PHE F 244 23.59 -43.40 -15.96
N ARG F 245 24.64 -43.56 -16.77
CA ARG F 245 24.52 -43.23 -18.19
C ARG F 245 23.47 -44.04 -18.94
N PRO F 246 23.27 -45.34 -18.69
CA PRO F 246 22.12 -46.03 -19.32
C PRO F 246 20.77 -45.47 -18.92
N PHE F 247 20.70 -44.64 -17.88
CA PHE F 247 19.45 -44.06 -17.41
C PHE F 247 19.28 -42.62 -17.89
N GLN F 248 20.14 -42.18 -18.81
CA GLN F 248 20.05 -40.85 -19.39
C GLN F 248 18.71 -40.63 -20.06
N LEU F 249 18.08 -39.49 -19.75
CA LEU F 249 16.80 -39.13 -20.38
C LEU F 249 17.12 -38.53 -21.74
N ASN F 250 17.08 -39.38 -22.76
CA ASN F 250 17.45 -38.91 -24.10
C ASN F 250 16.28 -39.15 -25.05
N SER F 251 16.51 -38.83 -26.34
CA SER F 251 15.44 -38.92 -27.34
C SER F 251 14.99 -40.36 -27.53
N ARG F 252 15.93 -41.32 -27.50
CA ARG F 252 15.59 -42.73 -27.60
C ARG F 252 14.69 -43.16 -26.45
N LEU F 253 15.03 -42.74 -25.22
CA LEU F 253 14.20 -43.09 -24.08
C LEU F 253 12.82 -42.44 -24.18
N LEU F 254 12.77 -41.15 -24.53
CA LEU F 254 11.49 -40.46 -24.63
C LEU F 254 10.60 -41.08 -25.71
N ALA F 255 11.19 -41.60 -26.79
CA ALA F 255 10.38 -42.20 -27.83
C ALA F 255 9.76 -43.53 -27.41
N LEU F 256 10.20 -44.12 -26.30
CA LEU F 256 9.53 -45.33 -25.80
C LEU F 256 8.30 -45.02 -24.94
N ALA F 257 8.15 -43.78 -24.49
CA ALA F 257 7.06 -43.42 -23.59
C ALA F 257 5.81 -43.09 -24.41
N ASP F 258 4.74 -42.71 -23.72
CA ASP F 258 3.52 -42.28 -24.40
C ASP F 258 3.82 -41.13 -25.37
N SER F 259 3.04 -41.08 -26.46
CA SER F 259 3.28 -40.06 -27.47
C SER F 259 3.10 -38.64 -26.92
N ASP F 260 2.32 -38.47 -25.85
CA ASP F 260 2.08 -37.15 -25.27
C ASP F 260 2.82 -36.95 -23.95
N ALA F 261 3.90 -37.70 -23.71
CA ALA F 261 4.61 -37.63 -22.44
C ALA F 261 5.32 -36.28 -22.30
N ILE F 262 5.46 -35.84 -21.04
CA ILE F 262 6.19 -34.62 -20.76
C ILE F 262 7.41 -34.98 -19.91
N VAL F 263 8.37 -34.05 -19.86
CA VAL F 263 9.65 -34.28 -19.21
C VAL F 263 9.84 -33.20 -18.16
N LEU F 264 10.25 -33.61 -16.96
CA LEU F 264 10.56 -32.70 -15.85
C LEU F 264 12.00 -32.89 -15.40
N HIS F 265 12.55 -31.82 -14.84
CA HIS F 265 13.92 -31.81 -14.34
C HIS F 265 14.06 -30.56 -13.49
N CYS F 266 14.30 -30.68 -12.19
CA CYS F 266 14.46 -29.43 -11.47
C CYS F 266 15.82 -28.84 -11.78
N LEU F 267 15.83 -27.53 -11.84
CA LEU F 267 17.07 -26.90 -12.26
C LEU F 267 18.04 -26.77 -11.07
N PRO F 268 19.38 -26.88 -11.22
CA PRO F 268 20.08 -26.87 -12.51
C PRO F 268 20.15 -28.22 -13.21
N ALA F 269 20.28 -28.18 -14.53
CA ALA F 269 20.46 -29.37 -15.36
C ALA F 269 21.84 -29.37 -16.00
N HIS F 270 22.49 -30.54 -16.03
CA HIS F 270 23.79 -30.69 -16.67
C HIS F 270 23.53 -31.27 -18.07
N ARG F 271 23.42 -30.39 -19.06
CA ARG F 271 23.11 -30.83 -20.41
C ARG F 271 24.18 -31.78 -20.92
N GLY F 272 23.75 -32.89 -21.54
CA GLY F 272 24.66 -33.89 -22.01
C GLY F 272 24.93 -35.03 -21.03
N ASP F 273 24.63 -34.83 -19.75
CA ASP F 273 24.70 -35.90 -18.76
C ASP F 273 23.35 -36.58 -18.59
N GLU F 274 22.60 -36.22 -17.54
CA GLU F 274 21.34 -36.90 -17.25
C GLU F 274 20.22 -36.55 -18.22
N ILE F 275 20.37 -35.49 -19.00
CA ILE F 275 19.37 -35.10 -19.99
C ILE F 275 20.10 -34.51 -21.19
N THR F 276 19.50 -34.65 -22.37
CA THR F 276 20.11 -34.15 -23.60
C THR F 276 19.49 -32.82 -24.03
N ASP F 277 20.25 -32.06 -24.82
CA ASP F 277 19.74 -30.81 -25.39
C ASP F 277 18.43 -31.04 -26.13
N ALA F 278 18.37 -32.11 -26.94
CA ALA F 278 17.18 -32.37 -27.74
C ALA F 278 15.94 -32.54 -26.88
N VAL F 279 16.07 -33.23 -25.74
CA VAL F 279 14.91 -33.46 -24.89
C VAL F 279 14.55 -32.20 -24.13
N MET F 280 15.54 -31.53 -23.57
CA MET F 280 15.25 -30.40 -22.70
C MET F 280 14.74 -29.20 -23.52
N ASP F 281 15.10 -29.11 -24.80
CA ASP F 281 14.65 -28.02 -25.64
C ASP F 281 13.49 -28.40 -26.56
N GLY F 282 13.04 -29.65 -26.52
CA GLY F 282 12.03 -30.14 -27.44
C GLY F 282 10.63 -29.92 -26.90
N PRO F 283 9.62 -30.38 -27.64
CA PRO F 283 8.22 -30.05 -27.28
C PRO F 283 7.67 -30.83 -26.09
N ALA F 284 8.36 -31.88 -25.64
CA ALA F 284 7.91 -32.59 -24.45
C ALA F 284 8.36 -31.91 -23.17
N SER F 285 9.33 -30.99 -23.25
CA SER F 285 9.94 -30.42 -22.06
C SER F 285 8.93 -29.50 -21.35
N ALA F 286 8.76 -29.72 -20.05
CA ALA F 286 8.01 -28.82 -19.18
C ALA F 286 8.91 -28.15 -18.15
N VAL F 287 10.24 -28.15 -18.37
CA VAL F 287 11.15 -27.77 -17.30
C VAL F 287 11.06 -26.28 -16.98
N TRP F 288 10.70 -25.43 -17.96
CA TRP F 288 10.61 -24.00 -17.69
C TRP F 288 9.36 -23.65 -16.90
N ASP F 289 8.21 -24.23 -17.25
CA ASP F 289 7.00 -24.05 -16.44
C ASP F 289 7.21 -24.62 -15.04
N GLU F 290 7.91 -25.77 -14.97
CA GLU F 290 8.24 -26.39 -13.69
C GLU F 290 9.09 -25.49 -12.80
N ALA F 291 10.09 -24.82 -13.38
CA ALA F 291 10.92 -23.92 -12.58
C ALA F 291 10.09 -22.74 -12.07
N GLU F 292 9.29 -22.14 -12.94
CA GLU F 292 8.41 -21.04 -12.52
C GLU F 292 7.46 -21.46 -11.41
N ASN F 293 6.92 -22.68 -11.48
CA ASN F 293 5.89 -23.09 -10.53
C ASN F 293 6.45 -23.32 -9.12
N ARG F 294 7.77 -23.39 -8.96
CA ARG F 294 8.34 -23.43 -7.61
C ARG F 294 7.90 -22.21 -6.81
N LEU F 295 7.86 -21.04 -7.46
CA LEU F 295 7.39 -19.81 -6.82
C LEU F 295 5.97 -19.96 -6.33
N HIS F 296 5.07 -20.42 -7.22
CA HIS F 296 3.64 -20.51 -6.90
C HIS F 296 3.35 -21.60 -5.87
N ALA F 297 3.97 -22.78 -6.03
CA ALA F 297 3.70 -23.88 -5.09
C ALA F 297 4.22 -23.55 -3.69
N GLN F 298 5.37 -22.88 -3.59
CA GLN F 298 5.89 -22.54 -2.26
C GLN F 298 5.04 -21.46 -1.60
N LYS F 299 4.54 -20.49 -2.38
CA LYS F 299 3.63 -19.50 -1.82
C LYS F 299 2.36 -20.16 -1.32
N ALA F 300 1.80 -21.10 -2.09
CA ALA F 300 0.61 -21.80 -1.67
C ALA F 300 0.85 -22.57 -0.39
N LEU F 301 2.00 -23.24 -0.28
CA LEU F 301 2.33 -24.00 0.92
C LEU F 301 2.37 -23.08 2.14
N LEU F 302 3.02 -21.91 2.00
CA LEU F 302 3.10 -20.97 3.13
C LEU F 302 1.70 -20.45 3.50
N VAL F 303 0.89 -20.07 2.51
CA VAL F 303 -0.46 -19.58 2.81
C VAL F 303 -1.27 -20.65 3.55
N TRP F 304 -1.22 -21.88 3.06
CA TRP F 304 -2.01 -22.96 3.66
C TRP F 304 -1.57 -23.24 5.08
N LEU F 305 -0.26 -23.38 5.29
CA LEU F 305 0.27 -23.63 6.63
C LEU F 305 -0.04 -22.49 7.60
N LEU F 306 0.10 -21.25 7.13
CA LEU F 306 -0.21 -20.11 8.00
C LEU F 306 -1.67 -20.10 8.38
N GLU F 307 -2.57 -20.45 7.45
CA GLU F 307 -3.98 -20.38 7.86
C GLU F 307 -4.37 -21.55 8.73
N ARG F 308 -3.69 -22.70 8.58
CA ARG F 308 -4.03 -23.89 9.35
C ARG F 308 -3.36 -23.92 10.72
N SER F 309 -2.48 -22.97 11.00
CA SER F 309 -1.81 -22.91 12.27
C SER F 309 -2.34 -21.71 13.07
B02 UK2 G . -29.60 1.14 -12.74
C03 UK2 G . -28.67 2.36 -13.21
C04 UK2 G . -29.16 3.39 -13.98
C05 UK2 G . -28.32 4.44 -14.37
C06 UK2 G . -26.99 4.46 -14.00
C07 UK2 G . -26.13 5.65 -14.45
C08 UK2 G . -26.48 3.41 -13.23
C12 UK2 G . -27.34 2.38 -12.84
N09 UK2 G . -25.10 3.27 -12.75
O01 UK2 G . -29.06 0.06 -12.16
O10 UK2 G . -24.83 2.12 -12.01
O11 UK2 G . -24.25 4.06 -12.92
O13 UK2 G . -30.93 1.13 -12.99
P PO4 H . -40.58 -9.36 28.59
O1 PO4 H . -42.04 -9.71 28.40
O2 PO4 H . -40.41 -7.87 28.39
O3 PO4 H . -39.74 -10.11 27.59
O4 PO4 H . -40.10 -9.69 30.00
P PO4 I . -32.96 -0.62 5.63
O1 PO4 I . -33.12 0.89 5.58
O2 PO4 I . -33.60 -1.24 4.41
O3 PO4 I . -33.64 -1.14 6.89
O4 PO4 I . -31.47 -0.96 5.68
P PO4 J . -11.36 5.30 -0.53
O1 PO4 J . -12.74 5.92 -0.63
O2 PO4 J . -10.33 6.41 -0.65
O3 PO4 J . -11.18 4.30 -1.67
O4 PO4 J . -11.21 4.58 0.79
B02 UK2 K . -24.00 3.56 -17.85
C03 UK2 K . -22.63 4.07 -17.25
C04 UK2 K . -22.21 3.67 -15.99
C05 UK2 K . -20.99 4.13 -15.48
C06 UK2 K . -20.22 5.00 -16.23
C07 UK2 K . -18.90 5.48 -15.61
C08 UK2 K . -20.65 5.40 -17.49
C12 UK2 K . -21.86 4.93 -17.99
N09 UK2 K . -19.94 6.32 -18.37
O01 UK2 K . -24.64 4.34 -18.74
O10 UK2 K . -19.00 7.25 -17.89
O11 UK2 K . -20.20 6.30 -19.51
O13 UK2 K . -24.72 2.70 -17.13
B02 UK2 L . -27.03 0.00 13.26
C03 UK2 L . -25.99 -0.45 12.16
C04 UK2 L . -24.96 0.41 11.79
C05 UK2 L . -24.03 0.04 10.83
C06 UK2 L . -24.13 -1.22 10.24
C07 UK2 L . -23.09 -1.60 9.18
C08 UK2 L . -25.16 -2.07 10.62
C12 UK2 L . -26.08 -1.69 11.59
N09 UK2 L . -25.35 -3.40 10.07
O01 UK2 L . -27.01 1.27 13.69
O10 UK2 L . -25.76 -4.41 10.93
O11 UK2 L . -25.21 -3.65 8.92
O13 UK2 L . -28.10 -0.78 13.52
P PO4 M . -12.53 49.22 5.91
O1 PO4 M . -13.37 48.70 4.78
O2 PO4 M . -13.37 50.11 6.81
O3 PO4 M . -11.36 50.02 5.37
O4 PO4 M . -12.01 48.03 6.69
B02 UK2 N . -14.18 26.76 1.45
C03 UK2 N . -13.67 25.41 2.08
C04 UK2 N . -13.52 24.26 1.32
C05 UK2 N . -13.07 23.09 1.91
C06 UK2 N . -12.76 23.04 3.25
C07 UK2 N . -12.27 21.69 3.81
C08 UK2 N . -12.92 24.20 4.01
C12 UK2 N . -13.36 25.37 3.42
N09 UK2 N . -12.64 24.33 5.43
O01 UK2 N . -14.43 27.79 2.27
O10 UK2 N . -12.52 25.63 5.94
O11 UK2 N . -12.57 23.41 6.16
O13 UK2 N . -14.59 26.82 0.17
P PO4 O . -25.53 13.67 -17.45
O1 PO4 O . -26.72 12.86 -17.94
O2 PO4 O . -24.49 12.71 -16.89
O3 PO4 O . -25.99 14.66 -16.40
O4 PO4 O . -24.93 14.45 -18.61
B02 UK2 P . 29.78 6.20 -1.74
C03 UK2 P . 28.43 5.72 -2.39
C04 UK2 P . 27.41 5.13 -1.63
C05 UK2 P . 26.23 4.73 -2.25
C06 UK2 P . 26.06 4.92 -3.62
C07 UK2 P . 24.73 4.46 -4.23
C08 UK2 P . 27.08 5.52 -4.38
C12 UK2 P . 28.25 5.92 -3.74
N09 UK2 P . 27.06 5.77 -5.81
O01 UK2 P . 30.82 6.51 -2.53
O10 UK2 P . 27.91 6.75 -6.32
O11 UK2 P . 26.41 5.15 -6.56
O13 UK2 P . 30.02 5.92 -0.46
P PO4 Q . 45.45 21.70 -7.05
O1 PO4 Q . 44.18 21.38 -7.81
O2 PO4 Q . 45.65 20.74 -5.91
O3 PO4 Q . 45.35 23.11 -6.52
O4 PO4 Q . 46.63 21.56 -7.99
P PO4 R . 33.00 -0.63 -8.41
O1 PO4 R . 31.60 -0.26 -8.01
O2 PO4 R . 33.19 -2.14 -8.32
O3 PO4 R . 33.97 0.06 -7.46
O4 PO4 R . 33.29 -0.18 -9.82
B02 UK2 S . 18.13 -20.82 -12.78
C03 UK2 S . 17.10 -20.36 -11.70
C04 UK2 S . 17.08 -19.06 -11.21
C05 UK2 S . 16.15 -18.70 -10.24
C06 UK2 S . 15.26 -19.66 -9.76
C07 UK2 S . 14.24 -19.27 -8.68
C08 UK2 S . 15.31 -20.95 -10.25
C12 UK2 S . 16.23 -21.31 -11.22
N09 UK2 S . 14.40 -21.99 -9.80
O01 UK2 S . 18.99 -19.94 -13.30
O10 UK2 S . 14.08 -22.12 -8.44
O11 UK2 S . 13.97 -22.76 -10.59
O13 UK2 S . 18.33 -22.14 -12.96
P PO4 T . 21.83 -23.53 39.57
O1 PO4 T . 21.20 -22.22 39.21
O2 PO4 T . 20.91 -24.22 40.58
O3 PO4 T . 23.17 -23.29 40.25
O4 PO4 T . 22.02 -24.41 38.36
P PO4 U . 27.01 -10.44 17.95
O1 PO4 U . 25.65 -10.39 17.29
O2 PO4 U . 26.91 -11.43 19.10
O3 PO4 U . 27.41 -9.10 18.50
O4 PO4 U . 28.07 -10.85 16.94
B02 UK2 V . 18.46 -15.95 18.16
C03 UK2 V . 17.94 -14.59 17.55
C04 UK2 V . 17.39 -14.47 16.28
C05 UK2 V . 16.97 -13.21 15.84
C06 UK2 V . 17.06 -12.10 16.66
C07 UK2 V . 16.58 -10.74 16.15
C08 UK2 V . 17.60 -12.24 17.94
C12 UK2 V . 18.03 -13.48 18.36
N09 UK2 V . 17.78 -11.19 18.90
O01 UK2 V . 18.42 -17.07 17.42
O10 UK2 V . 17.71 -11.54 20.26
O11 UK2 V . 18.05 -10.08 18.61
O13 UK2 V . 19.23 -15.89 19.28
B02 UK2 W . 18.91 -16.99 13.46
C03 UK2 W . 20.16 -17.59 14.18
C04 UK2 W . 20.02 -18.70 14.99
C05 UK2 W . 21.11 -19.26 15.63
C06 UK2 W . 22.35 -18.69 15.47
C07 UK2 W . 23.57 -19.32 16.20
C08 UK2 W . 22.50 -17.57 14.66
C12 UK2 W . 21.41 -17.02 14.02
N09 UK2 W . 23.79 -16.95 14.48
O01 UK2 W . 18.96 -15.69 13.12
O10 UK2 W . 24.70 -17.55 13.59
O11 UK2 W . 24.08 -15.97 15.05
O13 UK2 W . 18.20 -17.81 12.68
#